data_8VHZ
#
_entry.id   8VHZ
#
_cell.length_a   1.00
_cell.length_b   1.00
_cell.length_c   1.00
_cell.angle_alpha   90.00
_cell.angle_beta   90.00
_cell.angle_gamma   90.00
#
_symmetry.space_group_name_H-M   'P 1'
#
_entity_poly.entity_id   1
_entity_poly.type   'polypeptide(L)'
_entity_poly.pdbx_seq_one_letter_code
;MEASAGMVAGSHKRNELVRIRHDSSDSGSKPLKSLNGQICQICGDTVGLTATGDVFVACNECAFPVCRPCYEYERKDGNQ
SCPQCKTRYKRHRGSPRVEGDEDEDDSDDIENEFNYAQGKAKARRQWEDDADLSSSSRRESQQPIPLLTNGQTMSGEIPC
ATPDTQSVRTTSGPLGPSEKVHSLPYVDPRQPVPVRIVDPSKDLNSYGLGNVDWKERVEGWKLKQEKNMVQMTGRYTEGK
GGDVEGTGSNGEELQMVDDARQPMSRVVPIPSSQLTPYRVVIILRLIILGFFLQYRVTHPVKDAYPLWLTSVICEIWFAL
SWLLDQFPKWSPINRETYLERLALRYDREGEPSQLDPVDVFVSTVDPLKEPPLVTANTVLSILSVDYPVDKVSCYVSDDG
SAMLTFEALSETAEFAKKWVPFCKKHNIEPRAPEFYFAQKIDYLKDKIQPSFVKERRAMKREYEEFKVRINALVAKAQKM
PEEGWTMQDGTAWPGNNPRDHPGMIQVFLGHSGGLDTDGNELPRLVYVSREKRPGFQHHKKAGAMNALIRVSAVLTNGAY
LLNVDCDHYFNNSKALKEAMCFMMDPVIGKKTCYVQFPQRFDGIDLHDRYANRNIVFFDINMKGQDGVQGPVYVGTGCCF
NRQALYGYDPVLTEEDLEPNIIVKSCWGSRKKGKGGNKKYSDKKKAMGRTESTVPIFNMEDIEEGVEGYDDERTLLMSQK
SLEKRFGQSPVFIAATFMEQGGIPPSTNPATLLKEAIHVISCGYEDKTEWGKEIGWIYGSVTEDILTGFKMHARGWISIY
CMPPRPAFKGSAPINLSDRLNQVLRWALGSIEIFLSRHCPLWYGYNGKLKPLMRLAYINTIVYPFTSIPLIAYCTLPAFC
LLTNKFIIPEISNFASMWFILLFVSIFTTSILELRWSGVSIEDWWRNEQFWVIGGTSAHLFAVFQGLLKVLAGIDTNFTV
TSKASDEDGDFAELYVFKWTSLLIPPTTVLIVNLVGIVAGVSYAINSGYQSWGPLFGKLFFAIWVIAHLYPFLKGLLGRQ
NRTPTIVIVWSVLLASIFSLLWVRIDPFTSDSNKLTNGQCGINC
;
_entity_poly.pdbx_strand_id   A,B,C
#
# COMPACT_ATOMS: atom_id res chain seq x y z
N ARG A 261 30.79 38.74 16.22
CA ARG A 261 30.27 40.01 15.73
C ARG A 261 29.42 39.81 14.48
N GLN A 262 29.54 38.63 13.87
CA GLN A 262 28.73 38.31 12.72
C GLN A 262 27.26 38.17 13.11
N PRO A 263 26.34 38.46 12.20
CA PRO A 263 24.92 38.39 12.54
C PRO A 263 24.51 36.99 12.96
N MET A 264 23.65 36.91 13.97
CA MET A 264 23.18 35.62 14.46
C MET A 264 22.36 34.89 13.42
N SER A 265 21.46 35.61 12.74
CA SER A 265 20.63 35.06 11.69
C SER A 265 20.73 35.94 10.45
N ARG A 266 20.52 35.33 9.28
CA ARG A 266 20.67 36.02 8.02
C ARG A 266 19.36 35.98 7.24
N VAL A 267 19.03 37.10 6.61
CA VAL A 267 17.85 37.20 5.75
C VAL A 267 18.31 37.00 4.31
N VAL A 268 17.73 36.00 3.64
CA VAL A 268 18.09 35.64 2.27
C VAL A 268 16.93 36.05 1.37
N PRO A 269 17.08 37.09 0.55
CA PRO A 269 16.03 37.40 -0.43
C PRO A 269 15.93 36.33 -1.49
N ILE A 270 14.72 36.17 -2.03
CA ILE A 270 14.55 35.19 -3.12
C ILE A 270 15.37 35.65 -4.31
N PRO A 271 16.06 34.74 -5.01
CA PRO A 271 16.89 35.16 -6.16
C PRO A 271 16.06 35.86 -7.22
N SER A 272 16.65 36.87 -7.85
CA SER A 272 15.95 37.65 -8.87
C SER A 272 15.57 36.82 -10.08
N SER A 273 16.27 35.71 -10.32
CA SER A 273 15.96 34.87 -11.47
C SER A 273 14.52 34.35 -11.42
N GLN A 274 14.03 34.05 -10.22
CA GLN A 274 12.64 33.62 -10.05
C GLN A 274 11.72 34.78 -9.70
N LEU A 275 12.25 35.81 -9.02
CA LEU A 275 11.39 36.89 -8.54
C LEU A 275 10.96 37.82 -9.66
N THR A 276 11.88 38.16 -10.57
CA THR A 276 11.56 39.12 -11.63
C THR A 276 10.45 38.62 -12.56
N PRO A 277 10.50 37.40 -13.10
CA PRO A 277 9.37 36.94 -13.92
C PRO A 277 8.05 36.93 -13.19
N TYR A 278 8.08 36.71 -11.87
CA TYR A 278 6.85 36.73 -11.07
C TYR A 278 6.18 38.11 -11.15
N ARG A 279 6.98 39.18 -11.00
CA ARG A 279 6.42 40.52 -11.10
C ARG A 279 6.01 40.84 -12.53
N VAL A 280 6.74 40.33 -13.52
CA VAL A 280 6.39 40.58 -14.91
C VAL A 280 5.03 39.98 -15.23
N VAL A 281 4.80 38.73 -14.82
CA VAL A 281 3.49 38.11 -15.10
C VAL A 281 2.40 38.77 -14.24
N ILE A 282 2.76 39.32 -13.08
CA ILE A 282 1.77 40.02 -12.27
C ILE A 282 1.29 41.28 -12.98
N ILE A 283 2.21 42.10 -13.47
CA ILE A 283 1.82 43.33 -14.15
C ILE A 283 1.12 43.00 -15.47
N LEU A 284 1.55 41.93 -16.14
CA LEU A 284 0.84 41.50 -17.34
C LEU A 284 -0.59 41.07 -17.02
N ARG A 285 -0.78 40.39 -15.89
CA ARG A 285 -2.13 40.08 -15.43
C ARG A 285 -2.95 41.35 -15.23
N LEU A 286 -2.36 42.37 -14.61
CA LEU A 286 -3.10 43.60 -14.35
C LEU A 286 -3.54 44.25 -15.66
N ILE A 287 -2.64 44.32 -16.64
CA ILE A 287 -2.98 44.97 -17.91
C ILE A 287 -4.05 44.18 -18.66
N ILE A 288 -3.91 42.86 -18.72
CA ILE A 288 -4.86 42.06 -19.49
C ILE A 288 -6.15 41.76 -18.72
N LEU A 289 -6.20 42.07 -17.42
CA LEU A 289 -7.44 41.94 -16.67
C LEU A 289 -8.20 43.25 -16.58
N GLY A 290 -7.53 44.38 -16.75
CA GLY A 290 -8.24 45.64 -16.87
C GLY A 290 -8.85 45.89 -18.22
N PHE A 291 -8.62 45.00 -19.19
CA PHE A 291 -9.21 45.10 -20.52
C PHE A 291 -10.28 44.07 -20.79
N PHE A 292 -10.23 42.91 -20.11
CA PHE A 292 -11.30 41.93 -20.23
C PHE A 292 -12.62 42.50 -19.75
N LEU A 293 -12.59 43.27 -18.66
CA LEU A 293 -13.82 43.89 -18.15
C LEU A 293 -14.38 44.87 -19.16
N GLN A 294 -13.53 45.67 -19.80
CA GLN A 294 -14.00 46.61 -20.81
C GLN A 294 -14.61 45.87 -21.99
N TYR A 295 -13.94 44.82 -22.47
CA TYR A 295 -14.46 44.06 -23.60
C TYR A 295 -15.77 43.39 -23.26
N ARG A 296 -15.94 42.91 -22.02
CA ARG A 296 -17.16 42.27 -21.59
C ARG A 296 -18.26 43.27 -21.24
N VAL A 297 -17.90 44.54 -21.03
CA VAL A 297 -18.92 45.58 -20.84
C VAL A 297 -19.44 46.06 -22.19
N THR A 298 -18.58 46.14 -23.20
CA THR A 298 -18.99 46.60 -24.52
C THR A 298 -19.78 45.56 -25.30
N HIS A 299 -19.96 44.35 -24.77
CA HIS A 299 -20.68 43.27 -25.44
C HIS A 299 -21.75 42.71 -24.51
N PRO A 300 -22.83 43.46 -24.29
CA PRO A 300 -23.94 42.91 -23.49
C PRO A 300 -24.83 42.01 -24.33
N VAL A 301 -25.46 41.05 -23.67
CA VAL A 301 -26.36 40.11 -24.32
C VAL A 301 -27.78 40.64 -24.19
N LYS A 302 -28.45 40.83 -25.34
CA LYS A 302 -29.80 41.37 -25.35
C LYS A 302 -30.86 40.33 -25.01
N ASP A 303 -30.53 39.04 -25.04
CA ASP A 303 -31.47 37.99 -24.70
C ASP A 303 -31.22 37.38 -23.33
N ALA A 304 -30.09 37.66 -22.72
CA ALA A 304 -29.74 37.17 -21.38
C ALA A 304 -29.17 38.30 -20.53
N TYR A 305 -29.89 39.44 -20.54
CA TYR A 305 -29.38 40.64 -19.86
C TYR A 305 -29.18 40.44 -18.36
N PRO A 306 -30.14 39.93 -17.58
CA PRO A 306 -29.85 39.69 -16.16
C PRO A 306 -28.74 38.68 -15.95
N LEU A 307 -28.68 37.64 -16.80
CA LEU A 307 -27.62 36.66 -16.69
C LEU A 307 -26.27 37.27 -17.02
N TRP A 308 -26.22 38.14 -18.03
CA TRP A 308 -24.99 38.84 -18.36
C TRP A 308 -24.53 39.72 -17.20
N LEU A 309 -25.48 40.40 -16.56
CA LEU A 309 -25.15 41.24 -15.41
C LEU A 309 -24.60 40.39 -14.25
N THR A 310 -25.22 39.24 -14.00
CA THR A 310 -24.72 38.37 -12.94
C THR A 310 -23.30 37.91 -13.23
N SER A 311 -23.03 37.52 -14.48
CA SER A 311 -21.70 37.05 -14.83
C SER A 311 -20.65 38.16 -14.68
N VAL A 312 -20.97 39.37 -15.14
CA VAL A 312 -19.99 40.44 -15.07
C VAL A 312 -19.74 40.86 -13.62
N ILE A 313 -20.78 40.83 -12.78
CA ILE A 313 -20.60 41.14 -11.36
C ILE A 313 -19.68 40.11 -10.71
N CYS A 314 -19.90 38.83 -11.01
CA CYS A 314 -19.03 37.79 -10.46
C CYS A 314 -17.59 37.97 -10.91
N GLU A 315 -17.38 38.31 -12.19
CA GLU A 315 -16.03 38.50 -12.69
C GLU A 315 -15.36 39.69 -12.03
N ILE A 316 -16.10 40.77 -11.81
CA ILE A 316 -15.53 41.94 -11.13
C ILE A 316 -15.07 41.56 -9.72
N TRP A 317 -15.92 40.84 -8.99
CA TRP A 317 -15.57 40.45 -7.63
C TRP A 317 -14.35 39.54 -7.61
N PHE A 318 -14.30 38.57 -8.54
CA PHE A 318 -13.15 37.67 -8.59
C PHE A 318 -11.86 38.43 -8.91
N ALA A 319 -11.93 39.39 -9.84
CA ALA A 319 -10.75 40.17 -10.17
C ALA A 319 -10.26 40.97 -8.97
N LEU A 320 -11.18 41.60 -8.25
CA LEU A 320 -10.80 42.35 -7.05
C LEU A 320 -10.18 41.45 -6.00
N SER A 321 -10.73 40.24 -5.82
CA SER A 321 -10.16 39.30 -4.88
C SER A 321 -8.74 38.90 -5.28
N TRP A 322 -8.53 38.63 -6.57
CA TRP A 322 -7.18 38.26 -7.02
C TRP A 322 -6.19 39.39 -6.79
N LEU A 323 -6.60 40.64 -7.07
CA LEU A 323 -5.70 41.77 -6.89
C LEU A 323 -5.30 41.94 -5.43
N LEU A 324 -6.29 41.97 -4.53
CA LEU A 324 -6.00 42.15 -3.12
C LEU A 324 -5.30 40.94 -2.50
N ASP A 325 -5.34 39.79 -3.15
CA ASP A 325 -4.62 38.62 -2.66
C ASP A 325 -3.18 38.57 -3.16
N GLN A 326 -2.93 39.02 -4.38
CA GLN A 326 -1.59 38.96 -4.95
C GLN A 326 -0.72 40.14 -4.57
N PHE A 327 -1.30 41.25 -4.13
CA PHE A 327 -0.48 42.38 -3.67
C PHE A 327 0.43 42.04 -2.50
N PRO A 328 -0.01 41.36 -1.44
CA PRO A 328 0.91 41.09 -0.32
C PRO A 328 2.10 40.23 -0.69
N LYS A 329 1.99 39.36 -1.70
CA LYS A 329 3.03 38.42 -2.04
C LYS A 329 4.05 38.98 -3.03
N TRP A 330 4.22 40.31 -3.07
CA TRP A 330 5.07 40.92 -4.08
C TRP A 330 6.56 40.66 -3.81
N SER A 331 7.00 40.79 -2.56
CA SER A 331 8.41 40.70 -2.20
C SER A 331 8.62 39.71 -1.07
N PRO A 332 8.63 38.41 -1.38
CA PRO A 332 8.92 37.41 -0.35
C PRO A 332 10.40 37.31 -0.04
N ILE A 333 10.69 36.79 1.16
CA ILE A 333 12.05 36.60 1.64
C ILE A 333 12.13 35.28 2.41
N ASN A 334 13.34 34.90 2.79
CA ASN A 334 13.58 33.71 3.60
C ASN A 334 14.56 34.07 4.71
N ARG A 335 14.63 33.20 5.72
CA ARG A 335 15.50 33.41 6.87
C ARG A 335 16.28 32.15 7.19
N GLU A 336 17.54 32.34 7.56
CA GLU A 336 18.44 31.24 7.92
C GLU A 336 19.05 31.52 9.29
N THR A 337 19.26 30.45 10.05
CA THR A 337 19.80 30.54 11.40
C THR A 337 21.11 29.78 11.51
N TYR A 338 21.98 30.25 12.39
CA TYR A 338 23.28 29.65 12.63
C TYR A 338 23.37 29.30 14.12
N LEU A 339 23.09 28.03 14.44
CA LEU A 339 23.12 27.62 15.84
C LEU A 339 24.55 27.58 16.40
N GLU A 340 25.55 27.44 15.53
CA GLU A 340 26.94 27.44 15.99
C GLU A 340 27.30 28.79 16.60
N ARG A 341 26.82 29.88 16.00
CA ARG A 341 27.07 31.21 16.56
C ARG A 341 26.36 31.37 17.91
N LEU A 342 25.18 30.77 18.05
CA LEU A 342 24.51 30.78 19.35
C LEU A 342 25.33 30.04 20.40
N ALA A 343 25.90 28.89 20.05
CA ALA A 343 26.73 28.16 20.98
C ALA A 343 28.00 28.93 21.33
N LEU A 344 28.59 29.60 20.34
CA LEU A 344 29.84 30.33 20.59
C LEU A 344 29.61 31.60 21.40
N ARG A 345 28.47 32.27 21.20
CA ARG A 345 28.24 33.57 21.82
C ARG A 345 27.69 33.46 23.24
N TYR A 346 26.59 32.72 23.41
CA TYR A 346 25.90 32.64 24.69
C TYR A 346 26.00 31.28 25.36
N ASP A 347 25.82 30.20 24.61
CA ASP A 347 25.83 28.86 25.18
C ASP A 347 27.27 28.32 25.23
N ARG A 348 28.11 29.06 25.95
CA ARG A 348 29.52 28.69 26.08
C ARG A 348 29.66 27.45 26.97
N GLU A 349 30.76 26.73 26.75
CA GLU A 349 31.08 25.54 27.53
C GLU A 349 31.88 25.92 28.77
N GLY A 350 31.66 25.16 29.85
CA GLY A 350 32.35 25.44 31.10
C GLY A 350 31.97 26.77 31.72
N GLU A 351 30.70 27.16 31.58
CA GLU A 351 30.19 28.42 32.11
C GLU A 351 28.67 28.39 32.12
N PRO A 352 28.02 28.94 33.14
CA PRO A 352 26.55 28.99 33.13
C PRO A 352 26.03 29.75 31.92
N SER A 353 24.96 29.25 31.34
CA SER A 353 24.41 29.83 30.13
C SER A 353 23.74 31.17 30.43
N GLN A 354 23.78 32.07 29.44
CA GLN A 354 23.15 33.37 29.52
C GLN A 354 21.80 33.40 28.80
N LEU A 355 21.27 32.24 28.42
CA LEU A 355 20.01 32.19 27.69
C LEU A 355 18.87 32.70 28.56
N ASP A 356 17.97 33.47 27.95
CA ASP A 356 16.85 34.03 28.69
C ASP A 356 15.85 32.93 29.05
N PRO A 357 15.19 33.04 30.20
CA PRO A 357 14.19 32.03 30.59
C PRO A 357 13.02 32.00 29.63
N VAL A 358 12.48 30.80 29.43
CA VAL A 358 11.35 30.57 28.52
C VAL A 358 10.28 29.79 29.27
N ASP A 359 9.02 30.15 29.03
CA ASP A 359 7.88 29.45 29.61
C ASP A 359 7.01 28.90 28.50
N VAL A 360 6.64 27.63 28.60
CA VAL A 360 5.85 26.94 27.59
C VAL A 360 4.44 26.72 28.14
N PHE A 361 3.43 27.19 27.42
CA PHE A 361 2.04 27.16 27.86
C PHE A 361 1.29 26.07 27.13
N VAL A 362 0.60 25.21 27.88
CA VAL A 362 -0.25 24.16 27.34
C VAL A 362 -1.64 24.33 27.95
N SER A 363 -2.66 24.23 27.10
CA SER A 363 -4.04 24.43 27.53
C SER A 363 -4.89 23.21 27.16
N THR A 364 -5.67 22.73 28.12
CA THR A 364 -6.61 21.64 27.90
C THR A 364 -7.93 21.99 28.60
N VAL A 365 -9.02 21.44 28.07
CA VAL A 365 -10.36 21.73 28.59
C VAL A 365 -11.09 20.47 29.05
N ASP A 366 -10.99 19.37 28.29
CA ASP A 366 -11.76 18.18 28.61
C ASP A 366 -10.95 16.92 28.34
N PRO A 367 -10.64 16.12 29.37
CA PRO A 367 -9.91 14.87 29.12
C PRO A 367 -10.76 13.80 28.46
N LEU A 368 -12.08 13.91 28.50
CA LEU A 368 -12.93 12.89 27.90
C LEU A 368 -12.83 12.92 26.38
N LYS A 369 -13.00 14.11 25.78
CA LYS A 369 -12.92 14.21 24.34
C LYS A 369 -11.47 14.16 23.87
N GLU A 370 -10.56 14.79 24.62
CA GLU A 370 -9.14 14.78 24.29
C GLU A 370 -8.44 13.81 25.21
N PRO A 371 -7.95 12.68 24.72
CA PRO A 371 -7.36 11.65 25.59
C PRO A 371 -6.13 12.17 26.30
N PRO A 372 -5.91 11.74 27.55
CA PRO A 372 -4.71 12.18 28.28
C PRO A 372 -3.41 11.69 27.67
N LEU A 373 -3.45 10.66 26.82
CA LEU A 373 -2.22 10.11 26.26
C LEU A 373 -1.50 11.14 25.38
N VAL A 374 -2.24 11.85 24.53
CA VAL A 374 -1.60 12.83 23.68
C VAL A 374 -1.11 14.02 24.50
N THR A 375 -1.87 14.41 25.53
CA THR A 375 -1.42 15.47 26.42
C THR A 375 -0.17 15.05 27.17
N ALA A 376 -0.12 13.80 27.64
CA ALA A 376 1.07 13.30 28.31
C ALA A 376 2.27 13.29 27.36
N ASN A 377 2.06 12.89 26.10
CA ASN A 377 3.14 12.91 25.13
C ASN A 377 3.64 14.32 24.88
N THR A 378 2.72 15.29 24.78
CA THR A 378 3.13 16.67 24.59
C THR A 378 3.93 17.18 25.79
N VAL A 379 3.50 16.85 27.01
CA VAL A 379 4.23 17.27 28.20
C VAL A 379 5.62 16.64 28.22
N LEU A 380 5.71 15.35 27.90
CA LEU A 380 7.01 14.68 27.88
C LEU A 380 7.93 15.29 26.83
N SER A 381 7.39 15.61 25.65
CA SER A 381 8.19 16.22 24.61
C SER A 381 8.70 17.60 25.02
N ILE A 382 7.84 18.38 25.68
CA ILE A 382 8.23 19.72 26.12
C ILE A 382 9.29 19.64 27.21
N LEU A 383 9.13 18.69 28.14
CA LEU A 383 10.08 18.55 29.25
C LEU A 383 11.46 18.07 28.80
N SER A 384 11.59 17.58 27.57
CA SER A 384 12.86 17.04 27.08
C SER A 384 13.45 17.89 25.97
N VAL A 385 13.19 19.20 25.98
CA VAL A 385 13.76 20.08 24.97
C VAL A 385 15.24 20.29 25.23
N ASP A 386 15.97 20.61 24.15
CA ASP A 386 17.41 20.88 24.25
C ASP A 386 17.60 22.32 24.73
N TYR A 387 17.48 22.48 26.04
CA TYR A 387 17.57 23.79 26.69
C TYR A 387 18.00 23.57 28.13
N PRO A 388 18.66 24.55 28.73
CA PRO A 388 19.03 24.42 30.15
C PRO A 388 17.80 24.19 31.03
N VAL A 389 17.96 23.32 32.03
CA VAL A 389 16.83 22.93 32.86
C VAL A 389 16.37 24.10 33.72
N ASP A 390 17.30 24.92 34.20
CA ASP A 390 16.96 26.03 35.09
C ASP A 390 16.50 27.27 34.33
N LYS A 391 16.51 27.24 33.00
CA LYS A 391 16.10 28.38 32.19
C LYS A 391 14.84 28.09 31.38
N VAL A 392 14.11 27.03 31.72
CA VAL A 392 12.87 26.69 31.01
C VAL A 392 11.85 26.20 32.03
N SER A 393 10.58 26.50 31.75
CA SER A 393 9.49 26.09 32.62
C SER A 393 8.27 25.75 31.77
N CYS A 394 7.39 24.92 32.32
CA CYS A 394 6.18 24.50 31.65
C CYS A 394 4.97 24.77 32.54
N TYR A 395 3.90 25.26 31.93
CA TYR A 395 2.65 25.53 32.63
C TYR A 395 1.52 24.84 31.89
N VAL A 396 0.80 23.96 32.59
CA VAL A 396 -0.34 23.24 32.05
C VAL A 396 -1.60 23.77 32.72
N SER A 397 -2.54 24.26 31.93
CA SER A 397 -3.78 24.84 32.43
C SER A 397 -4.95 23.97 32.00
N ASP A 398 -5.73 23.52 32.98
CA ASP A 398 -6.92 22.73 32.72
C ASP A 398 -8.14 23.62 32.94
N ASP A 399 -8.92 23.82 31.88
CA ASP A 399 -10.12 24.66 31.98
C ASP A 399 -11.26 23.96 32.71
N GLY A 400 -11.38 22.64 32.54
CA GLY A 400 -12.46 21.89 33.17
C GLY A 400 -12.20 21.45 34.59
N SER A 401 -10.98 21.65 35.09
CA SER A 401 -10.59 21.25 36.45
C SER A 401 -10.86 19.75 36.67
N ALA A 402 -10.14 18.95 35.89
CA ALA A 402 -10.37 17.51 35.82
C ALA A 402 -9.41 16.76 36.72
N MET A 403 -9.97 15.81 37.49
CA MET A 403 -9.15 14.95 38.34
C MET A 403 -8.25 14.04 37.50
N LEU A 404 -8.79 13.53 36.38
CA LEU A 404 -8.03 12.63 35.53
C LEU A 404 -6.80 13.30 34.95
N THR A 405 -6.93 14.57 34.54
CA THR A 405 -5.78 15.29 34.01
C THR A 405 -4.71 15.47 35.08
N PHE A 406 -5.12 15.72 36.33
CA PHE A 406 -4.17 15.88 37.42
C PHE A 406 -3.36 14.59 37.63
N GLU A 407 -4.05 13.45 37.69
CA GLU A 407 -3.34 12.18 37.87
C GLU A 407 -2.50 11.82 36.66
N ALA A 408 -2.99 12.15 35.46
CA ALA A 408 -2.20 11.91 34.26
C ALA A 408 -0.92 12.73 34.27
N LEU A 409 -0.99 13.98 34.72
CA LEU A 409 0.21 14.80 34.84
C LEU A 409 1.16 14.24 35.88
N SER A 410 0.62 13.74 37.00
CA SER A 410 1.48 13.14 38.02
C SER A 410 2.22 11.92 37.49
N GLU A 411 1.51 11.04 36.77
CA GLU A 411 2.15 9.87 36.19
C GLU A 411 3.16 10.27 35.12
N THR A 412 2.84 11.31 34.33
CA THR A 412 3.79 11.80 33.34
C THR A 412 5.06 12.33 33.99
N ALA A 413 4.91 13.05 35.11
CA ALA A 413 6.08 13.53 35.83
C ALA A 413 6.91 12.37 36.38
N GLU A 414 6.24 11.32 36.86
CA GLU A 414 6.96 10.15 37.35
C GLU A 414 7.75 9.48 36.23
N PHE A 415 7.14 9.34 35.05
CA PHE A 415 7.82 8.69 33.93
C PHE A 415 8.88 9.57 33.29
N ALA A 416 8.78 10.90 33.44
CA ALA A 416 9.77 11.79 32.84
C ALA A 416 11.14 11.60 33.44
N LYS A 417 11.22 11.20 34.71
CA LYS A 417 12.51 10.99 35.35
C LYS A 417 13.31 9.90 34.66
N LYS A 418 12.64 8.96 33.99
CA LYS A 418 13.31 7.93 33.21
C LYS A 418 13.40 8.27 31.73
N TRP A 419 12.40 8.97 31.19
CA TRP A 419 12.40 9.26 29.76
C TRP A 419 13.41 10.34 29.39
N VAL A 420 13.50 11.40 30.20
CA VAL A 420 14.34 12.55 29.82
C VAL A 420 15.82 12.19 29.72
N PRO A 421 16.45 11.53 30.70
CA PRO A 421 17.88 11.24 30.56
C PRO A 421 18.21 10.37 29.36
N PHE A 422 17.34 9.43 28.99
CA PHE A 422 17.58 8.60 27.83
C PHE A 422 17.62 9.42 26.55
N CYS A 423 16.65 10.34 26.40
CA CYS A 423 16.63 11.21 25.23
C CYS A 423 17.85 12.13 25.20
N LYS A 424 18.22 12.70 26.35
CA LYS A 424 19.37 13.60 26.39
C LYS A 424 20.66 12.88 26.06
N LYS A 425 20.82 11.65 26.55
CA LYS A 425 22.06 10.92 26.34
C LYS A 425 22.18 10.41 24.91
N HIS A 426 21.10 9.86 24.35
CA HIS A 426 21.15 9.19 23.06
C HIS A 426 20.63 10.05 21.91
N ASN A 427 20.27 11.30 22.17
CA ASN A 427 19.80 12.24 21.14
C ASN A 427 18.62 11.65 20.36
N ILE A 428 17.57 11.31 21.09
CA ILE A 428 16.39 10.70 20.50
C ILE A 428 15.54 11.77 19.84
N GLU A 429 15.14 11.53 18.59
CA GLU A 429 14.28 12.43 17.84
C GLU A 429 13.18 11.61 17.18
N PRO A 430 11.90 11.97 17.38
CA PRO A 430 11.38 13.07 18.20
C PRO A 430 11.37 12.72 19.68
N ARG A 431 11.17 13.72 20.55
CA ARG A 431 11.19 13.48 21.98
C ARG A 431 9.91 12.82 22.49
N ALA A 432 8.84 12.83 21.71
CA ALA A 432 7.59 12.21 22.14
C ALA A 432 7.73 10.70 22.07
N PRO A 433 7.54 9.97 23.17
CA PRO A 433 7.73 8.50 23.12
C PRO A 433 6.79 7.80 22.17
N GLU A 434 5.53 8.25 22.07
CA GLU A 434 4.57 7.57 21.22
C GLU A 434 4.98 7.63 19.76
N PHE A 435 5.26 8.84 19.27
CA PHE A 435 5.60 9.01 17.85
C PHE A 435 6.98 8.47 17.54
N TYR A 436 7.90 8.51 18.51
CA TYR A 436 9.24 7.96 18.29
C TYR A 436 9.19 6.44 18.17
N PHE A 437 8.45 5.79 19.07
CA PHE A 437 8.35 4.33 19.03
C PHE A 437 7.46 3.83 17.91
N ALA A 438 6.52 4.66 17.43
CA ALA A 438 5.64 4.25 16.35
C ALA A 438 6.30 4.31 14.98
N GLN A 439 7.44 4.98 14.85
CA GLN A 439 8.12 5.08 13.57
C GLN A 439 8.66 3.73 13.13
N LYS A 440 8.44 3.39 11.86
CA LYS A 440 8.96 2.16 11.29
C LYS A 440 10.33 2.34 10.64
N ILE A 441 10.85 3.57 10.62
CA ILE A 441 12.16 3.82 10.04
C ILE A 441 13.24 3.19 10.93
N ASP A 442 14.34 2.77 10.29
CA ASP A 442 15.45 2.16 11.00
C ASP A 442 16.02 3.11 12.05
N TYR A 443 15.88 2.74 13.33
CA TYR A 443 16.35 3.59 14.41
C TYR A 443 17.87 3.54 14.57
N LEU A 444 18.52 2.51 14.04
CA LEU A 444 19.98 2.39 14.12
C LEU A 444 20.64 3.00 12.88
N LYS A 445 20.42 4.30 12.70
CA LYS A 445 20.94 5.02 11.55
C LYS A 445 22.31 5.62 11.84
N ASP A 446 22.42 6.41 12.91
CA ASP A 446 23.67 7.08 13.25
C ASP A 446 23.95 7.04 14.75
N LYS A 447 23.53 5.98 15.43
CA LYS A 447 23.68 5.88 16.87
C LYS A 447 25.09 5.40 17.20
N ILE A 448 25.97 6.35 17.53
CA ILE A 448 27.35 6.02 17.87
C ILE A 448 27.43 5.34 19.23
N GLN A 449 26.54 5.70 20.14
CA GLN A 449 26.65 5.25 21.53
C GLN A 449 26.56 3.72 21.60
N PRO A 450 27.51 3.05 22.26
CA PRO A 450 27.44 1.58 22.33
C PRO A 450 26.28 1.07 23.17
N SER A 451 26.06 1.66 24.34
CA SER A 451 25.00 1.20 25.24
C SER A 451 23.66 1.83 24.86
N PHE A 452 23.24 1.55 23.63
CA PHE A 452 21.97 2.02 23.11
C PHE A 452 20.98 0.91 22.77
N VAL A 453 21.46 -0.23 22.29
CA VAL A 453 20.56 -1.33 21.95
C VAL A 453 19.85 -1.85 23.20
N LYS A 454 20.61 -2.04 24.28
CA LYS A 454 20.02 -2.58 25.50
C LYS A 454 19.05 -1.59 26.13
N GLU A 455 19.38 -0.30 26.12
CA GLU A 455 18.54 0.70 26.78
C GLU A 455 17.23 0.91 26.03
N ARG A 456 17.24 0.80 24.71
CA ARG A 456 16.01 1.01 23.95
C ARG A 456 14.96 -0.04 24.28
N ARG A 457 15.37 -1.29 24.45
CA ARG A 457 14.42 -2.35 24.78
C ARG A 457 13.77 -2.10 26.14
N ALA A 458 14.60 -1.74 27.14
CA ALA A 458 14.05 -1.46 28.47
C ALA A 458 13.15 -0.23 28.45
N MET A 459 13.52 0.81 27.71
CA MET A 459 12.69 2.01 27.64
C MET A 459 11.36 1.73 26.96
N LYS A 460 11.37 0.91 25.91
CA LYS A 460 10.12 0.52 25.27
C LYS A 460 9.24 -0.30 26.21
N ARG A 461 9.84 -1.25 26.93
CA ARG A 461 9.08 -2.07 27.88
C ARG A 461 8.55 -1.24 29.05
N GLU A 462 9.18 -0.11 29.36
CA GLU A 462 8.67 0.79 30.38
C GLU A 462 7.59 1.73 29.86
N TYR A 463 7.71 2.18 28.61
CA TYR A 463 6.67 3.01 28.02
C TYR A 463 5.36 2.24 27.87
N GLU A 464 5.45 0.95 27.53
CA GLU A 464 4.24 0.14 27.42
C GLU A 464 3.50 0.04 28.76
N GLU A 465 4.22 -0.13 29.87
CA GLU A 465 3.60 -0.13 31.18
C GLU A 465 3.07 1.24 31.58
N PHE A 466 3.74 2.31 31.17
CA PHE A 466 3.20 3.66 31.39
C PHE A 466 1.88 3.84 30.66
N LYS A 467 1.80 3.34 29.42
CA LYS A 467 0.54 3.40 28.68
C LYS A 467 -0.54 2.59 29.39
N VAL A 468 -0.17 1.43 29.94
CA VAL A 468 -1.13 0.62 30.69
C VAL A 468 -1.66 1.39 31.89
N ARG A 469 -0.77 2.06 32.62
CA ARG A 469 -1.20 2.84 33.78
C ARG A 469 -2.13 3.98 33.37
N ILE A 470 -1.80 4.67 32.28
CA ILE A 470 -2.65 5.76 31.81
C ILE A 470 -4.02 5.24 31.41
N ASN A 471 -4.05 4.10 30.72
CA ASN A 471 -5.34 3.50 30.33
C ASN A 471 -6.15 3.10 31.56
N ALA A 472 -5.47 2.58 32.59
CA ALA A 472 -6.18 2.22 33.82
C ALA A 472 -6.80 3.45 34.47
N LEU A 473 -6.07 4.56 34.51
CA LEU A 473 -6.62 5.79 35.07
C LEU A 473 -7.82 6.28 34.27
N VAL A 474 -7.71 6.25 32.93
CA VAL A 474 -8.80 6.71 32.08
C VAL A 474 -10.04 5.84 32.28
N ALA A 475 -9.86 4.52 32.36
CA ALA A 475 -10.99 3.64 32.59
C ALA A 475 -11.61 3.85 33.97
N LYS A 476 -10.78 4.10 34.98
CA LYS A 476 -11.28 4.35 36.33
C LYS A 476 -11.97 5.70 36.47
N ALA A 477 -11.73 6.63 35.53
CA ALA A 477 -12.29 7.96 35.65
C ALA A 477 -13.39 8.21 34.63
N GLN A 478 -14.26 7.21 34.42
CA GLN A 478 -15.38 7.34 33.51
C GLN A 478 -16.70 7.69 34.21
N LYS A 479 -16.80 7.48 35.52
CA LYS A 479 -18.00 7.83 36.27
C LYS A 479 -17.62 8.62 37.52
N MET A 480 -18.52 9.51 37.91
CA MET A 480 -18.33 10.35 39.09
C MET A 480 -18.79 9.61 40.33
N PRO A 481 -17.92 9.36 41.30
CA PRO A 481 -18.40 8.81 42.58
C PRO A 481 -19.41 9.76 43.21
N GLU A 482 -20.45 9.19 43.83
CA GLU A 482 -21.55 9.99 44.34
C GLU A 482 -21.07 10.98 45.40
N GLU A 483 -20.05 10.62 46.16
CA GLU A 483 -19.46 11.50 47.16
C GLU A 483 -18.35 12.38 46.59
N GLY A 484 -18.18 12.39 45.27
CA GLY A 484 -17.13 13.16 44.64
C GLY A 484 -15.81 12.41 44.59
N TRP A 485 -14.91 12.92 43.76
CA TRP A 485 -13.59 12.31 43.65
C TRP A 485 -12.79 12.53 44.93
N THR A 486 -11.97 11.54 45.26
CA THR A 486 -11.11 11.59 46.43
C THR A 486 -9.67 11.34 46.00
N MET A 487 -8.77 12.20 46.45
CA MET A 487 -7.36 12.05 46.11
C MET A 487 -6.74 10.89 46.88
N GLN A 488 -5.49 10.57 46.53
CA GLN A 488 -4.79 9.50 47.21
C GLN A 488 -4.51 9.85 48.67
N ASP A 489 -4.27 11.12 48.96
CA ASP A 489 -4.05 11.54 50.34
C ASP A 489 -5.29 11.31 51.20
N GLY A 490 -6.47 11.59 50.66
CA GLY A 490 -7.70 11.40 51.40
C GLY A 490 -8.65 12.58 51.30
N THR A 491 -8.10 13.77 51.13
CA THR A 491 -8.92 14.96 51.02
C THR A 491 -9.67 14.96 49.69
N ALA A 492 -10.90 15.46 49.72
CA ALA A 492 -11.72 15.51 48.52
C ALA A 492 -11.14 16.47 47.49
N TRP A 493 -11.36 16.15 46.22
CA TRP A 493 -10.88 17.00 45.13
C TRP A 493 -11.65 18.31 45.14
N PRO A 494 -10.98 19.46 45.22
CA PRO A 494 -11.70 20.74 45.23
C PRO A 494 -12.54 20.98 43.98
N GLY A 495 -12.09 20.49 42.83
CA GLY A 495 -12.80 20.71 41.59
C GLY A 495 -13.86 19.67 41.30
N ASN A 496 -14.67 19.33 42.30
CA ASN A 496 -15.76 18.39 42.08
C ASN A 496 -16.79 18.95 41.10
N ASN A 497 -17.14 20.22 41.25
CA ASN A 497 -18.06 20.88 40.34
C ASN A 497 -17.26 21.70 39.33
N PRO A 498 -17.39 21.43 38.03
CA PRO A 498 -16.62 22.18 37.03
C PRO A 498 -16.98 23.66 36.94
N ARG A 499 -17.98 24.13 37.68
CA ARG A 499 -18.38 25.52 37.64
C ARG A 499 -18.14 26.28 38.94
N ASP A 500 -17.88 25.58 40.05
CA ASP A 500 -17.69 26.19 41.34
C ASP A 500 -16.38 25.75 41.98
N HIS A 501 -15.35 25.55 41.17
CA HIS A 501 -14.07 25.07 41.67
C HIS A 501 -13.14 26.24 41.97
N PRO A 502 -12.67 26.41 43.20
CA PRO A 502 -11.71 27.48 43.49
C PRO A 502 -10.37 27.19 42.84
N GLY A 503 -9.62 28.27 42.60
CA GLY A 503 -8.32 28.16 41.96
C GLY A 503 -7.31 27.34 42.72
N MET A 504 -6.65 26.40 42.02
CA MET A 504 -5.62 25.57 42.62
C MET A 504 -4.36 25.63 41.78
N ILE A 505 -3.21 25.64 42.44
CA ILE A 505 -1.90 25.64 41.78
C ILE A 505 -1.05 24.55 42.42
N GLN A 506 -0.54 23.64 41.59
CA GLN A 506 0.28 22.54 42.05
C GLN A 506 1.53 22.42 41.20
N VAL A 507 2.68 22.22 41.86
CA VAL A 507 3.97 22.07 41.20
C VAL A 507 4.42 20.63 41.36
N PHE A 508 4.69 19.97 40.23
CA PHE A 508 5.07 18.55 40.24
C PHE A 508 6.59 18.37 40.27
N LEU A 509 7.28 18.91 39.26
CA LEU A 509 8.72 18.80 39.15
C LEU A 509 9.35 20.18 39.28
N GLY A 510 10.55 20.21 39.83
CA GLY A 510 11.27 21.46 39.99
C GLY A 510 12.62 21.28 40.66
N HIS A 511 13.04 22.29 41.42
CA HIS A 511 14.33 22.19 42.12
C HIS A 511 14.27 21.11 43.20
N SER A 512 13.23 21.12 44.02
CA SER A 512 13.06 20.14 45.08
C SER A 512 12.06 19.05 44.72
N GLY A 513 11.57 19.03 43.47
CA GLY A 513 10.61 18.02 43.07
C GLY A 513 11.19 16.62 43.08
N GLY A 514 12.41 16.47 42.61
CA GLY A 514 13.07 15.17 42.56
C GLY A 514 14.16 15.15 41.53
N LEU A 515 14.96 14.08 41.60
CA LEU A 515 16.08 13.87 40.69
C LEU A 515 15.79 12.69 39.78
N ASP A 516 16.30 12.77 38.55
CA ASP A 516 16.11 11.71 37.57
C ASP A 516 17.11 10.59 37.84
N THR A 517 17.23 9.65 36.89
CA THR A 517 18.12 8.52 37.07
C THR A 517 19.59 8.96 37.11
N ASP A 518 19.92 10.06 36.43
CA ASP A 518 21.29 10.56 36.39
C ASP A 518 21.62 11.50 37.54
N GLY A 519 20.65 11.79 38.41
CA GLY A 519 20.89 12.66 39.55
C GLY A 519 20.69 14.13 39.27
N ASN A 520 20.42 14.53 38.03
CA ASN A 520 20.21 15.92 37.68
C ASN A 520 18.78 16.32 38.05
N GLU A 521 18.37 17.51 37.62
CA GLU A 521 17.04 18.03 37.86
C GLU A 521 16.25 18.04 36.55
N LEU A 522 15.01 18.49 36.65
CA LEU A 522 14.09 18.55 35.53
C LEU A 522 13.44 19.92 35.45
N PRO A 523 12.99 20.33 34.27
CA PRO A 523 12.30 21.63 34.15
C PRO A 523 11.06 21.67 35.04
N ARG A 524 10.80 22.85 35.60
CA ARG A 524 9.67 23.01 36.50
C ARG A 524 8.35 22.79 35.76
N LEU A 525 7.45 22.03 36.38
CA LEU A 525 6.13 21.76 35.84
C LEU A 525 5.08 22.25 36.84
N VAL A 526 4.17 23.09 36.37
CA VAL A 526 3.16 23.72 37.21
C VAL A 526 1.79 23.42 36.63
N TYR A 527 0.88 22.96 37.48
CA TYR A 527 -0.52 22.72 37.10
C TYR A 527 -1.36 23.86 37.64
N VAL A 528 -2.02 24.59 36.74
CA VAL A 528 -2.79 25.77 37.09
C VAL A 528 -4.23 25.56 36.68
N SER A 529 -5.15 25.80 37.61
CA SER A 529 -6.59 25.77 37.33
C SER A 529 -7.21 27.01 37.94
N ARG A 530 -7.84 27.83 37.11
CA ARG A 530 -8.36 29.10 37.57
C ARG A 530 -9.66 28.90 38.36
N GLU A 531 -10.02 29.93 39.13
CA GLU A 531 -11.24 29.90 39.91
C GLU A 531 -12.42 30.31 39.06
N LYS A 532 -13.46 29.49 39.04
CA LYS A 532 -14.66 29.74 38.25
C LYS A 532 -15.87 29.82 39.18
N ARG A 533 -16.69 30.84 38.97
CA ARG A 533 -17.90 31.06 39.73
C ARG A 533 -19.07 31.29 38.80
N PRO A 534 -20.28 30.92 39.22
CA PRO A 534 -21.45 31.12 38.34
C PRO A 534 -21.76 32.59 38.15
N GLY A 535 -22.34 32.90 36.98
CA GLY A 535 -22.72 34.25 36.66
C GLY A 535 -21.64 35.13 36.07
N PHE A 536 -20.45 34.59 35.82
CA PHE A 536 -19.34 35.34 35.27
C PHE A 536 -18.83 34.66 34.01
N GLN A 537 -18.55 35.46 32.98
CA GLN A 537 -18.01 34.93 31.74
C GLN A 537 -16.49 34.80 31.86
N HIS A 538 -15.96 33.65 31.41
CA HIS A 538 -14.54 33.37 31.55
C HIS A 538 -13.77 33.50 30.25
N HIS A 539 -14.46 33.70 29.12
CA HIS A 539 -13.87 33.91 27.79
C HIS A 539 -13.08 32.70 27.29
N LYS A 540 -13.09 31.59 28.02
CA LYS A 540 -12.54 30.30 27.58
C LYS A 540 -11.05 30.44 27.34
N LYS A 541 -10.55 30.24 26.13
CA LYS A 541 -9.10 30.13 25.90
C LYS A 541 -8.39 31.45 26.18
N ALA A 542 -9.00 32.58 25.80
CA ALA A 542 -8.36 33.87 26.04
C ALA A 542 -8.20 34.13 27.54
N GLY A 543 -9.23 33.85 28.32
CA GLY A 543 -9.12 34.00 29.76
C GLY A 543 -8.08 33.07 30.36
N ALA A 544 -8.03 31.82 29.88
CA ALA A 544 -7.02 30.89 30.36
C ALA A 544 -5.61 31.37 30.04
N MET A 545 -5.42 31.91 28.83
CA MET A 545 -4.10 32.42 28.45
C MET A 545 -3.69 33.61 29.31
N ASN A 546 -4.63 34.53 29.57
CA ASN A 546 -4.31 35.66 30.42
C ASN A 546 -3.96 35.21 31.84
N ALA A 547 -4.71 34.25 32.38
CA ALA A 547 -4.40 33.72 33.70
C ALA A 547 -3.04 33.05 33.73
N LEU A 548 -2.71 32.31 32.67
CA LEU A 548 -1.40 31.65 32.60
C LEU A 548 -0.28 32.68 32.56
N ILE A 549 -0.47 33.76 31.80
CA ILE A 549 0.56 34.79 31.71
C ILE A 549 0.80 35.44 33.08
N ARG A 550 -0.29 35.78 33.77
CA ARG A 550 -0.15 36.41 35.08
C ARG A 550 0.50 35.47 36.09
N VAL A 551 0.08 34.20 36.10
CA VAL A 551 0.67 33.24 37.03
C VAL A 551 2.14 33.00 36.73
N SER A 552 2.49 32.91 35.44
CA SER A 552 3.89 32.71 35.08
C SER A 552 4.74 33.90 35.50
N ALA A 553 4.20 35.12 35.37
CA ALA A 553 4.91 36.30 35.83
C ALA A 553 5.13 36.26 37.34
N VAL A 554 4.12 35.84 38.09
CA VAL A 554 4.24 35.81 39.54
C VAL A 554 5.23 34.74 39.98
N LEU A 555 5.15 33.55 39.39
CA LEU A 555 5.94 32.42 39.86
C LEU A 555 7.37 32.46 39.33
N THR A 556 7.53 32.41 38.01
CA THR A 556 8.86 32.32 37.40
C THR A 556 9.26 33.55 36.60
N ASN A 557 8.30 34.25 35.99
CA ASN A 557 8.56 35.45 35.20
C ASN A 557 9.55 35.17 34.07
N GLY A 558 9.14 34.28 33.17
CA GLY A 558 9.95 33.98 32.02
C GLY A 558 10.03 35.14 31.04
N ALA A 559 11.16 35.21 30.32
CA ALA A 559 11.36 36.31 29.39
C ALA A 559 10.46 36.18 28.16
N TYR A 560 10.24 34.95 27.70
CA TYR A 560 9.44 34.71 26.51
C TYR A 560 8.44 33.60 26.77
N LEU A 561 7.32 33.64 26.06
CA LEU A 561 6.21 32.71 26.27
C LEU A 561 5.91 31.99 24.97
N LEU A 562 6.17 30.69 24.94
CA LEU A 562 5.90 29.85 23.78
C LEU A 562 4.60 29.09 24.00
N ASN A 563 3.64 29.26 23.10
CA ASN A 563 2.32 28.64 23.22
C ASN A 563 2.30 27.36 22.38
N VAL A 564 2.02 26.23 23.03
CA VAL A 564 1.96 24.93 22.36
C VAL A 564 0.62 24.30 22.67
N ASP A 565 -0.07 23.82 21.64
CA ASP A 565 -1.34 23.14 21.84
C ASP A 565 -1.12 21.76 22.44
N CYS A 566 -2.21 21.18 22.95
CA CYS A 566 -2.11 19.87 23.59
C CYS A 566 -1.80 18.76 22.59
N ASP A 567 -2.21 18.92 21.34
CA ASP A 567 -2.02 17.91 20.32
C ASP A 567 -0.81 18.17 19.44
N HIS A 568 0.02 19.14 19.79
CA HIS A 568 1.22 19.48 19.03
C HIS A 568 2.45 19.13 19.87
N TYR A 569 3.39 18.42 19.26
CA TYR A 569 4.60 17.99 19.94
C TYR A 569 5.83 18.50 19.20
N PHE A 570 6.96 18.51 19.90
CA PHE A 570 8.22 19.01 19.37
C PHE A 570 8.86 17.92 18.51
N ASN A 571 8.82 18.10 17.19
CA ASN A 571 9.55 17.20 16.31
C ASN A 571 11.05 17.48 16.32
N ASN A 572 11.43 18.76 16.49
CA ASN A 572 12.82 19.16 16.57
C ASN A 572 13.10 19.69 17.97
N SER A 573 14.13 19.14 18.61
CA SER A 573 14.46 19.52 19.98
C SER A 573 15.16 20.86 20.08
N LYS A 574 15.67 21.40 18.97
CA LYS A 574 16.38 22.67 18.98
C LYS A 574 15.51 23.84 18.53
N ALA A 575 14.18 23.71 18.66
CA ALA A 575 13.29 24.79 18.28
C ALA A 575 13.48 26.01 19.18
N LEU A 576 13.65 25.78 20.48
CA LEU A 576 13.85 26.89 21.41
C LEU A 576 15.13 27.66 21.09
N LYS A 577 16.21 26.94 20.78
CA LYS A 577 17.46 27.61 20.42
C LYS A 577 17.31 28.43 19.15
N GLU A 578 16.59 27.89 18.15
CA GLU A 578 16.38 28.65 16.93
C GLU A 578 15.56 29.90 17.18
N ALA A 579 14.54 29.81 18.04
CA ALA A 579 13.77 30.99 18.40
C ALA A 579 14.63 32.01 19.13
N MET A 580 15.50 31.55 20.03
CA MET A 580 16.40 32.46 20.73
C MET A 580 17.39 33.11 19.77
N CYS A 581 17.69 32.46 18.65
CA CYS A 581 18.56 33.06 17.65
C CYS A 581 17.96 34.33 17.06
N PHE A 582 16.63 34.47 17.10
CA PHE A 582 15.94 35.67 16.63
C PHE A 582 15.59 36.63 17.75
N MET A 583 15.04 36.13 18.85
CA MET A 583 14.56 37.01 19.91
C MET A 583 15.72 37.66 20.68
N MET A 584 16.81 36.94 20.88
CA MET A 584 17.89 37.42 21.73
C MET A 584 18.89 38.31 20.99
N ASP A 585 18.75 38.45 19.67
CA ASP A 585 19.64 39.34 18.93
C ASP A 585 19.38 40.79 19.34
N PRO A 586 20.42 41.55 19.70
CA PRO A 586 20.19 42.91 20.19
C PRO A 586 19.50 43.83 19.18
N VAL A 587 19.77 43.66 17.88
CA VAL A 587 19.24 44.61 16.90
C VAL A 587 17.82 44.25 16.50
N ILE A 588 17.51 42.96 16.39
CA ILE A 588 16.20 42.53 15.93
C ILE A 588 15.47 41.79 17.05
N GLY A 589 15.78 42.15 18.30
CA GLY A 589 15.11 41.56 19.43
C GLY A 589 14.34 42.59 20.24
N LYS A 590 14.75 43.85 20.14
CA LYS A 590 14.05 44.94 20.82
C LYS A 590 12.83 45.42 20.07
N LYS A 591 12.59 44.92 18.85
CA LYS A 591 11.44 45.30 18.06
C LYS A 591 10.69 44.10 17.51
N THR A 592 10.93 42.91 18.04
CA THR A 592 10.25 41.69 17.59
C THR A 592 9.19 41.30 18.61
N CYS A 593 7.96 41.14 18.14
CA CYS A 593 6.83 40.83 19.00
C CYS A 593 6.62 39.33 19.18
N TYR A 594 6.68 38.55 18.10
CA TYR A 594 6.61 37.11 18.22
C TYR A 594 7.29 36.45 17.04
N VAL A 595 7.66 35.19 17.23
CA VAL A 595 8.22 34.34 16.19
C VAL A 595 7.24 33.21 15.93
N GLN A 596 6.83 33.06 14.67
CA GLN A 596 5.81 32.08 14.29
C GLN A 596 6.46 30.91 13.57
N PHE A 597 6.13 29.70 14.00
CA PHE A 597 6.61 28.47 13.40
C PHE A 597 5.54 27.87 12.48
N PRO A 598 5.94 27.25 11.37
CA PRO A 598 4.94 26.61 10.50
C PRO A 598 4.28 25.43 11.18
N GLN A 599 3.03 25.19 10.80
CA GLN A 599 2.23 24.09 11.37
C GLN A 599 2.26 22.92 10.39
N ARG A 600 2.75 21.79 10.86
CA ARG A 600 2.79 20.56 10.07
C ARG A 600 2.01 19.47 10.78
N PHE A 601 1.42 18.58 9.99
CA PHE A 601 0.58 17.51 10.51
C PHE A 601 1.04 16.17 9.96
N ASP A 602 0.93 15.13 10.78
CA ASP A 602 1.29 13.77 10.40
C ASP A 602 0.06 12.87 10.52
N GLY A 603 0.24 11.60 10.17
CA GLY A 603 -0.85 10.66 10.23
C GLY A 603 -1.94 10.89 9.21
N ILE A 604 -1.62 11.56 8.11
CA ILE A 604 -2.61 11.92 7.11
C ILE A 604 -2.45 11.02 5.88
N ASP A 605 -3.44 11.07 5.00
CA ASP A 605 -3.41 10.27 3.79
C ASP A 605 -2.28 10.74 2.87
N LEU A 606 -1.78 9.81 2.06
CA LEU A 606 -0.69 10.14 1.13
C LEU A 606 -1.13 11.22 0.15
N HIS A 607 -2.36 11.13 -0.35
CA HIS A 607 -2.89 12.14 -1.26
C HIS A 607 -3.36 13.39 -0.54
N ASP A 608 -3.54 13.34 0.78
CA ASP A 608 -4.05 14.45 1.57
C ASP A 608 -5.40 14.93 1.03
N ARG A 609 -6.39 14.04 1.13
CA ARG A 609 -7.69 14.30 0.52
C ARG A 609 -8.34 15.56 1.07
N TYR A 610 -8.19 15.80 2.37
CA TYR A 610 -8.81 16.95 3.01
C TYR A 610 -7.94 18.19 3.03
N ALA A 611 -6.76 18.14 2.41
CA ALA A 611 -5.87 19.31 2.30
C ALA A 611 -5.57 19.91 3.67
N ASN A 612 -5.36 19.03 4.65
CA ASN A 612 -5.13 19.49 6.03
C ASN A 612 -3.77 20.15 6.20
N ARG A 613 -2.82 19.88 5.30
CA ARG A 613 -1.49 20.48 5.44
C ARG A 613 -1.53 21.98 5.19
N ASN A 614 -2.38 22.43 4.26
CA ASN A 614 -2.44 23.83 3.84
C ASN A 614 -1.07 24.30 3.31
N ILE A 615 -0.64 23.65 2.22
CA ILE A 615 0.68 23.92 1.67
C ILE A 615 0.77 25.35 1.16
N VAL A 616 -0.24 25.77 0.41
CA VAL A 616 -0.22 27.10 -0.21
C VAL A 616 -0.21 28.19 0.84
N PHE A 617 -1.03 28.06 1.88
CA PHE A 617 -1.09 29.08 2.92
C PHE A 617 0.21 29.14 3.72
N PHE A 618 0.79 27.98 4.04
CA PHE A 618 1.92 27.93 4.96
C PHE A 618 3.28 28.06 4.29
N ASP A 619 3.34 28.05 2.95
CA ASP A 619 4.63 28.21 2.27
C ASP A 619 4.62 29.26 1.17
N ILE A 620 3.49 29.91 0.89
CA ILE A 620 3.45 30.97 -0.10
C ILE A 620 2.97 32.26 0.55
N ASN A 621 1.76 32.23 1.12
CA ASN A 621 1.19 33.44 1.71
C ASN A 621 2.01 33.92 2.91
N MET A 622 2.47 32.99 3.75
CA MET A 622 3.20 33.37 4.95
C MET A 622 4.51 34.06 4.60
N LYS A 623 5.22 33.56 3.59
CA LYS A 623 6.47 34.20 3.17
C LYS A 623 6.22 35.60 2.64
N GLY A 624 5.17 35.78 1.85
CA GLY A 624 4.83 37.11 1.36
C GLY A 624 4.47 38.07 2.48
N GLN A 625 3.74 37.59 3.49
CA GLN A 625 3.45 38.41 4.65
C GLN A 625 4.72 38.75 5.42
N ASP A 626 5.64 37.80 5.52
CA ASP A 626 6.92 38.04 6.18
C ASP A 626 7.79 39.01 5.41
N GLY A 627 7.54 39.19 4.11
CA GLY A 627 8.34 40.08 3.30
C GLY A 627 8.17 41.55 3.63
N VAL A 628 7.05 41.92 4.27
CA VAL A 628 6.74 43.32 4.59
C VAL A 628 6.87 43.59 6.08
N GLN A 629 6.11 42.86 6.92
CA GLN A 629 6.19 43.06 8.36
C GLN A 629 6.22 41.77 9.17
N GLY A 630 5.88 40.62 8.60
CA GLY A 630 5.90 39.38 9.34
C GLY A 630 4.60 38.61 9.20
N PRO A 631 4.62 37.34 9.58
CA PRO A 631 3.42 36.51 9.47
C PRO A 631 2.38 36.90 10.51
N VAL A 632 1.14 36.53 10.22
CA VAL A 632 0.03 36.77 11.13
C VAL A 632 0.01 35.68 12.20
N TYR A 633 -0.49 36.03 13.38
CA TYR A 633 -0.58 35.06 14.46
C TYR A 633 -1.69 34.06 14.17
N VAL A 634 -1.34 32.76 14.24
CA VAL A 634 -2.26 31.70 13.89
C VAL A 634 -2.46 30.69 15.02
N GLY A 635 -1.98 31.01 16.22
CA GLY A 635 -2.20 30.15 17.37
C GLY A 635 -1.02 29.35 17.83
N THR A 636 -1.00 28.06 17.52
CA THR A 636 0.01 27.15 18.03
C THR A 636 1.38 27.46 17.42
N GLY A 637 2.42 27.08 18.15
CA GLY A 637 3.79 27.25 17.70
C GLY A 637 4.25 28.69 17.57
N CYS A 638 3.92 29.53 18.55
CA CYS A 638 4.28 30.93 18.52
C CYS A 638 5.03 31.29 19.80
N CYS A 639 6.15 31.99 19.66
CA CYS A 639 6.96 32.44 20.78
C CYS A 639 6.81 33.95 20.91
N PHE A 640 6.08 34.38 21.94
CA PHE A 640 5.79 35.78 22.17
C PHE A 640 6.82 36.43 23.08
N ASN A 641 7.06 37.71 22.85
CA ASN A 641 7.86 38.52 23.76
C ASN A 641 6.98 39.04 24.89
N ARG A 642 7.47 38.93 26.12
CA ARG A 642 6.66 39.31 27.27
C ARG A 642 6.34 40.80 27.27
N GLN A 643 7.31 41.64 26.91
CA GLN A 643 7.08 43.08 26.92
C GLN A 643 6.07 43.51 25.86
N ALA A 644 5.93 42.73 24.78
CA ALA A 644 4.97 43.07 23.74
C ALA A 644 3.55 42.82 24.21
N LEU A 645 3.33 41.78 25.01
CA LEU A 645 1.99 41.45 25.47
C LEU A 645 1.44 42.45 26.48
N TYR A 646 2.30 43.26 27.08
CA TYR A 646 1.88 44.24 28.07
C TYR A 646 1.46 45.57 27.45
N GLY A 647 1.51 45.69 26.12
CA GLY A 647 1.14 46.92 25.45
C GLY A 647 2.23 47.96 25.36
N TYR A 648 3.46 47.63 25.77
CA TYR A 648 4.55 48.59 25.68
C TYR A 648 4.95 48.82 24.24
N ASP A 649 5.24 50.07 23.91
CA ASP A 649 5.67 50.42 22.56
C ASP A 649 7.08 49.88 22.29
N PRO A 650 7.36 49.47 21.06
CA PRO A 650 8.71 48.98 20.74
C PRO A 650 9.73 50.09 20.79
N VAL A 651 10.97 49.71 21.09
CA VAL A 651 12.10 50.62 21.10
C VAL A 651 12.88 50.41 19.82
N LEU A 652 13.00 51.46 19.01
CA LEU A 652 13.66 51.39 17.72
C LEU A 652 14.94 52.21 17.73
N THR A 653 16.00 51.65 17.19
CA THR A 653 17.29 52.32 17.12
C THR A 653 17.66 52.67 15.68
N SER A 718 2.66 57.43 38.18
CA SER A 718 2.45 56.33 37.25
C SER A 718 1.93 55.09 37.98
N GLN A 719 1.96 55.14 39.33
CA GLN A 719 1.47 54.01 40.12
C GLN A 719 -0.02 53.78 39.89
N LYS A 720 -0.80 54.85 39.85
CA LYS A 720 -2.23 54.71 39.60
C LYS A 720 -2.50 54.13 38.22
N SER A 721 -1.78 54.60 37.21
CA SER A 721 -1.94 54.06 35.86
C SER A 721 -1.49 52.60 35.79
N LEU A 722 -0.40 52.27 36.49
CA LEU A 722 0.08 50.89 36.51
C LEU A 722 -0.95 49.96 37.15
N GLU A 723 -1.56 50.39 38.26
CA GLU A 723 -2.57 49.57 38.90
C GLU A 723 -3.83 49.47 38.05
N LYS A 724 -4.20 50.54 37.36
CA LYS A 724 -5.39 50.51 36.49
C LYS A 724 -5.17 49.56 35.32
N ARG A 725 -3.96 49.54 34.75
CA ARG A 725 -3.71 48.72 33.57
C ARG A 725 -3.58 47.24 33.94
N PHE A 726 -2.66 46.92 34.85
CA PHE A 726 -2.32 45.53 35.10
C PHE A 726 -3.26 44.89 36.12
N GLY A 727 -3.33 45.44 37.31
CA GLY A 727 -4.19 44.87 38.34
C GLY A 727 -3.90 45.46 39.71
N GLN A 728 -4.24 44.69 40.74
CA GLN A 728 -4.09 45.14 42.12
C GLN A 728 -3.13 44.26 42.90
N SER A 729 -2.23 43.57 42.19
CA SER A 729 -1.22 42.74 42.83
C SER A 729 0.14 43.40 42.69
N PRO A 730 0.74 43.91 43.76
CA PRO A 730 2.06 44.55 43.63
C PRO A 730 3.16 43.62 43.16
N VAL A 731 3.04 42.32 43.40
CA VAL A 731 4.07 41.38 42.96
C VAL A 731 4.11 41.29 41.44
N PHE A 732 2.93 41.20 40.80
CA PHE A 732 2.89 41.15 39.33
C PHE A 732 3.38 42.46 38.73
N ILE A 733 3.01 43.60 39.33
CA ILE A 733 3.47 44.89 38.83
C ILE A 733 4.98 45.00 38.94
N ALA A 734 5.54 44.56 40.06
CA ALA A 734 6.99 44.58 40.23
C ALA A 734 7.68 43.64 39.24
N ALA A 735 7.10 42.46 39.02
CA ALA A 735 7.68 41.51 38.07
C ALA A 735 7.58 41.99 36.63
N THR A 736 6.65 42.92 36.35
CA THR A 736 6.56 43.48 35.00
C THR A 736 7.83 44.25 34.63
N PHE A 737 8.40 44.97 35.60
CA PHE A 737 9.58 45.79 35.32
C PHE A 737 10.78 44.97 34.90
N MET A 738 10.82 43.68 35.25
CA MET A 738 11.96 42.83 34.88
C MET A 738 11.88 42.52 33.39
N GLU A 739 12.62 43.29 32.59
CA GLU A 739 12.56 43.09 31.14
C GLU A 739 13.32 41.85 30.70
N GLN A 740 14.34 41.44 31.46
CA GLN A 740 15.10 40.24 31.15
C GLN A 740 14.57 39.00 31.83
N GLY A 741 13.52 39.13 32.65
CA GLY A 741 12.97 37.99 33.36
C GLY A 741 13.68 37.71 34.67
N GLY A 742 13.14 36.73 35.38
CA GLY A 742 13.69 36.34 36.66
C GLY A 742 12.97 36.99 37.83
N ILE A 743 13.05 36.32 38.97
CA ILE A 743 12.38 36.83 40.18
C ILE A 743 13.14 38.05 40.69
N PRO A 744 12.47 39.17 40.95
CA PRO A 744 13.17 40.33 41.49
C PRO A 744 13.77 40.03 42.84
N PRO A 745 14.94 40.60 43.15
CA PRO A 745 15.55 40.33 44.47
C PRO A 745 14.70 40.78 45.64
N SER A 746 13.90 41.84 45.48
CA SER A 746 13.07 42.32 46.57
C SER A 746 11.97 41.32 46.92
N THR A 747 11.41 40.65 45.91
CA THR A 747 10.31 39.71 46.14
C THR A 747 10.83 38.46 46.82
N ASN A 748 10.42 38.24 48.06
CA ASN A 748 10.84 37.05 48.79
C ASN A 748 10.13 35.82 48.21
N PRO A 749 10.85 34.72 48.00
CA PRO A 749 10.21 33.51 47.47
C PRO A 749 9.37 32.75 48.48
N ALA A 750 9.35 33.17 49.75
CA ALA A 750 8.58 32.46 50.76
C ALA A 750 7.08 32.61 50.54
N THR A 751 6.64 33.71 49.94
CA THR A 751 5.22 33.95 49.75
C THR A 751 4.90 34.09 48.27
N LEU A 752 5.45 33.20 47.45
CA LEU A 752 5.20 33.21 46.01
C LEU A 752 4.03 32.35 45.60
N LEU A 753 3.37 31.67 46.55
CA LEU A 753 2.22 30.83 46.25
C LEU A 753 0.90 31.49 46.59
N LYS A 754 0.81 32.17 47.74
CA LYS A 754 -0.43 32.87 48.09
C LYS A 754 -0.73 33.99 47.11
N GLU A 755 0.31 34.72 46.68
CA GLU A 755 0.10 35.79 45.72
C GLU A 755 -0.38 35.24 44.38
N ALA A 756 0.16 34.09 43.96
CA ALA A 756 -0.29 33.48 42.71
C ALA A 756 -1.76 33.09 42.80
N ILE A 757 -2.20 32.59 43.95
CA ILE A 757 -3.62 32.27 44.14
C ILE A 757 -4.45 33.54 44.12
N HIS A 758 -3.92 34.63 44.66
CA HIS A 758 -4.65 35.90 44.63
C HIS A 758 -4.88 36.38 43.21
N VAL A 759 -3.88 36.23 42.33
CA VAL A 759 -4.03 36.67 40.95
C VAL A 759 -5.01 35.78 40.18
N ILE A 760 -5.01 34.47 40.45
CA ILE A 760 -5.83 33.53 39.70
C ILE A 760 -7.32 33.69 40.01
N SER A 761 -7.69 34.51 40.98
CA SER A 761 -9.09 34.70 41.32
C SER A 761 -9.84 35.34 40.16
N CYS A 762 -11.12 34.99 40.04
CA CYS A 762 -11.94 35.47 38.92
C CYS A 762 -12.28 36.95 39.03
N GLY A 763 -12.07 37.58 40.18
CA GLY A 763 -12.39 38.98 40.33
C GLY A 763 -11.21 39.90 40.11
N TYR A 764 -10.16 39.38 39.46
CA TYR A 764 -8.96 40.17 39.26
C TYR A 764 -9.08 41.11 38.06
N GLU A 765 -9.60 40.60 36.95
CA GLU A 765 -9.66 41.39 35.72
C GLU A 765 -10.73 42.48 35.74
N ASP A 766 -11.59 42.51 36.77
CA ASP A 766 -12.62 43.54 36.86
C ASP A 766 -11.98 44.91 36.97
N LYS A 767 -12.48 45.87 36.18
CA LYS A 767 -12.02 47.25 36.16
C LYS A 767 -10.56 47.38 35.74
N THR A 768 -10.05 46.41 34.97
CA THR A 768 -8.70 46.47 34.42
C THR A 768 -8.77 46.52 32.90
N GLU A 769 -7.59 46.59 32.28
CA GLU A 769 -7.48 46.66 30.83
C GLU A 769 -7.16 45.31 30.19
N TRP A 770 -7.18 44.24 30.98
CA TRP A 770 -6.92 42.92 30.43
C TRP A 770 -8.01 42.51 29.46
N GLY A 771 -7.61 41.95 28.33
CA GLY A 771 -8.54 41.56 27.29
C GLY A 771 -8.92 42.66 26.33
N LYS A 772 -8.43 43.88 26.54
CA LYS A 772 -8.70 45.01 25.65
C LYS A 772 -7.45 45.56 25.00
N GLU A 773 -6.38 45.73 25.78
CA GLU A 773 -5.12 46.26 25.25
C GLU A 773 -3.96 45.35 25.64
N ILE A 774 -4.07 44.69 26.79
CA ILE A 774 -2.99 43.89 27.36
C ILE A 774 -3.33 42.41 27.16
N GLY A 775 -2.35 41.66 26.66
CA GLY A 775 -2.53 40.23 26.50
C GLY A 775 -3.49 39.87 25.38
N TRP A 776 -4.08 38.68 25.53
CA TRP A 776 -5.06 38.20 24.56
C TRP A 776 -6.29 39.10 24.57
N ILE A 777 -6.88 39.27 23.39
CA ILE A 777 -8.04 40.15 23.20
C ILE A 777 -9.29 39.28 23.04
N TYR A 778 -10.33 39.63 23.80
CA TYR A 778 -11.60 38.93 23.70
C TYR A 778 -12.38 39.41 22.48
N GLY A 779 -13.57 38.84 22.30
CA GLY A 779 -14.47 39.28 21.26
C GLY A 779 -14.43 38.49 19.97
N SER A 780 -13.75 37.34 19.94
CA SER A 780 -13.69 36.53 18.73
C SER A 780 -13.37 35.09 19.12
N VAL A 781 -14.01 34.14 18.43
CA VAL A 781 -13.67 32.74 18.62
C VAL A 781 -12.28 32.45 18.08
N THR A 782 -11.94 33.03 16.93
CA THR A 782 -10.58 32.98 16.39
C THR A 782 -9.78 34.20 16.87
N GLU A 783 -9.61 34.25 18.19
CA GLU A 783 -9.04 35.38 18.89
C GLU A 783 -7.52 35.51 18.70
N ASP A 784 -6.93 34.76 17.77
CA ASP A 784 -5.51 34.88 17.50
C ASP A 784 -5.20 35.99 16.50
N ILE A 785 -6.05 36.18 15.50
CA ILE A 785 -5.82 37.23 14.51
C ILE A 785 -5.91 38.60 15.16
N LEU A 786 -6.89 38.81 16.04
CA LEU A 786 -7.06 40.11 16.68
C LEU A 786 -5.86 40.47 17.55
N THR A 787 -5.33 39.50 18.28
CA THR A 787 -4.16 39.77 19.13
C THR A 787 -2.96 40.16 18.30
N GLY A 788 -2.71 39.44 17.20
CA GLY A 788 -1.59 39.78 16.34
C GLY A 788 -1.74 41.14 15.70
N PHE A 789 -2.95 41.46 15.24
CA PHE A 789 -3.20 42.78 14.65
C PHE A 789 -3.00 43.89 15.68
N LYS A 790 -3.46 43.67 16.91
CA LYS A 790 -3.27 44.66 17.96
C LYS A 790 -1.79 44.87 18.27
N MET A 791 -1.01 43.79 18.30
CA MET A 791 0.42 43.92 18.52
C MET A 791 1.10 44.66 17.37
N HIS A 792 0.70 44.34 16.13
CA HIS A 792 1.31 44.97 14.97
C HIS A 792 0.93 46.43 14.82
N ALA A 793 -0.21 46.84 15.39
CA ALA A 793 -0.64 48.23 15.28
C ALA A 793 0.26 49.19 16.04
N ARG A 794 1.06 48.68 16.99
CA ARG A 794 1.94 49.52 17.79
C ARG A 794 3.32 49.69 17.16
N GLY A 795 3.56 49.11 15.99
CA GLY A 795 4.85 49.20 15.33
C GLY A 795 5.73 47.98 15.46
N TRP A 796 5.30 46.97 16.20
CA TRP A 796 6.09 45.76 16.33
C TRP A 796 6.11 44.99 15.01
N ILE A 797 7.13 44.15 14.85
CA ILE A 797 7.26 43.27 13.70
C ILE A 797 7.45 41.85 14.19
N SER A 798 7.09 40.89 13.34
CA SER A 798 7.20 39.47 13.66
C SER A 798 8.14 38.79 12.67
N ILE A 799 8.66 37.65 13.09
CA ILE A 799 9.69 36.92 12.34
C ILE A 799 9.16 35.53 12.02
N TYR A 800 9.25 35.15 10.75
CA TYR A 800 8.87 33.82 10.28
C TYR A 800 10.13 33.02 10.02
N CYS A 801 10.21 31.84 10.62
CA CYS A 801 11.37 30.97 10.46
C CYS A 801 10.91 29.58 10.07
N MET A 802 11.67 28.94 9.18
CA MET A 802 11.36 27.59 8.70
C MET A 802 12.55 26.67 8.93
N PRO A 803 12.57 25.89 10.01
CA PRO A 803 13.68 24.98 10.23
C PRO A 803 13.70 23.87 9.18
N PRO A 804 14.86 23.30 8.89
CA PRO A 804 14.89 22.15 7.95
C PRO A 804 14.04 20.99 8.42
N ARG A 805 13.99 20.74 9.72
CA ARG A 805 13.08 19.77 10.33
C ARG A 805 11.99 20.51 11.07
N PRO A 806 10.71 20.20 10.83
CA PRO A 806 9.63 20.98 11.44
C PRO A 806 9.73 21.00 12.96
N ALA A 807 9.48 22.18 13.54
CA ALA A 807 9.58 22.33 14.99
C ALA A 807 8.41 21.69 15.70
N PHE A 808 7.19 21.88 15.18
CA PHE A 808 5.98 21.38 15.80
C PHE A 808 5.21 20.51 14.82
N LYS A 809 4.67 19.41 15.33
CA LYS A 809 3.83 18.52 14.54
C LYS A 809 2.56 18.19 15.32
N GLY A 810 1.42 18.22 14.62
CA GLY A 810 0.14 17.96 15.24
C GLY A 810 -0.64 16.90 14.50
N SER A 811 -1.82 16.60 15.04
CA SER A 811 -2.71 15.61 14.46
C SER A 811 -3.80 16.32 13.66
N ALA A 812 -3.88 16.03 12.37
CA ALA A 812 -4.87 16.65 11.52
C ALA A 812 -6.19 15.87 11.55
N PRO A 813 -7.31 16.56 11.38
CA PRO A 813 -8.60 15.86 11.31
C PRO A 813 -8.69 14.96 10.09
N ILE A 814 -9.42 13.86 10.24
CA ILE A 814 -9.60 12.87 9.18
C ILE A 814 -11.06 12.78 8.75
N ASN A 815 -11.85 13.80 9.07
CA ASN A 815 -13.27 13.82 8.74
C ASN A 815 -13.60 15.09 7.97
N LEU A 816 -14.44 14.95 6.95
CA LEU A 816 -14.92 16.13 6.22
C LEU A 816 -15.75 17.03 7.13
N SER A 817 -16.58 16.43 7.99
CA SER A 817 -17.43 17.22 8.87
C SER A 817 -16.61 18.03 9.85
N ASP A 818 -15.59 17.40 10.46
CA ASP A 818 -14.75 18.12 11.42
C ASP A 818 -13.97 19.25 10.75
N ARG A 819 -13.42 18.97 9.56
CA ARG A 819 -12.68 19.99 8.83
C ARG A 819 -13.59 21.17 8.49
N LEU A 820 -14.80 20.89 8.02
CA LEU A 820 -15.74 21.96 7.71
C LEU A 820 -16.17 22.70 8.96
N ASN A 821 -16.26 22.00 10.10
CA ASN A 821 -16.60 22.66 11.34
C ASN A 821 -15.54 23.68 11.73
N GLN A 822 -14.27 23.31 11.61
CA GLN A 822 -13.20 24.25 11.96
C GLN A 822 -13.11 25.40 10.95
N VAL A 823 -13.36 25.12 9.67
CA VAL A 823 -13.39 26.20 8.67
C VAL A 823 -14.53 27.15 8.97
N LEU A 824 -15.69 26.61 9.33
CA LEU A 824 -16.84 27.45 9.69
C LEU A 824 -16.50 28.31 10.91
N ARG A 825 -15.81 27.73 11.89
CA ARG A 825 -15.41 28.50 13.07
C ARG A 825 -14.50 29.66 12.70
N TRP A 826 -13.49 29.39 11.85
CA TRP A 826 -12.58 30.45 11.44
C TRP A 826 -13.30 31.55 10.67
N ALA A 827 -14.15 31.16 9.72
CA ALA A 827 -14.86 32.15 8.91
C ALA A 827 -15.84 32.96 9.75
N LEU A 828 -16.53 32.30 10.69
CA LEU A 828 -17.44 33.00 11.58
C LEU A 828 -16.69 34.00 12.46
N GLY A 829 -15.51 33.61 12.94
CA GLY A 829 -14.70 34.54 13.70
C GLY A 829 -14.28 35.75 12.89
N SER A 830 -13.89 35.53 11.64
CA SER A 830 -13.51 36.64 10.77
C SER A 830 -14.69 37.58 10.53
N ILE A 831 -15.88 37.01 10.28
CA ILE A 831 -17.07 37.85 10.08
C ILE A 831 -17.39 38.63 11.35
N GLU A 832 -17.32 37.97 12.52
CA GLU A 832 -17.61 38.65 13.77
C GLU A 832 -16.62 39.78 14.03
N ILE A 833 -15.35 39.58 13.66
CA ILE A 833 -14.37 40.67 13.76
C ILE A 833 -14.75 41.82 12.82
N PHE A 834 -15.17 41.49 11.60
CA PHE A 834 -15.44 42.52 10.60
C PHE A 834 -16.56 43.46 11.04
N LEU A 835 -17.63 42.90 11.62
CA LEU A 835 -18.76 43.75 12.00
C LEU A 835 -18.47 44.56 13.25
N SER A 836 -17.63 44.04 14.14
CA SER A 836 -17.28 44.76 15.37
C SER A 836 -16.15 45.75 15.07
N ARG A 837 -15.62 46.36 16.12
CA ARG A 837 -14.53 47.33 15.98
C ARG A 837 -13.20 46.60 15.81
N HIS A 838 -12.10 47.34 15.94
CA HIS A 838 -10.75 46.80 15.82
C HIS A 838 -10.48 46.20 14.45
N CYS A 839 -11.12 46.75 13.42
CA CYS A 839 -10.90 46.31 12.06
C CYS A 839 -9.75 47.08 11.42
N PRO A 840 -9.10 46.49 10.41
CA PRO A 840 -8.05 47.24 9.71
C PRO A 840 -8.57 48.48 9.00
N LEU A 841 -9.86 48.55 8.71
CA LEU A 841 -10.41 49.68 7.97
C LEU A 841 -10.52 50.92 8.85
N TRP A 842 -11.31 50.83 9.93
CA TRP A 842 -11.55 52.00 10.76
C TRP A 842 -10.66 52.07 11.99
N TYR A 843 -9.90 51.01 12.29
CA TYR A 843 -8.98 51.00 13.42
C TYR A 843 -7.57 50.74 12.93
N GLY A 844 -6.59 51.27 13.68
CA GLY A 844 -5.20 51.14 13.32
C GLY A 844 -4.63 52.31 12.56
N TYR A 845 -5.37 53.41 12.42
CA TYR A 845 -4.90 54.60 11.71
C TYR A 845 -4.02 55.43 12.64
N ASN A 846 -2.85 54.84 12.97
CA ASN A 846 -1.88 55.50 13.83
C ASN A 846 -0.62 55.93 13.10
N GLY A 847 -0.36 55.38 11.90
CA GLY A 847 0.82 55.71 11.14
C GLY A 847 1.99 54.77 11.32
N LYS A 848 1.85 53.73 12.14
CA LYS A 848 2.92 52.77 12.37
C LYS A 848 2.68 51.43 11.70
N LEU A 849 1.49 51.16 11.20
CA LEU A 849 1.18 49.93 10.51
C LEU A 849 1.38 50.12 9.01
N LYS A 850 2.20 49.27 8.40
CA LYS A 850 2.50 49.42 6.99
C LYS A 850 1.26 49.14 6.15
N PRO A 851 1.05 49.89 5.06
CA PRO A 851 -0.17 49.69 4.26
C PRO A 851 -0.30 48.28 3.68
N LEU A 852 0.82 47.65 3.31
CA LEU A 852 0.75 46.29 2.79
C LEU A 852 0.27 45.31 3.85
N MET A 853 0.71 45.50 5.10
CA MET A 853 0.18 44.69 6.19
C MET A 853 -1.30 44.94 6.40
N ARG A 854 -1.76 46.18 6.20
CA ARG A 854 -3.19 46.47 6.24
C ARG A 854 -3.92 45.68 5.16
N LEU A 855 -3.35 45.61 3.96
CA LEU A 855 -3.98 44.85 2.88
C LEU A 855 -4.05 43.36 3.24
N ALA A 856 -2.98 42.82 3.82
CA ALA A 856 -2.99 41.41 4.21
C ALA A 856 -4.03 41.14 5.29
N TYR A 857 -4.12 42.02 6.28
CA TYR A 857 -5.13 41.85 7.33
C TYR A 857 -6.53 41.96 6.77
N ILE A 858 -6.75 42.90 5.85
CA ILE A 858 -8.05 43.06 5.22
C ILE A 858 -8.43 41.79 4.47
N ASN A 859 -7.49 41.22 3.71
CA ASN A 859 -7.77 40.00 2.97
C ASN A 859 -8.13 38.86 3.92
N THR A 860 -7.36 38.69 4.99
CA THR A 860 -7.61 37.58 5.92
C THR A 860 -8.95 37.73 6.62
N ILE A 861 -9.38 38.97 6.85
CA ILE A 861 -10.67 39.18 7.52
C ILE A 861 -11.84 39.14 6.56
N VAL A 862 -11.63 39.45 5.28
CA VAL A 862 -12.74 39.66 4.34
C VAL A 862 -13.05 38.40 3.55
N TYR A 863 -12.06 37.51 3.38
CA TYR A 863 -12.21 36.42 2.42
C TYR A 863 -13.43 35.51 2.65
N PRO A 864 -14.05 35.50 3.84
CA PRO A 864 -15.42 34.99 3.92
C PRO A 864 -16.36 35.56 2.87
N PHE A 865 -16.27 36.86 2.60
CA PHE A 865 -17.31 37.59 1.88
C PHE A 865 -17.35 37.28 0.38
N THR A 866 -16.38 36.54 -0.14
CA THR A 866 -16.33 36.22 -1.56
C THR A 866 -17.18 35.00 -1.92
N SER A 867 -17.92 34.46 -0.96
CA SER A 867 -18.70 33.24 -1.21
C SER A 867 -19.86 33.52 -2.16
N ILE A 868 -20.59 34.62 -1.93
CA ILE A 868 -21.79 34.89 -2.74
C ILE A 868 -21.48 35.00 -4.23
N PRO A 869 -20.46 35.76 -4.67
CA PRO A 869 -20.11 35.70 -6.10
C PRO A 869 -19.71 34.31 -6.56
N LEU A 870 -19.06 33.54 -5.69
CA LEU A 870 -18.62 32.20 -6.07
C LEU A 870 -19.80 31.27 -6.30
N ILE A 871 -20.78 31.28 -5.38
CA ILE A 871 -21.94 30.41 -5.54
C ILE A 871 -22.78 30.86 -6.73
N ALA A 872 -22.85 32.18 -6.98
CA ALA A 872 -23.54 32.65 -8.16
C ALA A 872 -22.86 32.16 -9.44
N TYR A 873 -21.53 32.19 -9.47
CA TYR A 873 -20.80 31.72 -10.63
C TYR A 873 -20.99 30.22 -10.82
N CYS A 874 -21.07 29.46 -9.72
CA CYS A 874 -21.27 28.02 -9.81
C CYS A 874 -22.74 27.64 -10.01
N THR A 875 -23.67 28.56 -9.79
CA THR A 875 -25.08 28.34 -10.05
C THR A 875 -25.46 28.75 -11.47
N LEU A 876 -24.61 29.52 -12.13
CA LEU A 876 -24.82 29.95 -13.51
C LEU A 876 -25.12 28.83 -14.51
N PRO A 877 -24.43 27.67 -14.50
CA PRO A 877 -24.53 26.76 -15.66
C PRO A 877 -25.93 26.24 -15.93
N ALA A 878 -26.58 25.63 -14.92
CA ALA A 878 -27.87 25.01 -15.17
C ALA A 878 -28.93 26.04 -15.54
N PHE A 879 -28.95 27.17 -14.83
CA PHE A 879 -29.92 28.22 -15.15
C PHE A 879 -29.71 28.75 -16.56
N CYS A 880 -28.46 28.93 -16.97
CA CYS A 880 -28.19 29.42 -18.32
C CYS A 880 -28.56 28.39 -19.38
N LEU A 881 -28.11 27.14 -19.19
CA LEU A 881 -28.23 26.15 -20.25
C LEU A 881 -29.65 25.60 -20.37
N LEU A 882 -30.41 25.59 -19.27
CA LEU A 882 -31.82 25.22 -19.38
C LEU A 882 -32.57 26.23 -20.24
N THR A 883 -32.22 27.50 -20.13
CA THR A 883 -32.67 28.53 -21.05
C THR A 883 -31.70 28.56 -22.24
N ASN A 884 -31.78 29.56 -23.08
CA ASN A 884 -30.90 29.69 -24.24
C ASN A 884 -29.77 30.67 -23.93
N LYS A 885 -28.94 30.93 -24.93
CA LYS A 885 -27.84 31.88 -24.87
C LYS A 885 -26.79 31.49 -23.84
N PHE A 886 -25.88 32.41 -23.52
CA PHE A 886 -24.75 32.16 -22.64
C PHE A 886 -24.16 33.53 -22.27
N ILE A 887 -23.09 33.52 -21.48
CA ILE A 887 -22.38 34.75 -21.14
C ILE A 887 -21.43 35.20 -22.24
N ILE A 888 -21.20 34.38 -23.25
CA ILE A 888 -20.19 34.64 -24.27
C ILE A 888 -20.86 35.00 -25.59
N PRO A 889 -20.30 35.93 -26.35
CA PRO A 889 -20.82 36.18 -27.70
C PRO A 889 -20.14 35.29 -28.73
N GLU A 890 -20.48 35.47 -30.00
CA GLU A 890 -19.82 34.71 -31.06
C GLU A 890 -18.35 35.13 -31.16
N ILE A 891 -17.50 34.16 -31.51
CA ILE A 891 -16.07 34.41 -31.60
C ILE A 891 -15.78 35.21 -32.87
N SER A 892 -15.10 36.33 -32.71
CA SER A 892 -14.77 37.22 -33.82
C SER A 892 -13.45 37.90 -33.50
N ASN A 893 -13.15 38.98 -34.21
CA ASN A 893 -11.93 39.74 -33.95
C ASN A 893 -11.96 40.32 -32.54
N PHE A 894 -10.84 40.16 -31.82
CA PHE A 894 -10.66 40.70 -30.47
C PHE A 894 -11.60 40.04 -29.46
N ALA A 895 -12.40 39.07 -29.91
CA ALA A 895 -13.35 38.42 -29.01
C ALA A 895 -12.67 37.30 -28.23
N SER A 896 -12.14 36.30 -28.93
CA SER A 896 -11.48 35.18 -28.28
C SER A 896 -10.05 35.50 -27.86
N MET A 897 -9.48 36.60 -28.37
CA MET A 897 -8.11 36.96 -28.00
C MET A 897 -7.98 37.19 -26.50
N TRP A 898 -8.90 37.97 -25.93
CA TRP A 898 -8.87 38.21 -24.49
C TRP A 898 -9.16 36.93 -23.71
N PHE A 899 -10.04 36.06 -24.24
CA PHE A 899 -10.33 34.80 -23.58
C PHE A 899 -9.06 33.97 -23.41
N ILE A 900 -8.34 33.76 -24.52
CA ILE A 900 -7.13 32.94 -24.47
C ILE A 900 -6.04 33.63 -23.66
N LEU A 901 -5.93 34.95 -23.79
CA LEU A 901 -4.90 35.68 -23.04
C LEU A 901 -5.11 35.54 -21.54
N LEU A 902 -6.34 35.74 -21.07
CA LEU A 902 -6.61 35.62 -19.63
C LEU A 902 -6.39 34.19 -19.15
N PHE A 903 -6.89 33.20 -19.89
CA PHE A 903 -6.73 31.82 -19.46
C PHE A 903 -5.26 31.43 -19.42
N VAL A 904 -4.49 31.81 -20.44
CA VAL A 904 -3.08 31.46 -20.48
C VAL A 904 -2.33 32.11 -19.33
N SER A 905 -2.59 33.39 -19.06
CA SER A 905 -1.87 34.06 -17.97
C SER A 905 -2.29 33.52 -16.60
N ILE A 906 -3.56 33.15 -16.45
CA ILE A 906 -4.01 32.53 -15.21
C ILE A 906 -3.21 31.25 -14.95
N PHE A 907 -3.04 30.43 -15.98
CA PHE A 907 -2.21 29.24 -15.83
C PHE A 907 -0.72 29.57 -15.77
N THR A 908 -0.32 30.74 -16.28
CA THR A 908 1.09 31.08 -16.35
C THR A 908 1.66 31.44 -14.98
N THR A 909 0.91 32.22 -14.19
CA THR A 909 1.42 32.61 -12.88
C THR A 909 1.52 31.41 -11.93
N SER A 910 0.71 30.37 -12.18
CA SER A 910 0.71 29.22 -11.28
C SER A 910 2.04 28.48 -11.31
N ILE A 911 2.62 28.28 -12.50
CA ILE A 911 3.86 27.52 -12.59
C ILE A 911 5.01 28.30 -11.96
N LEU A 912 5.02 29.63 -12.11
CA LEU A 912 6.03 30.43 -11.43
C LEU A 912 5.86 30.38 -9.92
N GLU A 913 4.61 30.40 -9.45
CA GLU A 913 4.36 30.26 -8.01
C GLU A 913 4.92 28.95 -7.49
N LEU A 914 4.62 27.85 -8.19
CA LEU A 914 5.16 26.55 -7.78
C LEU A 914 6.68 26.50 -7.90
N ARG A 915 7.24 27.21 -8.89
CA ARG A 915 8.68 27.17 -9.09
C ARG A 915 9.43 27.82 -7.94
N TRP A 916 9.03 29.04 -7.56
CA TRP A 916 9.76 29.72 -6.48
C TRP A 916 9.40 29.15 -5.12
N SER A 917 8.13 28.80 -4.91
CA SER A 917 7.71 28.29 -3.60
C SER A 917 8.13 26.84 -3.38
N GLY A 918 8.17 26.04 -4.45
CA GLY A 918 8.46 24.63 -4.32
C GLY A 918 7.26 23.74 -4.09
N VAL A 919 6.05 24.26 -4.30
CA VAL A 919 4.83 23.50 -4.07
C VAL A 919 4.55 22.63 -5.29
N SER A 920 4.18 21.38 -5.05
CA SER A 920 3.84 20.47 -6.14
C SER A 920 2.51 20.88 -6.77
N ILE A 921 2.32 20.43 -8.02
CA ILE A 921 1.10 20.78 -8.75
C ILE A 921 -0.11 20.13 -8.10
N GLU A 922 0.03 18.90 -7.61
CA GLU A 922 -1.09 18.21 -6.99
C GLU A 922 -1.59 18.95 -5.76
N ASP A 923 -0.67 19.48 -4.94
CA ASP A 923 -1.08 20.22 -3.75
C ASP A 923 -1.84 21.49 -4.11
N TRP A 924 -1.38 22.21 -5.14
CA TRP A 924 -2.08 23.42 -5.57
C TRP A 924 -3.46 23.08 -6.11
N TRP A 925 -3.57 22.02 -6.91
CA TRP A 925 -4.87 21.61 -7.44
C TRP A 925 -5.82 21.21 -6.32
N ARG A 926 -5.32 20.47 -5.33
CA ARG A 926 -6.13 20.10 -4.18
C ARG A 926 -6.57 21.32 -3.39
N ASN A 927 -5.68 22.30 -3.23
CA ASN A 927 -6.04 23.53 -2.55
C ASN A 927 -7.13 24.27 -3.30
N GLU A 928 -7.08 24.25 -4.64
CA GLU A 928 -8.14 24.87 -5.42
C GLU A 928 -9.48 24.19 -5.20
N GLN A 929 -9.49 22.85 -5.18
CA GLN A 929 -10.74 22.13 -4.93
C GLN A 929 -11.30 22.47 -3.55
N PHE A 930 -10.44 22.47 -2.54
CA PHE A 930 -10.89 22.82 -1.20
C PHE A 930 -11.37 24.26 -1.14
N TRP A 931 -10.69 25.18 -1.84
CA TRP A 931 -11.13 26.56 -1.87
C TRP A 931 -12.56 26.66 -2.40
N VAL A 932 -12.88 25.92 -3.45
CA VAL A 932 -14.23 25.97 -4.01
C VAL A 932 -15.25 25.43 -3.02
N ILE A 933 -15.01 24.21 -2.49
CA ILE A 933 -16.03 23.58 -1.65
C ILE A 933 -16.19 24.36 -0.35
N GLY A 934 -15.08 24.79 0.25
CA GLY A 934 -15.16 25.63 1.43
C GLY A 934 -15.73 27.00 1.14
N GLY A 935 -15.61 27.46 -0.10
CA GLY A 935 -16.31 28.68 -0.50
C GLY A 935 -17.81 28.53 -0.41
N THR A 936 -18.31 27.33 -0.75
CA THR A 936 -19.74 27.06 -0.62
C THR A 936 -20.10 26.62 0.79
N SER A 937 -19.53 25.49 1.23
CA SER A 937 -20.06 24.79 2.39
C SER A 937 -20.06 25.66 3.65
N ALA A 938 -18.94 26.31 3.93
CA ALA A 938 -18.81 27.03 5.20
C ALA A 938 -19.11 28.52 5.07
N HIS A 939 -18.73 29.13 3.95
CA HIS A 939 -18.62 30.59 3.91
C HIS A 939 -19.97 31.32 3.81
N LEU A 940 -20.92 30.82 3.02
CA LEU A 940 -22.23 31.49 3.02
C LEU A 940 -22.91 31.39 4.38
N PHE A 941 -22.77 30.26 5.05
CA PHE A 941 -23.34 30.16 6.39
C PHE A 941 -22.60 31.03 7.40
N ALA A 942 -21.29 31.21 7.24
CA ALA A 942 -20.59 32.17 8.08
C ALA A 942 -21.13 33.58 7.86
N VAL A 943 -21.32 33.97 6.60
CA VAL A 943 -21.88 35.28 6.29
C VAL A 943 -23.31 35.39 6.80
N PHE A 944 -24.10 34.34 6.60
CA PHE A 944 -25.50 34.36 7.02
C PHE A 944 -25.62 34.50 8.54
N GLN A 945 -24.85 33.68 9.27
CA GLN A 945 -24.91 33.74 10.73
C GLN A 945 -24.44 35.10 11.25
N GLY A 946 -23.35 35.62 10.69
CA GLY A 946 -22.87 36.93 11.13
C GLY A 946 -23.87 38.03 10.85
N LEU A 947 -24.42 38.05 9.63
CA LEU A 947 -25.37 39.09 9.25
C LEU A 947 -26.63 39.03 10.11
N LEU A 948 -27.21 37.84 10.25
CA LEU A 948 -28.44 37.70 11.03
C LEU A 948 -28.20 38.00 12.51
N LYS A 949 -27.09 37.52 13.08
CA LYS A 949 -26.81 37.76 14.48
C LYS A 949 -26.56 39.25 14.75
N VAL A 950 -25.86 39.92 13.84
CA VAL A 950 -25.57 41.34 14.03
C VAL A 950 -26.86 42.15 13.93
N LEU A 951 -27.71 41.85 12.95
CA LEU A 951 -28.95 42.59 12.79
C LEU A 951 -30.04 42.17 13.77
N ALA A 952 -29.83 41.10 14.53
CA ALA A 952 -30.81 40.65 15.50
C ALA A 952 -30.23 40.47 16.90
N GLY A 953 -29.03 41.00 17.15
CA GLY A 953 -28.40 40.86 18.45
C GLY A 953 -27.88 39.47 18.74
N TRP A 979 -27.21 19.97 13.55
CA TRP A 979 -26.29 20.47 12.54
C TRP A 979 -26.34 19.64 11.27
N THR A 980 -25.20 19.46 10.62
CA THR A 980 -25.01 18.75 9.34
C THR A 980 -25.69 19.47 8.19
N SER A 981 -26.28 20.65 8.41
CA SER A 981 -26.83 21.44 7.32
C SER A 981 -25.77 22.24 6.59
N LEU A 982 -24.54 22.27 7.10
CA LEU A 982 -23.43 23.00 6.49
C LEU A 982 -22.93 22.34 5.22
N LEU A 983 -23.49 21.20 4.83
CA LEU A 983 -23.04 20.45 3.66
C LEU A 983 -24.08 20.48 2.54
N ILE A 984 -25.19 21.19 2.72
CA ILE A 984 -26.33 21.14 1.82
C ILE A 984 -26.13 21.99 0.56
N PRO A 985 -25.71 23.26 0.64
CA PRO A 985 -25.64 24.10 -0.58
C PRO A 985 -24.77 23.48 -1.67
N PRO A 986 -23.60 22.90 -1.35
CA PRO A 986 -22.88 22.18 -2.40
C PRO A 986 -23.66 21.01 -2.99
N THR A 987 -24.47 20.33 -2.19
CA THR A 987 -25.28 19.24 -2.71
C THR A 987 -26.31 19.76 -3.70
N THR A 988 -26.96 20.88 -3.38
CA THR A 988 -27.92 21.47 -4.31
C THR A 988 -27.24 21.89 -5.61
N VAL A 989 -26.07 22.52 -5.50
CA VAL A 989 -25.35 22.94 -6.70
C VAL A 989 -24.94 21.73 -7.53
N LEU A 990 -24.45 20.67 -6.87
CA LEU A 990 -24.02 19.48 -7.59
C LEU A 990 -25.18 18.83 -8.34
N ILE A 991 -26.29 18.58 -7.64
CA ILE A 991 -27.44 17.93 -8.28
C ILE A 991 -28.01 18.81 -9.38
N VAL A 992 -28.14 20.11 -9.13
CA VAL A 992 -28.72 21.02 -10.10
C VAL A 992 -27.87 21.05 -11.36
N ASN A 993 -26.54 21.17 -11.20
CA ASN A 993 -25.66 21.22 -12.36
C ASN A 993 -25.69 19.91 -13.14
N LEU A 994 -25.65 18.77 -12.44
CA LEU A 994 -25.62 17.48 -13.13
C LEU A 994 -26.90 17.26 -13.94
N VAL A 995 -28.06 17.43 -13.30
CA VAL A 995 -29.33 17.24 -13.99
C VAL A 995 -29.47 18.24 -15.13
N GLY A 996 -29.07 19.48 -14.89
CA GLY A 996 -29.15 20.51 -15.90
C GLY A 996 -28.35 20.18 -17.15
N ILE A 997 -27.07 19.83 -16.98
CA ILE A 997 -26.23 19.55 -18.15
C ILE A 997 -26.74 18.32 -18.89
N VAL A 998 -27.20 17.31 -18.16
CA VAL A 998 -27.71 16.10 -18.82
C VAL A 998 -28.93 16.44 -19.67
N ALA A 999 -29.91 17.13 -19.08
CA ALA A 999 -31.12 17.49 -19.81
C ALA A 999 -30.82 18.41 -20.98
N GLY A 1000 -29.91 19.37 -20.79
CA GLY A 1000 -29.57 20.30 -21.86
C GLY A 1000 -28.86 19.66 -23.03
N VAL A 1001 -27.93 18.74 -22.76
CA VAL A 1001 -27.29 18.03 -23.86
C VAL A 1001 -28.30 17.14 -24.59
N SER A 1002 -29.22 16.50 -23.86
CA SER A 1002 -30.25 15.71 -24.51
C SER A 1002 -31.14 16.58 -25.38
N TYR A 1003 -31.51 17.77 -24.90
CA TYR A 1003 -32.31 18.69 -25.71
C TYR A 1003 -31.52 19.18 -26.92
N ALA A 1004 -30.20 19.33 -26.79
CA ALA A 1004 -29.38 19.67 -27.95
C ALA A 1004 -29.39 18.54 -28.97
N ILE A 1005 -29.38 17.29 -28.50
CA ILE A 1005 -29.51 16.15 -29.42
C ILE A 1005 -30.84 16.22 -30.15
N ASN A 1006 -31.91 16.57 -29.43
CA ASN A 1006 -33.21 16.74 -30.07
C ASN A 1006 -33.18 17.84 -31.12
N SER A 1007 -32.50 18.96 -30.82
CA SER A 1007 -32.39 20.04 -31.79
C SER A 1007 -31.55 19.61 -33.00
N GLY A 1008 -30.41 18.95 -32.75
CA GLY A 1008 -29.56 18.47 -33.83
C GLY A 1008 -29.05 19.57 -34.73
N TYR A 1009 -28.55 20.65 -34.15
CA TYR A 1009 -28.12 21.83 -34.91
C TYR A 1009 -26.61 21.82 -35.08
N GLN A 1010 -26.15 22.56 -36.09
CA GLN A 1010 -24.72 22.68 -36.40
C GLN A 1010 -24.13 23.90 -35.70
N SER A 1011 -24.25 23.94 -34.37
CA SER A 1011 -23.73 25.05 -33.58
C SER A 1011 -22.79 24.50 -32.50
N TRP A 1012 -21.51 24.37 -32.85
CA TRP A 1012 -20.53 23.82 -31.93
C TRP A 1012 -20.21 24.78 -30.81
N GLY A 1013 -20.24 26.09 -31.08
CA GLY A 1013 -19.87 27.10 -30.13
C GLY A 1013 -20.61 27.03 -28.81
N PRO A 1014 -21.94 27.23 -28.85
CA PRO A 1014 -22.71 27.19 -27.60
C PRO A 1014 -22.60 25.87 -26.86
N LEU A 1015 -22.69 24.75 -27.57
CA LEU A 1015 -22.65 23.44 -26.92
C LEU A 1015 -21.29 23.20 -26.27
N PHE A 1016 -20.21 23.52 -26.98
CA PHE A 1016 -18.87 23.36 -26.41
C PHE A 1016 -18.67 24.28 -25.21
N GLY A 1017 -19.16 25.52 -25.31
CA GLY A 1017 -19.04 26.44 -24.20
C GLY A 1017 -19.77 25.96 -22.96
N LYS A 1018 -20.97 25.42 -23.12
CA LYS A 1018 -21.72 24.89 -21.99
C LYS A 1018 -21.26 23.50 -21.57
N LEU A 1019 -20.44 22.83 -22.37
CA LEU A 1019 -19.90 21.53 -21.99
C LEU A 1019 -18.58 21.66 -21.23
N PHE A 1020 -17.65 22.48 -21.73
CA PHE A 1020 -16.43 22.75 -20.98
C PHE A 1020 -16.76 23.39 -19.62
N PHE A 1021 -17.68 24.35 -19.62
CA PHE A 1021 -18.18 24.89 -18.38
C PHE A 1021 -19.14 23.87 -17.75
N ALA A 1022 -19.30 23.98 -16.43
CA ALA A 1022 -20.14 23.09 -15.63
C ALA A 1022 -19.50 21.71 -15.46
N ILE A 1023 -18.39 21.46 -16.15
CA ILE A 1023 -17.50 20.37 -15.78
C ILE A 1023 -16.40 20.91 -14.87
N TRP A 1024 -16.03 22.18 -15.03
CA TRP A 1024 -15.16 22.85 -14.09
C TRP A 1024 -15.74 22.81 -12.68
N VAL A 1025 -17.05 23.04 -12.56
CA VAL A 1025 -17.70 23.03 -11.24
C VAL A 1025 -17.65 21.64 -10.63
N ILE A 1026 -17.99 20.61 -11.43
CA ILE A 1026 -17.99 19.25 -10.90
C ILE A 1026 -16.59 18.82 -10.52
N ALA A 1027 -15.60 19.18 -11.34
CA ALA A 1027 -14.21 18.84 -11.02
C ALA A 1027 -13.77 19.52 -9.73
N HIS A 1028 -14.14 20.78 -9.53
CA HIS A 1028 -13.83 21.46 -8.28
C HIS A 1028 -14.68 20.95 -7.12
N LEU A 1029 -15.83 20.34 -7.41
CA LEU A 1029 -16.64 19.69 -6.39
C LEU A 1029 -16.46 18.17 -6.41
N TYR A 1030 -15.44 17.67 -7.09
CA TYR A 1030 -15.21 16.23 -7.12
C TYR A 1030 -14.94 15.62 -5.74
N PRO A 1031 -14.10 16.20 -4.88
CA PRO A 1031 -13.98 15.66 -3.52
C PRO A 1031 -15.29 15.67 -2.77
N PHE A 1032 -16.16 16.64 -3.04
CA PHE A 1032 -17.49 16.64 -2.48
C PHE A 1032 -18.28 15.41 -2.91
N LEU A 1033 -18.27 15.09 -4.20
CA LEU A 1033 -18.98 13.93 -4.70
C LEU A 1033 -18.41 12.64 -4.14
N LYS A 1034 -17.07 12.57 -4.03
CA LYS A 1034 -16.43 11.41 -3.45
C LYS A 1034 -16.80 11.25 -1.98
N GLY A 1035 -16.86 12.36 -1.24
CA GLY A 1035 -17.22 12.30 0.17
C GLY A 1035 -18.66 11.86 0.38
N LEU A 1036 -19.59 12.38 -0.42
CA LEU A 1036 -20.99 12.01 -0.27
C LEU A 1036 -21.22 10.55 -0.61
N LEU A 1037 -20.70 10.10 -1.76
CA LEU A 1037 -20.93 8.74 -2.25
C LEU A 1037 -19.60 8.02 -2.33
N GLY A 1038 -19.47 6.94 -1.58
CA GLY A 1038 -18.25 6.16 -1.55
C GLY A 1038 -18.04 5.56 -0.19
N ARG A 1039 -16.82 5.07 0.03
CA ARG A 1039 -16.47 4.47 1.31
C ARG A 1039 -16.37 5.55 2.40
N GLN A 1040 -16.51 5.10 3.64
CA GLN A 1040 -16.48 5.99 4.81
C GLN A 1040 -17.53 7.09 4.69
N ASN A 1041 -18.72 6.73 4.25
CA ASN A 1041 -19.79 7.69 4.08
C ASN A 1041 -20.25 8.25 5.43
N ARG A 1042 -20.54 9.55 5.46
CA ARG A 1042 -21.00 10.23 6.66
C ARG A 1042 -22.18 11.15 6.32
N THR A 1043 -23.07 10.69 5.45
CA THR A 1043 -24.16 11.51 4.95
C THR A 1043 -25.49 11.05 5.54
N PRO A 1044 -26.13 11.84 6.40
CA PRO A 1044 -27.47 11.48 6.87
C PRO A 1044 -28.49 11.57 5.74
N THR A 1045 -29.54 10.74 5.86
CA THR A 1045 -30.59 10.74 4.86
C THR A 1045 -31.37 12.05 4.84
N ILE A 1046 -31.46 12.73 5.99
CA ILE A 1046 -32.20 13.98 6.06
C ILE A 1046 -31.54 15.05 5.19
N VAL A 1047 -30.21 15.04 5.11
CA VAL A 1047 -29.51 15.98 4.25
C VAL A 1047 -29.88 15.73 2.80
N ILE A 1048 -29.93 14.46 2.39
CA ILE A 1048 -30.29 14.14 1.01
C ILE A 1048 -31.73 14.58 0.72
N VAL A 1049 -32.64 14.35 1.66
CA VAL A 1049 -34.03 14.75 1.47
C VAL A 1049 -34.15 16.25 1.31
N TRP A 1050 -33.46 17.01 2.17
CA TRP A 1050 -33.50 18.46 2.08
C TRP A 1050 -32.92 18.95 0.76
N SER A 1051 -31.80 18.35 0.32
CA SER A 1051 -31.19 18.75 -0.93
C SER A 1051 -32.11 18.46 -2.11
N VAL A 1052 -32.80 17.31 -2.09
CA VAL A 1052 -33.73 16.98 -3.16
C VAL A 1052 -34.88 17.97 -3.18
N LEU A 1053 -35.40 18.34 -2.01
CA LEU A 1053 -36.51 19.30 -1.95
C LEU A 1053 -36.08 20.65 -2.52
N LEU A 1054 -34.92 21.15 -2.10
CA LEU A 1054 -34.45 22.44 -2.59
C LEU A 1054 -34.19 22.41 -4.09
N ALA A 1055 -33.60 21.32 -4.59
CA ALA A 1055 -33.37 21.19 -6.03
C ALA A 1055 -34.70 21.12 -6.79
N SER A 1056 -35.71 20.49 -6.21
CA SER A 1056 -37.03 20.46 -6.84
C SER A 1056 -37.61 21.86 -6.95
N ILE A 1057 -37.48 22.67 -5.89
CA ILE A 1057 -37.96 24.05 -5.95
C ILE A 1057 -37.23 24.82 -7.03
N PHE A 1058 -35.91 24.65 -7.12
CA PHE A 1058 -35.13 25.35 -8.14
C PHE A 1058 -35.57 24.93 -9.54
N SER A 1059 -35.73 23.63 -9.77
CA SER A 1059 -36.11 23.13 -11.08
C SER A 1059 -37.49 23.63 -11.48
N LEU A 1060 -38.44 23.65 -10.53
CA LEU A 1060 -39.74 24.21 -10.81
C LEU A 1060 -39.67 25.71 -11.05
N LEU A 1061 -38.72 26.40 -10.41
CA LEU A 1061 -38.55 27.82 -10.64
C LEU A 1061 -38.05 28.11 -12.05
N TRP A 1062 -37.29 27.18 -12.64
CA TRP A 1062 -36.77 27.40 -13.99
C TRP A 1062 -37.92 27.55 -15.00
N VAL A 1063 -38.95 26.72 -14.86
CA VAL A 1063 -40.08 26.76 -15.78
C VAL A 1063 -40.80 28.10 -15.70
N ARG B 261 26.86 -42.52 -13.36
CA ARG B 261 27.21 -42.45 -14.77
C ARG B 261 26.25 -41.55 -15.53
N GLN B 262 25.11 -41.24 -14.91
CA GLN B 262 24.14 -40.34 -15.51
C GLN B 262 24.72 -38.93 -15.58
N PRO B 263 24.31 -38.13 -16.57
CA PRO B 263 24.85 -36.78 -16.70
C PRO B 263 24.56 -35.93 -15.47
N MET B 264 25.55 -35.13 -15.08
CA MET B 264 25.40 -34.26 -13.92
C MET B 264 24.32 -33.21 -14.15
N SER B 265 24.31 -32.59 -15.34
CA SER B 265 23.33 -31.60 -15.70
C SER B 265 22.73 -31.97 -17.06
N ARG B 266 21.49 -31.53 -17.28
CA ARG B 266 20.75 -31.87 -18.48
C ARG B 266 20.37 -30.60 -19.23
N VAL B 267 20.48 -30.65 -20.55
CA VAL B 267 20.06 -29.56 -21.42
C VAL B 267 18.67 -29.87 -21.94
N VAL B 268 17.72 -28.98 -21.68
CA VAL B 268 16.32 -29.15 -22.05
C VAL B 268 16.03 -28.17 -23.19
N PRO B 269 15.84 -28.65 -24.42
CA PRO B 269 15.41 -27.74 -25.49
C PRO B 269 13.99 -27.25 -25.25
N ILE B 270 13.72 -26.06 -25.75
CA ILE B 270 12.36 -25.52 -25.64
C ILE B 270 11.41 -26.42 -26.43
N PRO B 271 10.22 -26.74 -25.92
CA PRO B 271 9.32 -27.63 -26.66
C PRO B 271 8.96 -27.05 -28.02
N SER B 272 8.82 -27.94 -29.00
CA SER B 272 8.52 -27.52 -30.37
C SER B 272 7.17 -26.84 -30.48
N SER B 273 6.25 -27.11 -29.56
CA SER B 273 4.92 -26.50 -29.61
C SER B 273 5.01 -24.98 -29.56
N GLN B 274 5.96 -24.45 -28.80
CA GLN B 274 6.16 -23.01 -28.74
C GLN B 274 7.25 -22.54 -29.71
N LEU B 275 8.24 -23.40 -30.00
CA LEU B 275 9.37 -22.99 -30.82
C LEU B 275 8.99 -22.87 -32.29
N THR B 276 8.22 -23.83 -32.81
CA THR B 276 7.90 -23.82 -34.24
C THR B 276 7.10 -22.58 -34.65
N PRO B 277 6.01 -22.19 -33.98
CA PRO B 277 5.33 -20.96 -34.38
C PRO B 277 6.22 -19.73 -34.32
N TYR B 278 7.20 -19.71 -33.41
CA TYR B 278 8.13 -18.59 -33.33
C TYR B 278 8.90 -18.44 -34.63
N ARG B 279 9.41 -19.54 -35.17
CA ARG B 279 10.13 -19.48 -36.44
C ARG B 279 9.19 -19.16 -37.59
N VAL B 280 7.95 -19.65 -37.54
CA VAL B 280 7.00 -19.36 -38.60
C VAL B 280 6.70 -17.87 -38.67
N VAL B 281 6.45 -17.24 -37.52
CA VAL B 281 6.19 -15.80 -37.54
C VAL B 281 7.46 -15.02 -37.88
N ILE B 282 8.64 -15.57 -37.58
CA ILE B 282 9.88 -14.91 -37.94
C ILE B 282 10.04 -14.86 -39.47
N ILE B 283 9.85 -16.00 -40.13
CA ILE B 283 10.00 -16.03 -41.58
C ILE B 283 8.88 -15.22 -42.24
N LEU B 284 7.68 -15.24 -41.66
CA LEU B 284 6.60 -14.39 -42.16
C LEU B 284 6.97 -12.92 -42.04
N ARG B 285 7.59 -12.53 -40.92
CA ARG B 285 8.10 -11.17 -40.80
C ARG B 285 9.09 -10.85 -41.91
N LEU B 286 10.01 -11.77 -42.21
CA LEU B 286 11.00 -11.49 -43.24
C LEU B 286 10.34 -11.26 -44.59
N ILE B 287 9.37 -12.11 -44.95
CA ILE B 287 8.72 -11.98 -46.25
C ILE B 287 7.92 -10.69 -46.33
N ILE B 288 7.15 -10.36 -45.28
CA ILE B 288 6.31 -9.16 -45.32
C ILE B 288 7.06 -7.88 -45.01
N LEU B 289 8.31 -7.98 -44.56
CA LEU B 289 9.14 -6.79 -44.37
C LEU B 289 10.04 -6.52 -45.56
N GLY B 290 10.34 -7.53 -46.38
CA GLY B 290 11.04 -7.30 -47.62
C GLY B 290 10.17 -6.76 -48.73
N PHE B 291 8.86 -6.65 -48.51
CA PHE B 291 7.92 -6.10 -49.48
C PHE B 291 7.40 -4.72 -49.09
N PHE B 292 7.36 -4.40 -47.80
CA PHE B 292 6.97 -3.06 -47.38
C PHE B 292 7.95 -2.02 -47.92
N LEU B 293 9.24 -2.34 -47.91
CA LEU B 293 10.24 -1.42 -48.45
C LEU B 293 10.02 -1.18 -49.94
N GLN B 294 9.72 -2.25 -50.69
CA GLN B 294 9.45 -2.09 -52.12
C GLN B 294 8.22 -1.24 -52.36
N TYR B 295 7.14 -1.50 -51.61
CA TYR B 295 5.92 -0.72 -51.78
C TYR B 295 6.14 0.74 -51.42
N ARG B 296 6.96 1.01 -50.40
CA ARG B 296 7.24 2.38 -49.98
C ARG B 296 8.29 3.06 -50.86
N VAL B 297 9.03 2.29 -51.66
CA VAL B 297 9.93 2.88 -52.65
C VAL B 297 9.17 3.24 -53.92
N THR B 298 8.18 2.43 -54.30
CA THR B 298 7.40 2.70 -55.51
C THR B 298 6.39 3.82 -55.33
N HIS B 299 6.26 4.38 -54.14
CA HIS B 299 5.30 5.44 -53.85
C HIS B 299 6.00 6.62 -53.19
N PRO B 300 6.80 7.37 -53.94
CA PRO B 300 7.42 8.58 -53.37
C PRO B 300 6.44 9.74 -53.36
N VAL B 301 6.64 10.64 -52.40
CA VAL B 301 5.79 11.82 -52.28
C VAL B 301 6.47 12.98 -53.01
N LYS B 302 5.76 13.57 -53.96
CA LYS B 302 6.31 14.66 -54.76
C LYS B 302 6.28 16.00 -54.04
N ASP B 303 5.53 16.13 -52.95
CA ASP B 303 5.47 17.37 -52.19
C ASP B 303 6.25 17.30 -50.88
N ALA B 304 6.67 16.12 -50.45
CA ALA B 304 7.46 15.92 -49.24
C ALA B 304 8.62 14.98 -49.52
N TYR B 305 9.35 15.26 -50.60
CA TYR B 305 10.42 14.36 -51.04
C TYR B 305 11.52 14.20 -49.99
N PRO B 306 12.12 15.26 -49.43
CA PRO B 306 13.12 15.03 -48.37
C PRO B 306 12.53 14.32 -47.16
N LEU B 307 11.30 14.65 -46.80
CA LEU B 307 10.65 13.99 -45.67
C LEU B 307 10.41 12.51 -45.96
N TRP B 308 10.00 12.19 -47.20
CA TRP B 308 9.83 10.80 -47.60
C TRP B 308 11.14 10.05 -47.53
N LEU B 309 12.23 10.69 -47.97
CA LEU B 309 13.55 10.07 -47.90
C LEU B 309 13.96 9.80 -46.45
N THR B 310 13.72 10.76 -45.57
CA THR B 310 14.04 10.57 -44.16
C THR B 310 13.27 9.39 -43.57
N SER B 311 11.97 9.31 -43.88
CA SER B 311 11.15 8.23 -43.35
C SER B 311 11.62 6.87 -43.87
N VAL B 312 11.94 6.77 -45.16
CA VAL B 312 12.35 5.48 -45.70
C VAL B 312 13.71 5.06 -45.15
N ILE B 313 14.61 6.02 -44.95
CA ILE B 313 15.91 5.70 -44.37
C ILE B 313 15.73 5.17 -42.94
N CYS B 314 14.87 5.82 -42.15
CA CYS B 314 14.62 5.35 -40.80
C CYS B 314 14.03 3.95 -40.80
N GLU B 315 13.09 3.68 -41.72
CA GLU B 315 12.49 2.36 -41.79
C GLU B 315 13.51 1.30 -42.17
N ILE B 316 14.41 1.62 -43.11
CA ILE B 316 15.45 0.67 -43.50
C ILE B 316 16.33 0.32 -42.30
N TRP B 317 16.76 1.35 -41.55
CA TRP B 317 17.61 1.11 -40.40
C TRP B 317 16.91 0.28 -39.34
N PHE B 318 15.63 0.57 -39.08
CA PHE B 318 14.88 -0.19 -38.09
C PHE B 318 14.72 -1.64 -38.51
N ALA B 319 14.47 -1.88 -39.81
CA ALA B 319 14.34 -3.25 -40.28
C ALA B 319 15.65 -4.02 -40.12
N LEU B 320 16.76 -3.39 -40.46
CA LEU B 320 18.06 -4.03 -40.29
C LEU B 320 18.34 -4.34 -38.83
N SER B 321 17.99 -3.41 -37.94
CA SER B 321 18.18 -3.66 -36.50
C SER B 321 17.34 -4.84 -36.04
N TRP B 322 16.08 -4.92 -36.47
CA TRP B 322 15.24 -6.05 -36.08
C TRP B 322 15.80 -7.36 -36.57
N LEU B 323 16.30 -7.39 -37.81
CA LEU B 323 16.83 -8.64 -38.37
C LEU B 323 18.05 -9.10 -37.59
N LEU B 324 19.01 -8.21 -37.38
CA LEU B 324 20.23 -8.59 -36.66
C LEU B 324 19.98 -8.84 -35.18
N ASP B 325 18.85 -8.39 -34.63
CA ASP B 325 18.52 -8.69 -33.25
C ASP B 325 17.77 -10.00 -33.09
N GLN B 326 16.93 -10.37 -34.06
CA GLN B 326 16.14 -11.59 -33.97
C GLN B 326 16.88 -12.83 -34.46
N PHE B 327 17.94 -12.67 -35.25
CA PHE B 327 18.71 -13.83 -35.66
C PHE B 327 19.33 -14.61 -34.50
N PRO B 328 19.98 -13.98 -33.49
CA PRO B 328 20.57 -14.78 -32.41
C PRO B 328 19.57 -15.61 -31.62
N LYS B 329 18.31 -15.18 -31.52
CA LYS B 329 17.31 -15.84 -30.68
C LYS B 329 16.56 -16.95 -31.41
N TRP B 330 17.19 -17.56 -32.42
CA TRP B 330 16.48 -18.54 -33.24
C TRP B 330 16.25 -19.85 -32.48
N SER B 331 17.26 -20.35 -31.77
CA SER B 331 17.22 -21.66 -31.13
C SER B 331 17.61 -21.55 -29.66
N PRO B 332 16.69 -21.12 -28.81
CA PRO B 332 16.97 -21.06 -27.37
C PRO B 332 16.87 -22.44 -26.72
N ILE B 333 17.55 -22.56 -25.57
CA ILE B 333 17.55 -23.79 -24.78
C ILE B 333 17.50 -23.42 -23.30
N ASN B 334 17.37 -24.45 -22.46
CA ASN B 334 17.38 -24.30 -21.01
C ASN B 334 18.29 -25.36 -20.41
N ARG B 335 18.67 -25.15 -19.16
CA ARG B 335 19.56 -26.08 -18.46
C ARG B 335 19.00 -26.39 -17.08
N GLU B 336 19.15 -27.66 -16.67
CA GLU B 336 18.70 -28.13 -15.36
C GLU B 336 19.85 -28.84 -14.67
N THR B 337 19.90 -28.70 -13.35
CA THR B 337 20.96 -29.27 -12.52
C THR B 337 20.37 -30.25 -11.51
N TYR B 338 21.17 -31.25 -11.16
CA TYR B 338 20.80 -32.27 -10.19
C TYR B 338 21.83 -32.28 -9.08
N LEU B 339 21.52 -31.59 -7.98
CA LEU B 339 22.45 -31.51 -6.86
C LEU B 339 22.60 -32.86 -6.15
N GLU B 340 21.59 -33.73 -6.24
CA GLU B 340 21.70 -35.04 -5.62
C GLU B 340 22.81 -35.86 -6.25
N ARG B 341 22.97 -35.77 -7.57
CA ARG B 341 24.07 -36.47 -8.23
C ARG B 341 25.42 -35.90 -7.82
N LEU B 342 25.48 -34.59 -7.58
CA LEU B 342 26.71 -33.99 -7.04
C LEU B 342 27.03 -34.54 -5.66
N ALA B 343 26.02 -34.67 -4.80
CA ALA B 343 26.26 -35.24 -3.47
C ALA B 343 26.68 -36.69 -3.56
N LEU B 344 26.07 -37.46 -4.47
CA LEU B 344 26.38 -38.88 -4.58
C LEU B 344 27.76 -39.11 -5.19
N ARG B 345 28.18 -38.28 -6.13
CA ARG B 345 29.41 -38.53 -6.87
C ARG B 345 30.65 -38.00 -6.14
N TYR B 346 30.64 -36.72 -5.78
CA TYR B 346 31.82 -36.08 -5.19
C TYR B 346 31.66 -35.73 -3.72
N ASP B 347 30.51 -35.17 -3.33
CA ASP B 347 30.29 -34.74 -1.94
C ASP B 347 29.77 -35.92 -1.11
N ARG B 348 30.56 -36.98 -1.07
CA ARG B 348 30.19 -38.17 -0.32
C ARG B 348 30.26 -37.91 1.19
N GLU B 349 29.48 -38.69 1.92
CA GLU B 349 29.46 -38.60 3.38
C GLU B 349 30.52 -39.53 3.98
N GLY B 350 31.08 -39.09 5.11
CA GLY B 350 32.12 -39.86 5.77
C GLY B 350 33.40 -39.97 4.96
N GLU B 351 33.74 -38.91 4.24
CA GLU B 351 34.94 -38.88 3.41
C GLU B 351 35.25 -37.44 3.02
N PRO B 352 36.51 -37.04 2.97
CA PRO B 352 36.84 -35.67 2.53
C PRO B 352 36.34 -35.42 1.12
N SER B 353 35.81 -34.22 0.92
CA SER B 353 35.22 -33.87 -0.37
C SER B 353 36.29 -33.71 -1.44
N GLN B 354 35.92 -34.03 -2.68
CA GLN B 354 36.79 -33.88 -3.83
C GLN B 354 36.49 -32.61 -4.62
N LEU B 355 35.69 -31.70 -4.06
CA LEU B 355 35.33 -30.48 -4.76
C LEU B 355 36.55 -29.61 -4.99
N ASP B 356 36.63 -29.00 -6.18
CA ASP B 356 37.76 -28.16 -6.51
C ASP B 356 37.71 -26.86 -5.71
N PRO B 357 38.86 -26.30 -5.35
CA PRO B 357 38.87 -25.04 -4.60
C PRO B 357 38.31 -23.90 -5.42
N VAL B 358 37.64 -22.97 -4.74
CA VAL B 358 37.00 -21.81 -5.36
C VAL B 358 37.45 -20.57 -4.62
N ASP B 359 37.70 -19.49 -5.37
CA ASP B 359 38.07 -18.20 -4.81
C ASP B 359 37.04 -17.17 -5.23
N VAL B 360 36.55 -16.38 -4.26
CA VAL B 360 35.53 -15.37 -4.50
C VAL B 360 36.17 -14.00 -4.40
N PHE B 361 36.02 -13.19 -5.44
CA PHE B 361 36.67 -11.89 -5.55
C PHE B 361 35.65 -10.78 -5.30
N VAL B 362 35.98 -9.87 -4.39
CA VAL B 362 35.18 -8.69 -4.09
C VAL B 362 36.05 -7.46 -4.26
N SER B 363 35.52 -6.44 -4.92
CA SER B 363 36.27 -5.21 -5.22
C SER B 363 35.52 -4.01 -4.69
N THR B 364 36.23 -3.13 -4.00
CA THR B 364 35.69 -1.87 -3.52
C THR B 364 36.72 -0.77 -3.75
N VAL B 365 36.24 0.47 -3.91
CA VAL B 365 37.09 1.60 -4.20
C VAL B 365 36.98 2.70 -3.15
N ASP B 366 35.77 3.01 -2.70
CA ASP B 366 35.59 4.13 -1.78
C ASP B 366 34.54 3.80 -0.72
N PRO B 367 34.93 3.76 0.56
CA PRO B 367 33.93 3.51 1.61
C PRO B 367 33.01 4.69 1.86
N LEU B 368 33.38 5.89 1.44
CA LEU B 368 32.52 7.05 1.69
C LEU B 368 31.26 6.99 0.84
N LYS B 369 31.41 6.77 -0.47
CA LYS B 369 30.24 6.69 -1.33
C LYS B 369 29.52 5.35 -1.15
N GLU B 370 30.28 4.27 -0.99
CA GLU B 370 29.70 2.95 -0.79
C GLU B 370 29.82 2.59 0.69
N PRO B 371 28.72 2.53 1.44
CA PRO B 371 28.80 2.31 2.89
C PRO B 371 29.40 0.95 3.20
N PRO B 372 30.19 0.86 4.28
CA PRO B 372 30.76 -0.44 4.67
C PRO B 372 29.73 -1.48 5.07
N LEU B 373 28.50 -1.07 5.40
CA LEU B 373 27.50 -2.02 5.86
C LEU B 373 27.14 -3.02 4.76
N VAL B 374 26.94 -2.55 3.53
CA VAL B 374 26.61 -3.46 2.44
C VAL B 374 27.80 -4.35 2.10
N THR B 375 29.01 -3.79 2.16
CA THR B 375 30.20 -4.60 1.93
C THR B 375 30.35 -5.66 3.02
N ALA B 376 30.08 -5.28 4.27
CA ALA B 376 30.13 -6.26 5.36
C ALA B 376 29.09 -7.35 5.17
N ASN B 377 27.89 -6.98 4.73
CA ASN B 377 26.85 -7.98 4.47
C ASN B 377 27.27 -8.93 3.35
N THR B 378 27.88 -8.39 2.29
CA THR B 378 28.35 -9.23 1.21
C THR B 378 29.43 -10.20 1.68
N VAL B 379 30.36 -9.72 2.51
CA VAL B 379 31.42 -10.58 3.02
C VAL B 379 30.83 -11.67 3.91
N LEU B 380 29.87 -11.30 4.77
CA LEU B 380 29.24 -12.29 5.64
C LEU B 380 28.49 -13.34 4.83
N SER B 381 27.78 -12.90 3.77
CA SER B 381 27.06 -13.85 2.94
C SER B 381 28.01 -14.80 2.22
N ILE B 382 29.14 -14.27 1.73
CA ILE B 382 30.10 -15.12 1.03
C ILE B 382 30.75 -16.11 1.99
N LEU B 383 31.07 -15.67 3.20
CA LEU B 383 31.72 -16.54 4.18
C LEU B 383 30.82 -17.66 4.68
N SER B 384 29.51 -17.59 4.42
CA SER B 384 28.56 -18.57 4.92
C SER B 384 27.94 -19.39 3.79
N VAL B 385 28.68 -19.60 2.70
CA VAL B 385 28.17 -20.39 1.59
C VAL B 385 28.18 -21.87 1.97
N ASP B 386 27.30 -22.65 1.32
CA ASP B 386 27.21 -24.08 1.55
C ASP B 386 28.30 -24.77 0.74
N TYR B 387 29.51 -24.75 1.30
CA TYR B 387 30.70 -25.29 0.65
C TYR B 387 31.69 -25.67 1.73
N PRO B 388 32.57 -26.63 1.47
CA PRO B 388 33.60 -26.97 2.46
C PRO B 388 34.46 -25.77 2.80
N VAL B 389 34.82 -25.65 4.07
CA VAL B 389 35.55 -24.47 4.54
C VAL B 389 36.96 -24.46 3.97
N ASP B 390 37.59 -25.63 3.84
CA ASP B 390 38.96 -25.72 3.36
C ASP B 390 39.07 -25.68 1.84
N LYS B 391 37.94 -25.65 1.13
CA LYS B 391 37.94 -25.63 -0.33
C LYS B 391 37.38 -24.32 -0.89
N VAL B 392 37.27 -23.28 -0.07
CA VAL B 392 36.78 -21.99 -0.51
C VAL B 392 37.58 -20.89 0.15
N SER B 393 37.77 -19.79 -0.57
CA SER B 393 38.52 -18.64 -0.06
C SER B 393 37.88 -17.37 -0.59
N CYS B 394 38.11 -16.26 0.13
CA CYS B 394 37.59 -14.96 -0.24
C CYS B 394 38.71 -13.95 -0.29
N TYR B 395 38.69 -13.09 -1.30
CA TYR B 395 39.68 -12.03 -1.47
C TYR B 395 38.94 -10.71 -1.63
N VAL B 396 39.24 -9.76 -0.75
CA VAL B 396 38.64 -8.42 -0.79
C VAL B 396 39.74 -7.44 -1.17
N SER B 397 39.52 -6.70 -2.25
CA SER B 397 40.50 -5.75 -2.76
C SER B 397 39.96 -4.34 -2.63
N ASP B 398 40.70 -3.48 -1.95
CA ASP B 398 40.33 -2.08 -1.79
C ASP B 398 41.22 -1.24 -2.71
N ASP B 399 40.60 -0.55 -3.65
CA ASP B 399 41.37 0.28 -4.58
C ASP B 399 41.85 1.57 -3.92
N GLY B 400 41.06 2.15 -3.02
CA GLY B 400 41.44 3.40 -2.39
C GLY B 400 42.34 3.26 -1.18
N SER B 401 42.60 2.03 -0.72
CA SER B 401 43.44 1.77 0.45
C SER B 401 42.91 2.52 1.67
N ALA B 402 41.71 2.15 2.07
CA ALA B 402 40.96 2.85 3.11
C ALA B 402 41.13 2.19 4.47
N MET B 403 41.39 3.01 5.49
CA MET B 403 41.49 2.51 6.85
C MET B 403 40.13 2.01 7.35
N LEU B 404 39.06 2.71 6.99
CA LEU B 404 37.72 2.32 7.43
C LEU B 404 37.33 0.95 6.91
N THR B 405 37.66 0.66 5.64
CA THR B 405 37.35 -0.66 5.10
C THR B 405 38.11 -1.75 5.84
N PHE B 406 39.36 -1.48 6.22
CA PHE B 406 40.14 -2.46 6.96
C PHE B 406 39.51 -2.79 8.30
N GLU B 407 39.11 -1.75 9.06
CA GLU B 407 38.47 -2.00 10.35
C GLU B 407 37.09 -2.63 10.18
N ALA B 408 36.35 -2.25 9.13
CA ALA B 408 35.07 -2.88 8.87
C ALA B 408 35.23 -4.36 8.58
N LEU B 409 36.26 -4.73 7.81
CA LEU B 409 36.53 -6.14 7.55
C LEU B 409 36.92 -6.86 8.83
N SER B 410 37.70 -6.22 9.70
CA SER B 410 38.07 -6.84 10.97
C SER B 410 36.84 -7.11 11.84
N GLU B 411 35.94 -6.13 11.93
CA GLU B 411 34.72 -6.32 12.71
C GLU B 411 33.82 -7.38 12.08
N THR B 412 33.77 -7.42 10.74
CA THR B 412 32.99 -8.44 10.06
C THR B 412 33.54 -9.83 10.34
N ALA B 413 34.86 -9.97 10.36
CA ALA B 413 35.47 -11.25 10.69
C ALA B 413 35.16 -11.65 12.13
N GLU B 414 35.16 -10.67 13.04
CA GLU B 414 34.82 -10.97 14.43
C GLU B 414 33.38 -11.44 14.56
N PHE B 415 32.45 -10.80 13.85
CA PHE B 415 31.05 -11.18 13.93
C PHE B 415 30.74 -12.47 13.15
N ALA B 416 31.57 -12.82 12.18
CA ALA B 416 31.32 -14.04 11.41
C ALA B 416 31.42 -15.29 12.26
N LYS B 417 32.27 -15.25 13.30
CA LYS B 417 32.43 -16.41 14.17
C LYS B 417 31.12 -16.77 14.86
N LYS B 418 30.23 -15.81 15.05
CA LYS B 418 28.90 -16.07 15.61
C LYS B 418 27.83 -16.22 14.54
N TRP B 419 27.94 -15.50 13.43
CA TRP B 419 26.90 -15.56 12.41
C TRP B 419 26.94 -16.87 11.63
N VAL B 420 28.13 -17.34 11.26
CA VAL B 420 28.23 -18.51 10.37
C VAL B 420 27.65 -19.77 11.00
N PRO B 421 28.00 -20.17 12.22
CA PRO B 421 27.43 -21.42 12.77
C PRO B 421 25.91 -21.39 12.87
N PHE B 422 25.31 -20.24 13.18
CA PHE B 422 23.86 -20.15 13.26
C PHE B 422 23.22 -20.43 11.91
N CYS B 423 23.77 -19.84 10.84
CA CYS B 423 23.24 -20.09 9.50
C CYS B 423 23.43 -21.54 9.10
N LYS B 424 24.60 -22.12 9.39
CA LYS B 424 24.87 -23.50 9.01
C LYS B 424 23.93 -24.46 9.75
N LYS B 425 23.68 -24.20 11.03
CA LYS B 425 22.87 -25.12 11.81
C LYS B 425 21.39 -25.02 11.45
N HIS B 426 20.88 -23.79 11.29
CA HIS B 426 19.45 -23.58 11.12
C HIS B 426 19.04 -23.35 9.67
N ASN B 427 19.97 -23.44 8.73
CA ASN B 427 19.70 -23.30 7.30
C ASN B 427 18.99 -21.98 7.00
N ILE B 428 19.65 -20.89 7.39
CA ILE B 428 19.09 -19.55 7.23
C ILE B 428 19.27 -19.10 5.79
N GLU B 429 18.19 -18.61 5.19
CA GLU B 429 18.21 -18.08 3.83
C GLU B 429 17.46 -16.76 3.81
N PRO B 430 18.08 -15.68 3.29
CA PRO B 430 19.44 -15.59 2.74
C PRO B 430 20.50 -15.50 3.83
N ARG B 431 21.78 -15.69 3.47
CA ARG B 431 22.84 -15.65 4.46
C ARG B 431 23.19 -14.24 4.92
N ALA B 432 22.78 -13.22 4.18
CA ALA B 432 23.07 -11.85 4.58
C ALA B 432 22.21 -11.46 5.76
N PRO B 433 22.80 -11.06 6.90
CA PRO B 433 21.97 -10.74 8.07
C PRO B 433 21.01 -9.59 7.85
N GLU B 434 21.42 -8.56 7.10
CA GLU B 434 20.57 -7.39 6.91
C GLU B 434 19.29 -7.76 6.15
N PHE B 435 19.44 -8.43 5.00
CA PHE B 435 18.28 -8.76 4.19
C PHE B 435 17.46 -9.87 4.81
N TYR B 436 18.09 -10.78 5.57
CA TYR B 436 17.35 -11.83 6.24
C TYR B 436 16.48 -11.27 7.36
N PHE B 437 17.05 -10.37 8.17
CA PHE B 437 16.29 -9.79 9.27
C PHE B 437 15.29 -8.74 8.80
N ALA B 438 15.51 -8.14 7.63
CA ALA B 438 14.58 -7.14 7.12
C ALA B 438 13.33 -7.74 6.49
N GLN B 439 13.33 -9.04 6.21
CA GLN B 439 12.18 -9.67 5.59
C GLN B 439 11.01 -9.71 6.57
N LYS B 440 9.82 -9.35 6.07
CA LYS B 440 8.60 -9.40 6.86
C LYS B 440 7.86 -10.74 6.73
N ILE B 441 8.37 -11.65 5.89
CA ILE B 441 7.74 -12.95 5.74
C ILE B 441 7.92 -13.77 7.01
N ASP B 442 6.96 -14.64 7.28
CA ASP B 442 7.00 -15.50 8.47
C ASP B 442 8.24 -16.38 8.45
N TYR B 443 9.15 -16.16 9.40
CA TYR B 443 10.39 -16.93 9.46
C TYR B 443 10.17 -18.34 9.99
N LEU B 444 9.07 -18.59 10.69
CA LEU B 444 8.76 -19.93 11.23
C LEU B 444 7.90 -20.71 10.24
N LYS B 445 8.47 -20.94 9.05
CA LYS B 445 7.77 -21.65 7.99
C LYS B 445 8.03 -23.15 8.05
N ASP B 446 9.31 -23.55 8.04
CA ASP B 446 9.67 -24.96 8.04
C ASP B 446 10.84 -25.24 8.97
N LYS B 447 10.95 -24.51 10.07
CA LYS B 447 12.07 -24.66 10.99
C LYS B 447 11.80 -25.84 11.93
N ILE B 448 12.37 -27.00 11.60
CA ILE B 448 12.19 -28.18 12.42
C ILE B 448 12.97 -28.06 13.73
N GLN B 449 14.11 -27.37 13.72
CA GLN B 449 15.00 -27.36 14.87
C GLN B 449 14.30 -26.76 16.08
N PRO B 450 14.30 -27.44 17.23
CA PRO B 450 13.62 -26.88 18.41
C PRO B 450 14.30 -25.64 18.97
N SER B 451 15.63 -25.66 19.09
CA SER B 451 16.37 -24.53 19.66
C SER B 451 16.65 -23.48 18.60
N PHE B 452 15.57 -22.96 18.03
CA PHE B 452 15.65 -21.91 17.01
C PHE B 452 15.01 -20.60 17.44
N VAL B 453 13.92 -20.64 18.20
CA VAL B 453 13.26 -19.41 18.64
C VAL B 453 14.17 -18.60 19.55
N LYS B 454 14.82 -19.28 20.50
CA LYS B 454 15.69 -18.57 21.44
C LYS B 454 16.93 -18.01 20.75
N GLU B 455 17.51 -18.77 19.81
CA GLU B 455 18.74 -18.33 19.17
C GLU B 455 18.51 -17.15 18.24
N ARG B 456 17.35 -17.09 17.59
CA ARG B 456 17.07 -15.99 16.67
C ARG B 456 17.05 -14.65 17.40
N ARG B 457 16.45 -14.61 18.60
CA ARG B 457 16.39 -13.37 19.36
C ARG B 457 17.79 -12.89 19.74
N ALA B 458 18.63 -13.80 20.22
CA ALA B 458 19.99 -13.43 20.59
C ALA B 458 20.79 -12.99 19.37
N MET B 459 20.63 -13.69 18.24
CA MET B 459 21.37 -13.31 17.03
C MET B 459 20.93 -11.94 16.53
N LYS B 460 19.63 -11.64 16.58
CA LYS B 460 19.16 -10.31 16.20
C LYS B 460 19.72 -9.25 17.13
N ARG B 461 19.71 -9.50 18.44
CA ARG B 461 20.24 -8.54 19.40
C ARG B 461 21.74 -8.36 19.27
N GLU B 462 22.44 -9.34 18.71
CA GLU B 462 23.87 -9.19 18.43
C GLU B 462 24.13 -8.48 17.11
N TYR B 463 23.30 -8.71 16.09
CA TYR B 463 23.45 -8.00 14.83
C TYR B 463 23.21 -6.51 15.00
N GLU B 464 22.25 -6.14 15.85
CA GLU B 464 22.01 -4.72 16.10
C GLU B 464 23.22 -4.03 16.71
N GLU B 465 23.91 -4.69 17.67
CA GLU B 465 25.13 -4.13 18.22
C GLU B 465 26.26 -4.11 17.22
N PHE B 466 26.33 -5.10 16.32
CA PHE B 466 27.32 -5.06 15.25
C PHE B 466 27.09 -3.86 14.34
N LYS B 467 25.82 -3.58 14.02
CA LYS B 467 25.49 -2.39 13.24
C LYS B 467 25.89 -1.12 13.97
N VAL B 468 25.69 -1.09 15.29
CA VAL B 468 26.09 0.06 16.08
C VAL B 468 27.60 0.27 15.99
N ARG B 469 28.37 -0.81 16.11
CA ARG B 469 29.83 -0.70 16.02
C ARG B 469 30.27 -0.21 14.65
N ILE B 470 29.64 -0.73 13.59
CA ILE B 470 29.98 -0.29 12.24
C ILE B 470 29.67 1.19 12.06
N ASN B 471 28.51 1.64 12.57
CA ASN B 471 28.16 3.04 12.48
C ASN B 471 29.14 3.91 13.25
N ALA B 472 29.59 3.43 14.41
CA ALA B 472 30.59 4.18 15.19
C ALA B 472 31.89 4.33 14.41
N LEU B 473 32.34 3.26 13.76
CA LEU B 473 33.55 3.35 12.94
C LEU B 473 33.37 4.33 11.79
N VAL B 474 32.23 4.27 11.11
CA VAL B 474 31.98 5.16 9.98
C VAL B 474 31.98 6.62 10.44
N ALA B 475 31.31 6.89 11.58
CA ALA B 475 31.29 8.26 12.11
C ALA B 475 32.67 8.72 12.52
N LYS B 476 33.48 7.83 13.11
CA LYS B 476 34.84 8.18 13.53
C LYS B 476 35.78 8.36 12.34
N ALA B 477 35.42 7.85 11.17
CA ALA B 477 36.34 7.92 10.03
C ALA B 477 35.84 8.90 8.97
N GLN B 478 35.33 10.05 9.40
CA GLN B 478 34.88 11.09 8.49
C GLN B 478 35.92 12.19 8.25
N LYS B 479 36.92 12.32 9.12
CA LYS B 479 37.97 13.31 8.94
C LYS B 479 39.34 12.65 9.10
N MET B 480 40.31 13.18 8.37
CA MET B 480 41.67 12.67 8.41
C MET B 480 42.44 13.34 9.56
N PRO B 481 42.94 12.58 10.53
CA PRO B 481 43.82 13.18 11.53
C PRO B 481 45.04 13.80 10.87
N GLU B 482 45.48 14.94 11.39
CA GLU B 482 46.56 15.69 10.72
C GLU B 482 47.84 14.87 10.66
N GLU B 483 48.08 14.01 11.65
CA GLU B 483 49.24 13.13 11.66
C GLU B 483 48.97 11.80 10.96
N GLY B 484 47.85 11.68 10.27
CA GLY B 484 47.50 10.45 9.59
C GLY B 484 46.80 9.46 10.51
N TRP B 485 46.17 8.47 9.90
CA TRP B 485 45.49 7.43 10.67
C TRP B 485 46.49 6.57 11.42
N THR B 486 46.10 6.13 12.61
CA THR B 486 46.92 5.27 13.45
C THR B 486 46.13 4.02 13.79
N MET B 487 46.76 2.86 13.61
CA MET B 487 46.10 1.60 13.91
C MET B 487 46.02 1.39 15.42
N GLN B 488 45.29 0.35 15.82
CA GLN B 488 45.17 0.02 17.24
C GLN B 488 46.50 -0.40 17.83
N ASP B 489 47.35 -1.06 17.05
CA ASP B 489 48.66 -1.45 17.54
C ASP B 489 49.53 -0.23 17.88
N GLY B 490 49.47 0.80 17.04
CA GLY B 490 50.23 2.00 17.27
C GLY B 490 50.96 2.49 16.03
N THR B 491 51.32 1.57 15.14
CA THR B 491 52.00 1.94 13.91
C THR B 491 51.06 2.68 12.97
N ALA B 492 51.60 3.67 12.26
CA ALA B 492 50.79 4.46 11.34
C ALA B 492 50.30 3.62 10.17
N TRP B 493 49.13 3.96 9.66
CA TRP B 493 48.57 3.25 8.52
C TRP B 493 49.40 3.53 7.28
N PRO B 494 49.91 2.49 6.60
CA PRO B 494 50.73 2.75 5.40
C PRO B 494 49.99 3.47 4.30
N GLY B 495 48.68 3.25 4.17
CA GLY B 495 47.92 3.90 3.12
C GLY B 495 47.35 5.25 3.49
N ASN B 496 48.20 6.10 4.10
CA ASN B 496 47.76 7.45 4.42
C ASN B 496 47.44 8.25 3.17
N ASN B 497 48.29 8.14 2.15
CA ASN B 497 48.06 8.80 0.87
C ASN B 497 47.47 7.82 -0.11
N PRO B 498 46.28 8.06 -0.66
CA PRO B 498 45.67 7.09 -1.59
C PRO B 498 46.42 6.94 -2.90
N ARG B 499 47.49 7.69 -3.13
CA ARG B 499 48.26 7.61 -4.37
C ARG B 499 49.67 7.09 -4.17
N ASP B 500 50.18 7.05 -2.94
CA ASP B 500 51.54 6.62 -2.66
C ASP B 500 51.57 5.53 -1.61
N HIS B 501 50.58 4.64 -1.62
CA HIS B 501 50.49 3.59 -0.61
C HIS B 501 51.13 2.31 -1.13
N PRO B 502 52.14 1.78 -0.45
CA PRO B 502 52.72 0.50 -0.88
C PRO B 502 51.76 -0.64 -0.64
N GLY B 503 51.95 -1.70 -1.42
CA GLY B 503 51.09 -2.87 -1.34
C GLY B 503 51.08 -3.56 0.00
N MET B 504 49.90 -3.84 0.54
CA MET B 504 49.75 -4.54 1.80
C MET B 504 48.82 -5.73 1.62
N ILE B 505 49.13 -6.83 2.29
CA ILE B 505 48.31 -8.03 2.28
C ILE B 505 48.10 -8.48 3.72
N GLN B 506 46.84 -8.64 4.12
CA GLN B 506 46.48 -9.04 5.47
C GLN B 506 45.46 -10.16 5.43
N VAL B 507 45.66 -11.17 6.26
CA VAL B 507 44.76 -12.32 6.35
C VAL B 507 44.05 -12.26 7.70
N PHE B 508 42.72 -12.26 7.68
CA PHE B 508 41.94 -12.14 8.90
C PHE B 508 41.55 -13.50 9.46
N LEU B 509 40.83 -14.30 8.68
CA LEU B 509 40.38 -15.62 9.09
C LEU B 509 41.05 -16.68 8.24
N GLY B 510 41.28 -17.84 8.84
CA GLY B 510 41.91 -18.95 8.14
C GLY B 510 42.09 -20.17 9.01
N HIS B 511 43.14 -20.93 8.76
CA HIS B 511 43.43 -22.12 9.57
C HIS B 511 43.78 -21.74 11.00
N SER B 512 44.68 -20.78 11.17
CA SER B 512 45.09 -20.31 12.48
C SER B 512 44.44 -18.98 12.86
N GLY B 513 43.50 -18.50 12.05
CA GLY B 513 42.85 -17.24 12.37
C GLY B 513 42.02 -17.31 13.64
N GLY B 514 41.29 -18.39 13.83
CA GLY B 514 40.46 -18.56 15.00
C GLY B 514 39.34 -19.55 14.75
N LEU B 515 38.69 -19.94 15.84
CA LEU B 515 37.59 -20.90 15.80
C LEU B 515 36.29 -20.20 16.16
N ASP B 516 35.20 -20.67 15.55
CA ASP B 516 33.88 -20.11 15.80
C ASP B 516 33.31 -20.67 17.10
N THR B 517 32.03 -20.43 17.34
CA THR B 517 31.40 -20.90 18.58
C THR B 517 31.35 -22.42 18.64
N ASP B 518 31.29 -23.09 17.50
CA ASP B 518 31.22 -24.55 17.45
C ASP B 518 32.59 -25.20 17.43
N GLY B 519 33.67 -24.42 17.42
CA GLY B 519 35.01 -24.97 17.43
C GLY B 519 35.58 -25.28 16.06
N ASN B 520 34.80 -25.13 15.00
CA ASN B 520 35.28 -25.40 13.65
C ASN B 520 36.09 -24.20 13.14
N GLU B 521 36.42 -24.21 11.86
CA GLU B 521 37.17 -23.13 11.22
C GLU B 521 36.25 -22.36 10.28
N LEU B 522 36.81 -21.35 9.64
CA LEU B 522 36.10 -20.47 8.73
C LEU B 522 36.88 -20.33 7.44
N PRO B 523 36.20 -20.01 6.33
CA PRO B 523 36.92 -19.80 5.07
C PRO B 523 37.93 -18.68 5.18
N ARG B 524 39.06 -18.84 4.49
CA ARG B 524 40.13 -17.87 4.56
C ARG B 524 39.68 -16.54 3.96
N LEU B 525 39.99 -15.45 4.66
CA LEU B 525 39.69 -14.10 4.23
C LEU B 525 40.98 -13.31 4.11
N VAL B 526 41.22 -12.73 2.93
CA VAL B 526 42.45 -12.01 2.64
C VAL B 526 42.11 -10.60 2.18
N TYR B 527 42.76 -9.62 2.78
CA TYR B 527 42.62 -8.22 2.37
C TYR B 527 43.83 -7.83 1.54
N VAL B 528 43.59 -7.43 0.29
CA VAL B 528 44.65 -7.13 -0.66
C VAL B 528 44.50 -5.68 -1.12
N SER B 529 45.59 -4.92 -1.03
CA SER B 529 45.65 -3.56 -1.55
C SER B 529 46.92 -3.41 -2.36
N ARG B 530 46.78 -3.08 -3.63
CA ARG B 530 47.93 -3.03 -4.52
C ARG B 530 48.75 -1.77 -4.28
N GLU B 531 50.00 -1.80 -4.76
CA GLU B 531 50.90 -0.66 -4.64
C GLU B 531 50.64 0.34 -5.76
N LYS B 532 50.42 1.59 -5.39
CA LYS B 532 50.13 2.65 -6.35
C LYS B 532 51.21 3.73 -6.23
N ARG B 533 51.73 4.16 -7.37
CA ARG B 533 52.74 5.19 -7.44
C ARG B 533 52.32 6.25 -8.46
N PRO B 534 52.73 7.51 -8.26
CA PRO B 534 52.36 8.55 -9.21
C PRO B 534 53.02 8.35 -10.57
N GLY B 535 52.32 8.82 -11.61
CA GLY B 535 52.82 8.73 -12.97
C GLY B 535 52.56 7.43 -13.67
N PHE B 536 51.82 6.50 -13.06
CA PHE B 536 51.51 5.22 -13.68
C PHE B 536 50.01 5.01 -13.69
N GLN B 537 49.50 4.51 -14.81
CA GLN B 537 48.08 4.19 -14.94
C GLN B 537 47.79 2.82 -14.36
N HIS B 538 46.74 2.72 -13.56
CA HIS B 538 46.40 1.48 -12.87
C HIS B 538 45.21 0.75 -13.50
N HIS B 539 44.53 1.36 -14.46
CA HIS B 539 43.41 0.78 -15.20
C HIS B 539 42.20 0.46 -14.31
N LYS B 540 42.24 0.83 -13.03
CA LYS B 540 41.10 0.77 -12.12
C LYS B 540 40.66 -0.68 -11.95
N LYS B 541 39.43 -1.05 -12.32
CA LYS B 541 38.89 -2.37 -11.98
C LYS B 541 39.65 -3.50 -12.68
N ALA B 542 40.04 -3.30 -13.94
CA ALA B 542 40.76 -4.35 -14.65
C ALA B 542 42.11 -4.63 -13.99
N GLY B 543 42.84 -3.58 -13.61
CA GLY B 543 44.09 -3.78 -12.90
C GLY B 543 43.89 -4.45 -11.56
N ALA B 544 42.85 -4.06 -10.83
CA ALA B 544 42.56 -4.71 -9.55
C ALA B 544 42.23 -6.19 -9.74
N MET B 545 41.47 -6.52 -10.77
CA MET B 545 41.13 -7.91 -11.03
C MET B 545 42.37 -8.74 -11.38
N ASN B 546 43.25 -8.17 -12.21
CA ASN B 546 44.49 -8.88 -12.55
C ASN B 546 45.36 -9.09 -11.31
N ALA B 547 45.48 -8.08 -10.47
CA ALA B 547 46.24 -8.23 -9.23
C ALA B 547 45.63 -9.28 -8.33
N LEU B 548 44.29 -9.30 -8.22
CA LEU B 548 43.63 -10.30 -7.40
C LEU B 548 43.89 -11.71 -7.93
N ILE B 549 43.85 -11.88 -9.26
CA ILE B 549 44.09 -13.20 -9.85
C ILE B 549 45.50 -13.67 -9.53
N ARG B 550 46.49 -12.79 -9.70
CA ARG B 550 47.87 -13.18 -9.45
C ARG B 550 48.10 -13.49 -7.96
N VAL B 551 47.54 -12.67 -7.08
CA VAL B 551 47.70 -12.91 -5.64
C VAL B 551 47.02 -14.21 -5.23
N SER B 552 45.83 -14.47 -5.76
CA SER B 552 45.13 -15.72 -5.44
C SER B 552 45.92 -16.93 -5.92
N ALA B 553 46.54 -16.83 -7.10
CA ALA B 553 47.37 -17.92 -7.58
C ALA B 553 48.57 -18.15 -6.66
N VAL B 554 49.20 -17.06 -6.18
CA VAL B 554 50.36 -17.21 -5.32
C VAL B 554 49.97 -17.79 -3.97
N LEU B 555 48.88 -17.30 -3.37
CA LEU B 555 48.52 -17.67 -2.01
C LEU B 555 47.81 -19.01 -1.95
N THR B 556 46.64 -19.12 -2.60
CA THR B 556 45.81 -20.31 -2.51
C THR B 556 45.71 -21.08 -3.81
N ASN B 557 45.75 -20.41 -4.95
CA ASN B 557 45.65 -21.04 -6.27
C ASN B 557 44.37 -21.84 -6.41
N GLY B 558 43.25 -21.12 -6.32
CA GLY B 558 41.95 -21.75 -6.50
C GLY B 558 41.72 -22.20 -7.92
N ALA B 559 40.92 -23.26 -8.07
CA ALA B 559 40.66 -23.80 -9.40
C ALA B 559 39.77 -22.87 -10.22
N TYR B 560 38.79 -22.23 -9.58
CA TYR B 560 37.85 -21.37 -10.27
C TYR B 560 37.71 -20.06 -9.50
N LEU B 561 37.37 -19.00 -10.22
CA LEU B 561 37.31 -17.64 -9.69
C LEU B 561 35.91 -17.08 -9.91
N LEU B 562 35.17 -16.87 -8.83
CA LEU B 562 33.83 -16.31 -8.89
C LEU B 562 33.90 -14.83 -8.51
N ASN B 563 33.44 -13.97 -9.41
CA ASN B 563 33.49 -12.52 -9.21
C ASN B 563 32.15 -12.06 -8.67
N VAL B 564 32.17 -11.41 -7.50
CA VAL B 564 30.96 -10.89 -6.86
C VAL B 564 31.18 -9.43 -6.55
N ASP B 565 30.22 -8.59 -6.92
CA ASP B 565 30.30 -7.16 -6.63
C ASP B 565 30.05 -6.92 -5.15
N CYS B 566 30.40 -5.71 -4.70
CA CYS B 566 30.25 -5.37 -3.28
C CYS B 566 28.79 -5.26 -2.88
N ASP B 567 27.90 -4.89 -3.81
CA ASP B 567 26.49 -4.70 -3.52
C ASP B 567 25.64 -5.90 -3.88
N HIS B 568 26.26 -7.03 -4.25
CA HIS B 568 25.54 -8.25 -4.60
C HIS B 568 25.80 -9.31 -3.53
N TYR B 569 24.74 -9.94 -3.05
CA TYR B 569 24.83 -10.94 -2.01
C TYR B 569 24.21 -12.25 -2.49
N PHE B 570 24.58 -13.33 -1.81
CA PHE B 570 24.12 -14.68 -2.15
C PHE B 570 22.72 -14.88 -1.59
N ASN B 571 21.71 -14.88 -2.47
CA ASN B 571 20.37 -15.22 -2.06
C ASN B 571 20.20 -16.73 -1.88
N ASN B 572 20.91 -17.52 -2.68
CA ASN B 572 20.90 -18.97 -2.58
C ASN B 572 22.28 -19.46 -2.14
N SER B 573 22.32 -20.26 -1.08
CA SER B 573 23.58 -20.72 -0.53
C SER B 573 24.20 -21.85 -1.35
N LYS B 574 23.45 -22.47 -2.25
CA LYS B 574 23.95 -23.58 -3.05
C LYS B 574 24.36 -23.14 -4.45
N ALA B 575 24.67 -21.86 -4.64
CA ALA B 575 25.11 -21.38 -5.95
C ALA B 575 26.44 -22.01 -6.35
N LEU B 576 27.37 -22.13 -5.41
CA LEU B 576 28.67 -22.71 -5.72
C LEU B 576 28.53 -24.17 -6.15
N LYS B 577 27.68 -24.92 -5.48
CA LYS B 577 27.46 -26.32 -5.86
C LYS B 577 26.85 -26.42 -7.25
N GLU B 578 25.90 -25.54 -7.57
CA GLU B 578 25.31 -25.56 -8.90
C GLU B 578 26.33 -25.22 -9.97
N ALA B 579 27.22 -24.26 -9.69
CA ALA B 579 28.28 -23.95 -10.63
C ALA B 579 29.23 -25.12 -10.81
N MET B 580 29.56 -25.81 -9.71
CA MET B 580 30.42 -26.98 -9.80
C MET B 580 29.75 -28.11 -10.57
N CYS B 581 28.42 -28.14 -10.59
CA CYS B 581 27.70 -29.14 -11.40
C CYS B 581 27.99 -28.98 -12.88
N PHE B 582 28.39 -27.78 -13.33
CA PHE B 582 28.74 -27.53 -14.72
C PHE B 582 30.25 -27.57 -14.95
N MET B 583 31.02 -26.91 -14.09
CA MET B 583 32.46 -26.79 -14.33
C MET B 583 33.18 -28.11 -14.12
N MET B 584 32.76 -28.90 -13.12
CA MET B 584 33.48 -30.10 -12.75
C MET B 584 33.11 -31.32 -13.60
N ASP B 585 32.12 -31.20 -14.47
CA ASP B 585 31.76 -32.33 -15.34
C ASP B 585 32.90 -32.58 -16.32
N PRO B 586 33.37 -33.83 -16.44
CA PRO B 586 34.53 -34.09 -17.32
C PRO B 586 34.31 -33.73 -18.78
N VAL B 587 33.08 -33.90 -19.29
CA VAL B 587 32.86 -33.69 -20.72
C VAL B 587 32.64 -32.22 -21.04
N ILE B 588 31.95 -31.48 -20.17
CA ILE B 588 31.62 -30.09 -20.44
C ILE B 588 32.33 -29.19 -19.44
N GLY B 589 33.48 -29.64 -18.95
CA GLY B 589 34.27 -28.84 -18.04
C GLY B 589 35.63 -28.49 -18.60
N LYS B 590 36.11 -29.30 -19.55
CA LYS B 590 37.39 -29.03 -20.21
C LYS B 590 37.25 -28.03 -21.35
N LYS B 591 36.04 -27.60 -21.68
CA LYS B 591 35.81 -26.63 -22.73
C LYS B 591 34.90 -25.48 -22.29
N THR B 592 34.67 -25.33 -20.99
CA THR B 592 33.82 -24.27 -20.46
C THR B 592 34.70 -23.16 -19.88
N CYS B 593 34.48 -21.94 -20.35
CA CYS B 593 35.28 -20.79 -19.93
C CYS B 593 34.70 -20.09 -18.71
N TYR B 594 33.39 -19.85 -18.67
CA TYR B 594 32.77 -19.29 -17.48
C TYR B 594 31.30 -19.69 -17.44
N VAL B 595 30.74 -19.61 -16.23
CA VAL B 595 29.32 -19.81 -16.00
C VAL B 595 28.73 -18.50 -15.51
N GLN B 596 27.69 -18.03 -16.20
CA GLN B 596 27.09 -16.74 -15.92
C GLN B 596 25.75 -16.93 -15.22
N PHE B 597 25.56 -16.20 -14.12
CA PHE B 597 24.32 -16.22 -13.34
C PHE B 597 23.49 -14.99 -13.67
N PRO B 598 22.16 -15.12 -13.68
CA PRO B 598 21.31 -13.95 -13.93
C PRO B 598 21.42 -12.94 -12.80
N GLN B 599 21.25 -11.66 -13.16
CA GLN B 599 21.31 -10.57 -12.20
C GLN B 599 19.90 -10.16 -11.81
N ARG B 600 19.59 -10.25 -10.52
CA ARG B 600 18.30 -9.85 -9.98
C ARG B 600 18.50 -8.76 -8.94
N PHE B 601 17.51 -7.87 -8.83
CA PHE B 601 17.58 -6.74 -7.92
C PHE B 601 16.33 -6.70 -7.05
N ASP B 602 16.51 -6.27 -5.81
CA ASP B 602 15.42 -6.13 -4.86
C ASP B 602 15.32 -4.67 -4.40
N GLY B 603 14.33 -4.40 -3.55
CA GLY B 603 14.14 -3.05 -3.07
C GLY B 603 13.64 -2.07 -4.11
N ILE B 604 12.99 -2.58 -5.16
CA ILE B 604 12.55 -1.74 -6.26
C ILE B 604 11.04 -1.55 -6.18
N ASP B 605 10.53 -0.61 -6.98
CA ASP B 605 9.11 -0.34 -7.01
C ASP B 605 8.35 -1.54 -7.58
N LEU B 606 7.09 -1.67 -7.17
CA LEU B 606 6.26 -2.77 -7.65
C LEU B 606 6.08 -2.71 -9.17
N HIS B 607 5.87 -1.50 -9.70
CA HIS B 607 5.75 -1.33 -11.14
C HIS B 607 7.10 -1.32 -11.85
N ASP B 608 8.20 -1.18 -11.12
CA ASP B 608 9.54 -1.10 -11.70
C ASP B 608 9.61 0.01 -12.75
N ARG B 609 9.45 1.24 -12.26
CA ARG B 609 9.34 2.40 -13.15
C ARG B 609 10.59 2.57 -14.01
N TYR B 610 11.76 2.30 -13.45
CA TYR B 610 13.01 2.49 -14.16
C TYR B 610 13.49 1.23 -14.89
N ALA B 611 12.70 0.16 -14.88
CA ALA B 611 13.02 -1.06 -15.62
C ALA B 611 14.41 -1.59 -15.25
N ASN B 612 14.73 -1.52 -13.96
CA ASN B 612 16.05 -1.92 -13.51
C ASN B 612 16.26 -3.43 -13.57
N ARG B 613 15.17 -4.21 -13.59
CA ARG B 613 15.31 -5.66 -13.63
C ARG B 613 15.88 -6.14 -14.96
N ASN B 614 15.51 -5.47 -16.06
CA ASN B 614 15.89 -5.88 -17.41
C ASN B 614 15.40 -7.30 -17.70
N ILE B 615 14.08 -7.46 -17.68
CA ILE B 615 13.48 -8.78 -17.84
C ILE B 615 13.76 -9.34 -19.22
N VAL B 616 13.57 -8.51 -20.26
CA VAL B 616 13.72 -8.97 -21.64
C VAL B 616 15.16 -9.39 -21.91
N PHE B 617 16.13 -8.58 -21.44
CA PHE B 617 17.53 -8.91 -21.70
C PHE B 617 17.95 -10.17 -20.95
N PHE B 618 17.50 -10.33 -19.71
CA PHE B 618 18.02 -11.39 -18.85
C PHE B 618 17.23 -12.70 -18.96
N ASP B 619 16.10 -12.73 -19.67
CA ASP B 619 15.34 -13.96 -19.82
C ASP B 619 14.97 -14.29 -21.26
N ILE B 620 15.31 -13.44 -22.23
CA ILE B 620 15.03 -13.73 -23.63
C ILE B 620 16.33 -13.74 -24.42
N ASN B 621 17.05 -12.61 -24.41
CA ASN B 621 18.28 -12.51 -25.19
C ASN B 621 19.35 -13.46 -24.68
N MET B 622 19.48 -13.60 -23.35
CA MET B 622 20.52 -14.46 -22.80
C MET B 622 20.30 -15.92 -23.18
N LYS B 623 19.06 -16.39 -23.16
CA LYS B 623 18.78 -17.76 -23.55
C LYS B 623 19.10 -17.99 -25.02
N GLY B 624 18.76 -17.04 -25.88
CA GLY B 624 19.10 -17.16 -27.29
C GLY B 624 20.60 -17.19 -27.52
N GLN B 625 21.34 -16.37 -26.78
CA GLN B 625 22.80 -16.40 -26.87
C GLN B 625 23.34 -17.73 -26.38
N ASP B 626 22.75 -18.28 -25.31
CA ASP B 626 23.15 -19.58 -24.80
C ASP B 626 22.82 -20.70 -25.76
N GLY B 627 21.88 -20.49 -26.69
CA GLY B 627 21.51 -21.54 -27.62
C GLY B 627 22.58 -21.87 -28.64
N VAL B 628 23.52 -20.97 -28.88
CA VAL B 628 24.57 -21.17 -29.89
C VAL B 628 25.94 -21.42 -29.23
N GLN B 629 26.41 -20.49 -28.41
CA GLN B 629 27.69 -20.67 -27.75
C GLN B 629 27.70 -20.27 -26.27
N GLY B 630 26.71 -19.55 -25.78
CA GLY B 630 26.68 -19.16 -24.38
C GLY B 630 26.45 -17.68 -24.20
N PRO B 631 26.11 -17.27 -22.98
CA PRO B 631 25.85 -15.85 -22.72
C PRO B 631 27.12 -15.04 -22.72
N VAL B 632 26.96 -13.73 -22.94
CA VAL B 632 28.07 -12.81 -22.91
C VAL B 632 28.41 -12.44 -21.47
N TYR B 633 29.67 -12.13 -21.23
CA TYR B 633 30.10 -11.74 -19.89
C TYR B 633 29.57 -10.36 -19.56
N VAL B 634 28.90 -10.24 -18.41
CA VAL B 634 28.25 -9.00 -18.01
C VAL B 634 28.73 -8.50 -16.66
N GLY B 635 29.79 -9.10 -16.11
CA GLY B 635 30.34 -8.61 -14.86
C GLY B 635 30.07 -9.48 -13.65
N THR B 636 29.15 -9.04 -12.80
CA THR B 636 28.89 -9.71 -11.53
C THR B 636 28.26 -11.07 -11.73
N GLY B 637 28.46 -11.94 -10.75
CA GLY B 637 27.88 -13.27 -10.77
C GLY B 637 28.41 -14.19 -11.85
N CYS B 638 29.72 -14.19 -12.06
CA CYS B 638 30.35 -15.01 -13.09
C CYS B 638 31.44 -15.87 -12.46
N CYS B 639 31.44 -17.15 -12.79
CA CYS B 639 32.43 -18.12 -12.30
C CYS B 639 33.34 -18.48 -13.46
N PHE B 640 34.58 -17.97 -13.42
CA PHE B 640 35.55 -18.19 -14.49
C PHE B 640 36.43 -19.40 -14.21
N ASN B 641 36.85 -20.05 -15.28
CA ASN B 641 37.84 -21.11 -15.20
C ASN B 641 39.23 -20.48 -15.23
N ARG B 642 40.10 -20.95 -14.33
CA ARG B 642 41.43 -20.34 -14.21
C ARG B 642 42.25 -20.55 -15.48
N GLN B 643 42.17 -21.74 -16.08
CA GLN B 643 42.98 -22.02 -17.26
C GLN B 643 42.52 -21.19 -18.46
N ALA B 644 41.26 -20.77 -18.48
CA ALA B 644 40.77 -19.94 -19.58
C ALA B 644 41.33 -18.53 -19.51
N LEU B 645 41.51 -17.99 -18.30
CA LEU B 645 42.00 -16.62 -18.15
C LEU B 645 43.47 -16.49 -18.52
N TYR B 646 44.20 -17.59 -18.60
CA TYR B 646 45.61 -17.56 -18.95
C TYR B 646 45.87 -17.60 -20.45
N GLY B 647 44.81 -17.65 -21.27
CA GLY B 647 44.96 -17.70 -22.70
C GLY B 647 45.19 -19.08 -23.28
N TYR B 648 45.11 -20.13 -22.47
CA TYR B 648 45.30 -21.48 -22.96
C TYR B 648 44.12 -21.90 -23.85
N ASP B 649 44.43 -22.59 -24.94
CA ASP B 649 43.40 -23.07 -25.84
C ASP B 649 42.60 -24.20 -25.18
N PRO B 650 41.31 -24.30 -25.47
CA PRO B 650 40.51 -25.38 -24.89
C PRO B 650 40.90 -26.73 -25.46
N VAL B 651 40.70 -27.77 -24.66
CA VAL B 651 40.94 -29.14 -25.06
C VAL B 651 39.59 -29.77 -25.40
N LEU B 652 39.43 -30.22 -26.64
CA LEU B 652 38.18 -30.77 -27.13
C LEU B 652 38.34 -32.26 -27.43
N THR B 653 37.37 -33.05 -26.99
CA THR B 653 37.40 -34.50 -27.21
C THR B 653 36.30 -34.91 -28.18
N SER B 718 60.63 -23.06 -23.55
CA SER B 718 59.34 -22.46 -23.25
C SER B 718 59.42 -21.57 -22.00
N GLN B 719 60.56 -21.65 -21.30
CA GLN B 719 60.74 -20.84 -20.10
C GLN B 719 60.75 -19.35 -20.45
N LYS B 720 61.42 -18.98 -21.53
CA LYS B 720 61.44 -17.58 -21.93
C LYS B 720 60.05 -17.08 -22.30
N SER B 721 59.30 -17.90 -23.05
CA SER B 721 57.93 -17.53 -23.41
C SER B 721 57.04 -17.46 -22.17
N LEU B 722 57.22 -18.38 -21.23
CA LEU B 722 56.43 -18.36 -20.01
C LEU B 722 56.70 -17.09 -19.20
N GLU B 723 57.97 -16.70 -19.09
CA GLU B 723 58.30 -15.49 -18.36
C GLU B 723 57.79 -14.24 -19.09
N LYS B 724 57.87 -14.25 -20.42
CA LYS B 724 57.37 -13.10 -21.18
C LYS B 724 55.87 -12.94 -21.03
N ARG B 725 55.12 -14.05 -21.01
CA ARG B 725 53.67 -13.97 -20.94
C ARG B 725 53.19 -13.61 -19.54
N PHE B 726 53.59 -14.39 -18.54
CA PHE B 726 53.01 -14.24 -17.21
C PHE B 726 53.72 -13.16 -16.40
N GLY B 727 55.03 -13.32 -16.19
CA GLY B 727 55.77 -12.35 -15.41
C GLY B 727 57.15 -12.87 -15.04
N GLN B 728 57.69 -12.31 -13.95
CA GLN B 728 59.04 -12.63 -13.50
C GLN B 728 59.02 -13.26 -12.12
N SER B 729 57.90 -13.85 -11.72
CA SER B 729 57.79 -14.53 -10.44
C SER B 729 57.72 -16.04 -10.67
N PRO B 730 58.76 -16.81 -10.31
CA PRO B 730 58.70 -18.26 -10.54
C PRO B 730 57.59 -18.96 -9.77
N VAL B 731 57.15 -18.41 -8.64
CA VAL B 731 56.09 -19.05 -7.87
C VAL B 731 54.77 -19.01 -8.63
N PHE B 732 54.44 -17.86 -9.23
CA PHE B 732 53.21 -17.77 -10.02
C PHE B 732 53.26 -18.66 -11.25
N ILE B 733 54.43 -18.71 -11.92
CA ILE B 733 54.58 -19.57 -13.08
C ILE B 733 54.40 -21.03 -12.70
N ALA B 734 55.00 -21.43 -11.57
CA ALA B 734 54.85 -22.81 -11.11
C ALA B 734 53.40 -23.10 -10.74
N ALA B 735 52.72 -22.16 -10.07
CA ALA B 735 51.33 -22.35 -9.70
C ALA B 735 50.40 -22.38 -10.90
N THR B 736 50.83 -21.82 -12.03
CA THR B 736 50.03 -21.88 -13.25
C THR B 736 49.84 -23.33 -13.72
N PHE B 737 50.88 -24.14 -13.60
CA PHE B 737 50.83 -25.52 -14.08
C PHE B 737 49.81 -26.37 -13.34
N MET B 738 49.43 -25.97 -12.13
CA MET B 738 48.45 -26.73 -11.35
C MET B 738 47.07 -26.51 -11.94
N GLU B 739 46.63 -27.44 -12.80
CA GLU B 739 45.34 -27.29 -13.46
C GLU B 739 44.18 -27.56 -12.52
N GLN B 740 44.39 -28.40 -11.51
CA GLN B 740 43.35 -28.70 -10.52
C GLN B 740 43.40 -27.79 -9.31
N GLY B 741 44.37 -26.88 -9.24
CA GLY B 741 44.49 -26.00 -8.09
C GLY B 741 45.29 -26.60 -6.96
N GLY B 742 45.49 -25.78 -5.94
CA GLY B 742 46.23 -26.21 -4.78
C GLY B 742 47.69 -25.78 -4.83
N ILE B 743 48.30 -25.64 -3.66
CA ILE B 743 49.70 -25.23 -3.57
C ILE B 743 50.59 -26.38 -4.05
N PRO B 744 51.52 -26.14 -4.96
CA PRO B 744 52.41 -27.21 -5.41
C PRO B 744 53.25 -27.70 -4.25
N PRO B 745 53.57 -29.00 -4.21
CA PRO B 745 54.40 -29.52 -3.11
C PRO B 745 55.78 -28.90 -3.04
N SER B 746 56.35 -28.52 -4.18
CA SER B 746 57.68 -27.92 -4.18
C SER B 746 57.70 -26.56 -3.49
N THR B 747 56.64 -25.77 -3.68
CA THR B 747 56.58 -24.43 -3.12
C THR B 747 56.39 -24.52 -1.61
N ASN B 748 57.40 -24.08 -0.86
CA ASN B 748 57.30 -24.09 0.59
C ASN B 748 56.36 -22.99 1.06
N PRO B 749 55.46 -23.28 2.00
CA PRO B 749 54.52 -22.26 2.49
C PRO B 749 55.16 -21.24 3.41
N ALA B 750 56.44 -21.40 3.78
CA ALA B 750 57.07 -20.46 4.69
C ALA B 750 57.28 -19.10 4.05
N THR B 751 57.45 -19.04 2.73
CA THR B 751 57.70 -17.78 2.05
C THR B 751 56.61 -17.50 1.03
N LEU B 752 55.35 -17.68 1.43
CA LEU B 752 54.21 -17.42 0.57
C LEU B 752 53.68 -16.00 0.69
N LEU B 753 54.26 -15.18 1.58
CA LEU B 753 53.83 -13.81 1.77
C LEU B 753 54.72 -12.79 1.08
N LYS B 754 56.04 -12.97 1.15
CA LYS B 754 56.96 -12.06 0.47
C LYS B 754 56.76 -12.13 -1.04
N GLU B 755 56.57 -13.34 -1.58
CA GLU B 755 56.36 -13.49 -3.01
C GLU B 755 55.06 -12.82 -3.44
N ALA B 756 54.02 -12.91 -2.62
CA ALA B 756 52.76 -12.25 -2.95
C ALA B 756 52.94 -10.73 -3.00
N ILE B 757 53.73 -10.18 -2.08
CA ILE B 757 54.02 -8.75 -2.10
C ILE B 757 54.83 -8.39 -3.35
N HIS B 758 55.73 -9.28 -3.77
CA HIS B 758 56.51 -9.04 -4.98
C HIS B 758 55.62 -8.94 -6.20
N VAL B 759 54.60 -9.80 -6.30
CA VAL B 759 53.71 -9.77 -7.45
C VAL B 759 52.82 -8.54 -7.43
N ILE B 760 52.37 -8.11 -6.25
CA ILE B 760 51.44 -6.98 -6.16
C ILE B 760 52.09 -5.64 -6.52
N SER B 761 53.40 -5.61 -6.71
CA SER B 761 54.07 -4.36 -7.05
C SER B 761 53.59 -3.85 -8.41
N CYS B 762 53.58 -2.51 -8.54
CA CYS B 762 53.06 -1.88 -9.75
C CYS B 762 53.98 -2.07 -10.97
N GLY B 763 55.22 -2.51 -10.76
CA GLY B 763 56.14 -2.69 -11.87
C GLY B 763 56.17 -4.11 -12.39
N TYR B 764 55.14 -4.90 -12.07
CA TYR B 764 55.12 -6.30 -12.47
C TYR B 764 54.64 -6.47 -13.91
N GLU B 765 53.56 -5.77 -14.26
CA GLU B 765 52.95 -5.95 -15.58
C GLU B 765 53.75 -5.31 -16.71
N ASP B 766 54.80 -4.56 -16.40
CA ASP B 766 55.61 -3.94 -17.44
C ASP B 766 56.28 -5.01 -18.30
N LYS B 767 56.22 -4.83 -19.62
CA LYS B 767 56.82 -5.74 -20.60
C LYS B 767 56.21 -7.15 -20.54
N THR B 768 54.98 -7.28 -20.07
CA THR B 768 54.27 -8.54 -20.04
C THR B 768 53.05 -8.46 -20.95
N GLU B 769 52.31 -9.57 -21.03
CA GLU B 769 51.12 -9.66 -21.85
C GLU B 769 49.84 -9.48 -21.05
N TRP B 770 49.94 -9.12 -19.78
CA TRP B 770 48.75 -8.90 -18.96
C TRP B 770 47.97 -7.71 -19.49
N GLY B 771 46.65 -7.86 -19.55
CA GLY B 771 45.79 -6.83 -20.08
C GLY B 771 45.63 -6.82 -21.58
N LYS B 772 46.33 -7.71 -22.29
CA LYS B 772 46.22 -7.80 -23.74
C LYS B 772 45.70 -9.16 -24.19
N GLU B 773 46.21 -10.25 -23.61
CA GLU B 773 45.77 -11.59 -23.98
C GLU B 773 45.39 -12.38 -22.74
N ILE B 774 46.04 -12.08 -21.61
CA ILE B 774 45.87 -12.83 -20.37
C ILE B 774 45.02 -12.02 -19.42
N GLY B 775 44.00 -12.66 -18.84
CA GLY B 775 43.18 -12.01 -17.84
C GLY B 775 42.27 -10.94 -18.43
N TRP B 776 41.90 -10.00 -17.57
CA TRP B 776 41.06 -8.88 -18.00
C TRP B 776 41.78 -8.03 -19.03
N ILE B 777 41.01 -7.50 -19.97
CA ILE B 777 41.55 -6.71 -21.08
C ILE B 777 41.24 -5.24 -20.84
N TYR B 778 42.27 -4.40 -20.96
CA TYR B 778 42.09 -2.96 -20.80
C TYR B 778 41.49 -2.35 -22.07
N GLY B 779 41.29 -1.04 -22.05
CA GLY B 779 40.84 -0.32 -23.21
C GLY B 779 39.35 -0.04 -23.29
N SER B 780 38.60 -0.29 -22.22
CA SER B 780 37.17 -0.04 -22.22
C SER B 780 36.67 0.13 -20.80
N VAL B 781 35.76 1.08 -20.59
CA VAL B 781 35.13 1.24 -19.29
C VAL B 781 34.23 0.03 -18.99
N THR B 782 33.49 -0.45 -19.99
CA THR B 782 32.74 -1.69 -19.89
C THR B 782 33.60 -2.86 -20.36
N GLU B 783 34.68 -3.08 -19.62
CA GLU B 783 35.72 -4.03 -19.99
C GLU B 783 35.31 -5.49 -19.78
N ASP B 784 34.04 -5.76 -19.54
CA ASP B 784 33.56 -7.13 -19.39
C ASP B 784 33.25 -7.77 -20.74
N ILE B 785 32.69 -7.00 -21.68
CA ILE B 785 32.35 -7.56 -22.99
C ILE B 785 33.62 -7.96 -23.73
N LEU B 786 34.66 -7.13 -23.68
CA LEU B 786 35.89 -7.43 -24.40
C LEU B 786 36.55 -8.71 -23.88
N THR B 787 36.55 -8.90 -22.55
CA THR B 787 37.16 -10.10 -21.99
C THR B 787 36.40 -11.35 -22.43
N GLY B 788 35.07 -11.31 -22.41
CA GLY B 788 34.29 -12.46 -22.85
C GLY B 788 34.49 -12.76 -24.33
N PHE B 789 34.52 -11.72 -25.16
CA PHE B 789 34.76 -11.92 -26.58
C PHE B 789 36.14 -12.51 -26.83
N LYS B 790 37.15 -12.04 -26.10
CA LYS B 790 38.50 -12.58 -26.25
C LYS B 790 38.54 -14.05 -25.86
N MET B 791 37.86 -14.42 -24.77
CA MET B 791 37.82 -15.82 -24.36
C MET B 791 37.08 -16.67 -25.40
N HIS B 792 35.98 -16.16 -25.94
CA HIS B 792 35.19 -16.91 -26.91
C HIS B 792 35.91 -17.04 -28.26
N ALA B 793 36.83 -16.12 -28.58
CA ALA B 793 37.54 -16.19 -29.84
C ALA B 793 38.47 -17.39 -29.93
N ARG B 794 38.84 -17.99 -28.79
CA ARG B 794 39.74 -19.14 -28.77
C ARG B 794 39.02 -20.47 -28.88
N GLY B 795 37.70 -20.46 -29.01
CA GLY B 795 36.92 -21.68 -29.10
C GLY B 795 36.22 -22.11 -27.83
N TRP B 796 36.41 -21.37 -26.74
CA TRP B 796 35.73 -21.70 -25.49
C TRP B 796 34.23 -21.42 -25.61
N ILE B 797 33.45 -22.09 -24.76
CA ILE B 797 32.02 -21.89 -24.68
C ILE B 797 31.66 -21.60 -23.22
N SER B 798 30.54 -20.91 -23.05
CA SER B 798 30.06 -20.54 -21.72
C SER B 798 28.69 -21.15 -21.47
N ILE B 799 28.34 -21.27 -20.20
CA ILE B 799 27.14 -21.96 -19.77
C ILE B 799 26.26 -20.99 -18.99
N TYR B 800 24.99 -20.91 -19.36
CA TYR B 800 24.00 -20.09 -18.68
C TYR B 800 23.09 -20.98 -17.85
N CYS B 801 22.99 -20.69 -16.56
CA CYS B 801 22.16 -21.47 -15.65
C CYS B 801 21.22 -20.55 -14.88
N MET B 802 20.00 -21.02 -14.68
CA MET B 802 18.97 -20.26 -13.96
C MET B 802 18.44 -21.07 -12.80
N PRO B 803 18.93 -20.85 -11.57
CA PRO B 803 18.41 -21.59 -10.43
C PRO B 803 16.97 -21.20 -10.14
N PRO B 804 16.19 -22.09 -9.53
CA PRO B 804 14.82 -21.70 -9.14
C PRO B 804 14.80 -20.51 -8.20
N ARG B 805 15.76 -20.42 -7.30
CA ARG B 805 15.96 -19.26 -6.45
C ARG B 805 17.19 -18.50 -6.90
N PRO B 806 17.10 -17.19 -7.13
CA PRO B 806 18.23 -16.45 -7.71
C PRO B 806 19.49 -16.60 -6.86
N ALA B 807 20.61 -16.78 -7.53
CA ALA B 807 21.88 -16.97 -6.83
C ALA B 807 22.40 -15.66 -6.24
N PHE B 808 22.32 -14.58 -7.01
CA PHE B 808 22.84 -13.28 -6.60
C PHE B 808 21.74 -12.23 -6.65
N LYS B 809 21.71 -11.36 -5.65
CA LYS B 809 20.76 -10.24 -5.62
C LYS B 809 21.51 -8.97 -5.27
N GLY B 810 21.20 -7.89 -5.99
CA GLY B 810 21.85 -6.62 -5.78
C GLY B 810 20.85 -5.51 -5.57
N SER B 811 21.38 -4.31 -5.36
CA SER B 811 20.58 -3.11 -5.14
C SER B 811 20.52 -2.31 -6.43
N ALA B 812 19.30 -2.09 -6.93
CA ALA B 812 19.12 -1.35 -8.17
C ALA B 812 19.02 0.15 -7.89
N PRO B 813 19.47 0.98 -8.83
CA PRO B 813 19.32 2.43 -8.66
C PRO B 813 17.86 2.84 -8.65
N ILE B 814 17.58 3.91 -7.89
CA ILE B 814 16.23 4.44 -7.76
C ILE B 814 16.14 5.85 -8.32
N ASN B 815 17.10 6.25 -9.15
CA ASN B 815 17.12 7.59 -9.73
C ASN B 815 17.21 7.48 -11.25
N LEU B 816 16.45 8.34 -11.94
CA LEU B 816 16.55 8.41 -13.39
C LEU B 816 17.94 8.86 -13.82
N SER B 817 18.52 9.83 -13.10
CA SER B 817 19.84 10.33 -13.46
C SER B 817 20.91 9.25 -13.33
N ASP B 818 20.88 8.49 -12.23
CA ASP B 818 21.88 7.43 -12.04
C ASP B 818 21.73 6.33 -13.08
N ARG B 819 20.48 5.93 -13.37
CA ARG B 819 20.23 4.92 -14.39
C ARG B 819 20.74 5.38 -15.76
N LEU B 820 20.46 6.64 -16.11
CA LEU B 820 20.95 7.15 -17.39
C LEU B 820 22.46 7.28 -17.40
N ASN B 821 23.06 7.57 -16.24
CA ASN B 821 24.52 7.62 -16.16
C ASN B 821 25.14 6.27 -16.47
N GLN B 822 24.59 5.20 -15.90
CA GLN B 822 25.14 3.87 -16.16
C GLN B 822 24.85 3.42 -17.59
N VAL B 823 23.69 3.78 -18.15
CA VAL B 823 23.42 3.47 -19.55
C VAL B 823 24.39 4.22 -20.46
N LEU B 824 24.67 5.48 -20.14
CA LEU B 824 25.65 6.25 -20.91
C LEU B 824 27.03 5.62 -20.83
N ARG B 825 27.41 5.14 -19.64
CA ARG B 825 28.70 4.48 -19.49
C ARG B 825 28.79 3.23 -20.37
N TRP B 826 27.74 2.40 -20.36
CA TRP B 826 27.74 1.18 -21.16
C TRP B 826 27.81 1.50 -22.65
N ALA B 827 27.00 2.47 -23.10
CA ALA B 827 26.99 2.82 -24.52
C ALA B 827 28.31 3.44 -24.95
N LEU B 828 28.89 4.29 -24.10
CA LEU B 828 30.19 4.88 -24.42
C LEU B 828 31.27 3.82 -24.51
N GLY B 829 31.23 2.82 -23.62
CA GLY B 829 32.16 1.73 -23.71
C GLY B 829 32.02 0.93 -25.00
N SER B 830 30.78 0.68 -25.41
CA SER B 830 30.55 -0.03 -26.67
C SER B 830 31.08 0.76 -27.87
N ILE B 831 30.83 2.08 -27.88
CA ILE B 831 31.34 2.92 -28.96
C ILE B 831 32.87 2.93 -28.96
N GLU B 832 33.48 3.05 -27.78
CA GLU B 832 34.94 3.05 -27.70
C GLU B 832 35.53 1.73 -28.18
N ILE B 833 34.84 0.62 -27.89
CA ILE B 833 35.28 -0.67 -28.42
C ILE B 833 35.18 -0.68 -29.94
N PHE B 834 34.07 -0.14 -30.48
CA PHE B 834 33.82 -0.21 -31.91
C PHE B 834 34.91 0.51 -32.71
N LEU B 835 35.33 1.68 -32.25
CA LEU B 835 36.32 2.45 -33.01
C LEU B 835 37.71 1.86 -32.88
N SER B 836 38.02 1.23 -31.75
CA SER B 836 39.32 0.62 -31.55
C SER B 836 39.35 -0.77 -32.19
N ARG B 837 40.43 -1.51 -31.94
CA ARG B 837 40.57 -2.86 -32.49
C ARG B 837 39.78 -3.85 -31.64
N HIS B 838 40.04 -5.14 -31.87
CA HIS B 838 39.38 -6.23 -31.13
C HIS B 838 37.87 -6.23 -31.35
N CYS B 839 37.43 -5.79 -32.53
CA CYS B 839 36.03 -5.81 -32.88
C CYS B 839 35.65 -7.14 -33.52
N PRO B 840 34.38 -7.52 -33.44
CA PRO B 840 33.94 -8.75 -34.15
C PRO B 840 34.09 -8.66 -35.65
N LEU B 841 34.16 -7.46 -36.21
CA LEU B 841 34.24 -7.32 -37.66
C LEU B 841 35.63 -7.64 -38.18
N TRP B 842 36.65 -6.91 -37.73
CA TRP B 842 38.00 -7.11 -38.25
C TRP B 842 38.87 -8.01 -37.38
N TYR B 843 38.42 -8.36 -36.18
CA TYR B 843 39.16 -9.25 -35.31
C TYR B 843 38.32 -10.48 -34.99
N GLY B 844 39.02 -11.59 -34.72
CA GLY B 844 38.35 -12.84 -34.45
C GLY B 844 38.20 -13.77 -35.64
N TYR B 845 38.81 -13.43 -36.78
CA TYR B 845 38.72 -14.26 -37.98
C TYR B 845 39.73 -15.40 -37.89
N ASN B 846 39.47 -16.30 -36.93
CA ASN B 846 40.30 -17.47 -36.71
C ASN B 846 39.64 -18.78 -37.11
N GLY B 847 38.32 -18.80 -37.27
CA GLY B 847 37.61 -20.00 -37.64
C GLY B 847 37.03 -20.79 -36.48
N LYS B 848 37.21 -20.33 -35.24
CA LYS B 848 36.69 -21.01 -34.07
C LYS B 848 35.49 -20.31 -33.45
N LEU B 849 35.20 -19.08 -33.84
CA LEU B 849 34.05 -18.35 -33.32
C LEU B 849 32.86 -18.56 -34.25
N LYS B 850 31.74 -19.03 -33.69
CA LYS B 850 30.58 -19.32 -34.51
C LYS B 850 30.00 -18.03 -35.09
N PRO B 851 29.52 -18.07 -36.35
CA PRO B 851 29.00 -16.83 -36.96
C PRO B 851 27.84 -16.22 -36.20
N LEU B 852 26.97 -17.04 -35.61
CA LEU B 852 25.85 -16.51 -34.84
C LEU B 852 26.34 -15.75 -33.61
N MET B 853 27.38 -16.26 -32.96
CA MET B 853 27.99 -15.52 -31.85
C MET B 853 28.60 -14.21 -32.34
N ARG B 854 29.17 -14.20 -33.54
CA ARG B 854 29.64 -12.95 -34.13
C ARG B 854 28.50 -11.96 -34.31
N LEU B 855 27.33 -12.45 -34.77
CA LEU B 855 26.19 -11.57 -34.92
C LEU B 855 25.73 -11.01 -33.58
N ALA B 856 25.71 -11.84 -32.55
CA ALA B 856 25.31 -11.36 -31.22
C ALA B 856 26.29 -10.31 -30.69
N TYR B 857 27.59 -10.56 -30.85
CA TYR B 857 28.59 -9.59 -30.41
C TYR B 857 28.47 -8.29 -31.19
N ILE B 858 28.24 -8.39 -32.50
CA ILE B 858 28.06 -7.19 -33.33
C ILE B 858 26.87 -6.38 -32.84
N ASN B 859 25.76 -7.06 -32.56
CA ASN B 859 24.57 -6.36 -32.08
C ASN B 859 24.85 -5.65 -30.76
N THR B 860 25.49 -6.35 -29.81
CA THR B 860 25.75 -5.76 -28.50
C THR B 860 26.69 -4.57 -28.59
N ILE B 861 27.61 -4.59 -29.56
CA ILE B 861 28.55 -3.48 -29.70
C ILE B 861 27.96 -2.33 -30.52
N VAL B 862 27.02 -2.60 -31.41
CA VAL B 862 26.58 -1.62 -32.40
C VAL B 862 25.34 -0.86 -31.92
N TYR B 863 24.53 -1.49 -31.06
CA TYR B 863 23.21 -0.94 -30.76
C TYR B 863 23.19 0.51 -30.25
N PRO B 864 24.31 1.06 -29.75
CA PRO B 864 24.41 2.52 -29.67
C PRO B 864 24.01 3.24 -30.95
N PHE B 865 24.44 2.72 -32.11
CA PHE B 865 24.42 3.46 -33.36
C PHE B 865 23.04 3.64 -33.95
N THR B 866 22.02 3.00 -33.39
CA THR B 866 20.66 3.11 -33.91
C THR B 866 19.91 4.32 -33.39
N SER B 867 20.59 5.18 -32.62
CA SER B 867 19.93 6.34 -32.01
C SER B 867 19.52 7.36 -33.07
N ILE B 868 20.42 7.67 -34.01
CA ILE B 868 20.14 8.73 -34.99
C ILE B 868 18.89 8.43 -35.81
N PRO B 869 18.70 7.23 -36.38
CA PRO B 869 17.41 6.96 -37.04
C PRO B 869 16.24 7.07 -36.09
N LEU B 870 16.42 6.69 -34.82
CA LEU B 870 15.32 6.75 -33.86
C LEU B 870 14.91 8.18 -33.57
N ILE B 871 15.88 9.07 -33.34
CA ILE B 871 15.54 10.46 -33.05
C ILE B 871 14.95 11.13 -34.29
N ALA B 872 15.44 10.75 -35.48
CA ALA B 872 14.84 11.28 -36.70
C ALA B 872 13.39 10.85 -36.83
N TYR B 873 13.11 9.58 -36.52
CA TYR B 873 11.73 9.08 -36.59
C TYR B 873 10.85 9.78 -35.55
N CYS B 874 11.39 10.09 -34.38
CA CYS B 874 10.63 10.77 -33.34
C CYS B 874 10.57 12.28 -33.55
N THR B 875 11.43 12.84 -34.40
CA THR B 875 11.38 14.25 -34.76
C THR B 875 10.49 14.51 -35.97
N LEU B 876 10.16 13.45 -36.71
CA LEU B 876 9.27 13.55 -37.87
C LEU B 876 7.94 14.24 -37.61
N PRO B 877 7.21 13.98 -36.51
CA PRO B 877 5.80 14.42 -36.47
C PRO B 877 5.61 15.92 -36.58
N ALA B 878 6.25 16.71 -35.72
CA ALA B 878 6.01 18.15 -35.70
C ALA B 878 6.46 18.80 -37.01
N PHE B 879 7.62 18.42 -37.52
CA PHE B 879 8.10 18.97 -38.79
C PHE B 879 7.15 18.63 -39.92
N CYS B 880 6.64 17.41 -39.95
CA CYS B 880 5.71 17.03 -41.02
C CYS B 880 4.37 17.75 -40.89
N LEU B 881 3.80 17.75 -39.68
CA LEU B 881 2.43 18.23 -39.52
C LEU B 881 2.35 19.75 -39.53
N LEU B 882 3.41 20.45 -39.12
CA LEU B 882 3.44 21.90 -39.28
C LEU B 882 3.39 22.28 -40.75
N THR B 883 4.07 21.51 -41.59
CA THR B 883 3.91 21.61 -43.04
C THR B 883 2.73 20.72 -43.45
N ASN B 884 2.57 20.49 -44.74
CA ASN B 884 1.49 19.65 -45.23
C ASN B 884 2.01 18.24 -45.54
N LYS B 885 1.13 17.40 -46.07
CA LYS B 885 1.44 16.03 -46.48
C LYS B 885 1.87 15.16 -45.32
N PHE B 886 2.42 13.99 -45.62
CA PHE B 886 2.80 12.98 -44.64
C PHE B 886 3.68 11.96 -45.35
N ILE B 887 4.10 10.92 -44.63
CA ILE B 887 4.86 9.83 -45.21
C ILE B 887 3.99 8.80 -45.92
N ILE B 888 2.67 8.91 -45.76
CA ILE B 888 1.75 7.90 -46.26
C ILE B 888 0.97 8.44 -47.45
N PRO B 889 0.69 7.62 -48.46
CA PRO B 889 -0.20 8.06 -49.55
C PRO B 889 -1.64 7.74 -49.23
N GLU B 890 -2.54 8.04 -50.16
CA GLU B 890 -3.95 7.70 -49.98
C GLU B 890 -4.13 6.19 -49.97
N ILE B 891 -5.08 5.73 -49.16
CA ILE B 891 -5.34 4.30 -49.02
C ILE B 891 -6.05 3.79 -50.28
N SER B 892 -5.49 2.76 -50.89
CA SER B 892 -6.03 2.18 -52.11
C SER B 892 -5.68 0.70 -52.11
N ASN B 893 -5.79 0.06 -53.28
CA ASN B 893 -5.44 -1.34 -53.40
C ASN B 893 -3.96 -1.55 -53.10
N PHE B 894 -3.68 -2.57 -52.27
CA PHE B 894 -2.32 -2.95 -51.89
C PHE B 894 -1.62 -1.87 -51.07
N ALA B 895 -2.32 -0.77 -50.78
CA ALA B 895 -1.70 0.30 -50.01
C ALA B 895 -1.77 0.04 -48.52
N SER B 896 -2.98 -0.10 -47.97
CA SER B 896 -3.15 -0.37 -46.56
C SER B 896 -2.93 -1.83 -46.19
N MET B 897 -2.92 -2.73 -47.18
CA MET B 897 -2.71 -4.15 -46.90
C MET B 897 -1.37 -4.39 -46.21
N TRP B 898 -0.30 -3.81 -46.76
CA TRP B 898 1.01 -3.95 -46.14
C TRP B 898 1.07 -3.26 -44.78
N PHE B 899 0.38 -2.13 -44.64
CA PHE B 899 0.33 -1.44 -43.35
C PHE B 899 -0.22 -2.36 -42.26
N ILE B 900 -1.40 -2.94 -42.50
CA ILE B 900 -2.03 -3.80 -41.50
C ILE B 900 -1.22 -5.07 -41.31
N LEU B 901 -0.68 -5.63 -42.40
CA LEU B 901 0.09 -6.86 -42.28
C LEU B 901 1.31 -6.67 -41.39
N LEU B 902 2.07 -5.59 -41.62
CA LEU B 902 3.25 -5.33 -40.82
C LEU B 902 2.88 -5.06 -39.36
N PHE B 903 1.86 -4.24 -39.13
CA PHE B 903 1.48 -3.93 -37.75
C PHE B 903 1.01 -5.17 -37.01
N VAL B 904 0.19 -6.00 -37.67
CA VAL B 904 -0.33 -7.22 -37.04
C VAL B 904 0.81 -8.17 -36.72
N SER B 905 1.74 -8.37 -37.65
CA SER B 905 2.84 -9.29 -37.38
C SER B 905 3.79 -8.77 -36.31
N ILE B 906 4.01 -7.44 -36.28
CA ILE B 906 4.81 -6.85 -35.22
C ILE B 906 4.21 -7.16 -33.85
N PHE B 907 2.88 -7.02 -33.73
CA PHE B 907 2.23 -7.40 -32.49
C PHE B 907 2.13 -8.90 -32.32
N THR B 908 2.23 -9.67 -33.41
CA THR B 908 2.05 -11.11 -33.34
C THR B 908 3.25 -11.80 -32.71
N THR B 909 4.46 -11.38 -33.09
CA THR B 909 5.65 -12.03 -32.53
C THR B 909 5.80 -11.75 -31.04
N SER B 910 5.24 -10.63 -30.58
CA SER B 910 5.40 -10.26 -29.17
C SER B 910 4.72 -11.27 -28.24
N ILE B 911 3.50 -11.70 -28.60
CA ILE B 911 2.77 -12.61 -27.71
C ILE B 911 3.45 -13.96 -27.66
N LEU B 912 4.01 -14.43 -28.78
CA LEU B 912 4.78 -15.67 -28.77
C LEU B 912 6.04 -15.53 -27.95
N GLU B 913 6.70 -14.38 -28.04
CA GLU B 913 7.88 -14.13 -27.21
C GLU B 913 7.54 -14.22 -25.72
N LEU B 914 6.46 -13.57 -25.32
CA LEU B 914 6.02 -13.63 -23.94
C LEU B 914 5.57 -15.03 -23.55
N ARG B 915 4.99 -15.77 -24.49
CA ARG B 915 4.49 -17.11 -24.19
C ARG B 915 5.63 -18.06 -23.87
N TRP B 916 6.65 -18.12 -24.73
CA TRP B 916 7.74 -19.06 -24.47
C TRP B 916 8.67 -18.57 -23.37
N SER B 917 8.93 -17.26 -23.32
CA SER B 917 9.85 -16.73 -22.30
C SER B 917 9.19 -16.64 -20.93
N GLY B 918 7.89 -16.37 -20.87
CA GLY B 918 7.21 -16.17 -19.61
C GLY B 918 7.21 -14.74 -19.11
N VAL B 919 7.55 -13.78 -19.96
CA VAL B 919 7.60 -12.38 -19.56
C VAL B 919 6.21 -11.78 -19.63
N SER B 920 5.84 -11.01 -18.61
CA SER B 920 4.54 -10.36 -18.59
C SER B 920 4.50 -9.23 -19.62
N ILE B 921 3.28 -8.87 -20.01
CA ILE B 921 3.10 -7.82 -21.01
C ILE B 921 3.56 -6.46 -20.48
N GLU B 922 3.32 -6.21 -19.19
CA GLU B 922 3.71 -4.93 -18.61
C GLU B 922 5.23 -4.74 -18.64
N ASP B 923 5.98 -5.81 -18.36
CA ASP B 923 7.44 -5.71 -18.39
C ASP B 923 7.94 -5.42 -19.81
N TRP B 924 7.36 -6.08 -20.81
CA TRP B 924 7.77 -5.82 -22.19
C TRP B 924 7.44 -4.38 -22.60
N TRP B 925 6.25 -3.90 -22.22
CA TRP B 925 5.87 -2.53 -22.55
C TRP B 925 6.81 -1.53 -21.88
N ARG B 926 7.14 -1.77 -20.61
CA ARG B 926 8.08 -0.91 -19.90
C ARG B 926 9.46 -0.93 -20.55
N ASN B 927 9.89 -2.11 -20.99
CA ASN B 927 11.18 -2.21 -21.67
C ASN B 927 11.16 -1.42 -22.98
N GLU B 928 10.02 -1.42 -23.68
CA GLU B 928 9.91 -0.61 -24.89
C GLU B 928 10.03 0.87 -24.59
N GLN B 929 9.37 1.33 -23.52
CA GLN B 929 9.46 2.75 -23.16
C GLN B 929 10.90 3.12 -22.81
N PHE B 930 11.57 2.28 -22.03
CA PHE B 930 12.96 2.54 -21.68
C PHE B 930 13.85 2.50 -22.92
N TRP B 931 13.58 1.57 -23.83
CA TRP B 931 14.36 1.53 -25.07
C TRP B 931 14.28 2.84 -25.82
N VAL B 932 13.08 3.43 -25.90
CA VAL B 932 12.92 4.69 -26.62
C VAL B 932 13.69 5.81 -25.92
N ILE B 933 13.45 5.99 -24.61
CA ILE B 933 14.05 7.12 -23.92
C ILE B 933 15.57 6.98 -23.85
N GLY B 934 16.05 5.77 -23.56
CA GLY B 934 17.48 5.54 -23.59
C GLY B 934 18.07 5.62 -24.99
N GLY B 935 17.23 5.38 -26.01
CA GLY B 935 17.67 5.62 -27.37
C GLY B 935 17.98 7.09 -27.61
N THR B 936 17.20 7.97 -26.99
CA THR B 936 17.47 9.40 -27.10
C THR B 936 18.49 9.84 -26.06
N SER B 937 18.16 9.69 -24.78
CA SER B 937 18.87 10.40 -23.72
C SER B 937 20.36 10.06 -23.71
N ALA B 938 20.71 8.77 -23.77
CA ALA B 938 22.10 8.39 -23.60
C ALA B 938 22.82 8.16 -24.93
N HIS B 939 22.12 7.61 -25.93
CA HIS B 939 22.81 7.02 -27.07
C HIS B 939 23.38 8.04 -28.06
N LEU B 940 22.68 9.13 -28.36
CA LEU B 940 23.29 10.13 -29.25
C LEU B 940 24.51 10.77 -28.60
N PHE B 941 24.47 11.01 -27.29
CA PHE B 941 25.65 11.54 -26.62
C PHE B 941 26.78 10.52 -26.55
N ALA B 942 26.46 9.23 -26.45
CA ALA B 942 27.51 8.22 -26.54
C ALA B 942 28.17 8.26 -27.92
N VAL B 943 27.35 8.33 -28.97
CA VAL B 943 27.87 8.42 -30.33
C VAL B 943 28.66 9.72 -30.52
N PHE B 944 28.13 10.83 -30.02
CA PHE B 944 28.78 12.12 -30.18
C PHE B 944 30.13 12.14 -29.47
N GLN B 945 30.18 11.69 -28.23
CA GLN B 945 31.42 11.67 -27.47
C GLN B 945 32.44 10.75 -28.14
N GLY B 946 32.03 9.56 -28.57
CA GLY B 946 32.95 8.66 -29.22
C GLY B 946 33.50 9.22 -30.52
N LEU B 947 32.61 9.78 -31.35
CA LEU B 947 33.03 10.33 -32.64
C LEU B 947 33.98 11.50 -32.45
N LEU B 948 33.61 12.45 -31.59
CA LEU B 948 34.45 13.63 -31.38
C LEU B 948 35.78 13.26 -30.75
N LYS B 949 35.77 12.37 -29.75
CA LYS B 949 37.01 11.98 -29.09
C LYS B 949 37.94 11.24 -30.05
N VAL B 950 37.38 10.37 -30.89
CA VAL B 950 38.21 9.62 -31.83
C VAL B 950 38.81 10.55 -32.87
N LEU B 951 38.02 11.48 -33.40
CA LEU B 951 38.52 12.40 -34.42
C LEU B 951 39.36 13.53 -33.83
N ALA B 952 39.38 13.69 -32.51
CA ALA B 952 40.18 14.74 -31.88
C ALA B 952 41.12 14.20 -30.80
N GLY B 953 41.35 12.89 -30.75
CA GLY B 953 42.24 12.32 -29.77
C GLY B 953 41.66 12.29 -28.37
N TRP B 979 27.22 18.45 -15.69
CA TRP B 979 26.43 17.43 -16.39
C TRP B 979 24.95 17.82 -16.45
N THR B 980 24.07 16.82 -16.35
CA THR B 980 22.62 16.92 -16.46
C THR B 980 22.16 17.33 -17.85
N SER B 981 23.07 17.48 -18.82
CA SER B 981 22.68 17.76 -20.19
C SER B 981 22.27 16.51 -20.94
N LEU B 982 22.45 15.34 -20.34
CA LEU B 982 22.08 14.07 -20.96
C LEU B 982 20.58 13.85 -21.00
N LEU B 983 19.79 14.77 -20.47
CA LEU B 983 18.34 14.65 -20.41
C LEU B 983 17.64 15.64 -21.33
N ILE B 984 18.39 16.43 -22.09
CA ILE B 984 17.84 17.55 -22.86
C ILE B 984 17.19 17.10 -24.17
N PRO B 985 17.83 16.27 -25.01
CA PRO B 985 17.22 15.95 -26.32
C PRO B 985 15.82 15.38 -26.22
N PRO B 986 15.54 14.47 -25.25
CA PRO B 986 14.14 14.07 -25.08
C PRO B 986 13.22 15.21 -24.69
N THR B 987 13.71 16.18 -23.93
CA THR B 987 12.89 17.34 -23.57
C THR B 987 12.54 18.15 -24.81
N THR B 988 13.52 18.37 -25.70
CA THR B 988 13.25 19.10 -26.93
C THR B 988 12.24 18.35 -27.79
N VAL B 989 12.41 17.03 -27.92
CA VAL B 989 11.48 16.24 -28.72
C VAL B 989 10.07 16.30 -28.11
N LEU B 990 9.98 16.18 -26.79
CA LEU B 990 8.68 16.20 -26.12
C LEU B 990 7.96 17.53 -26.34
N ILE B 991 8.65 18.64 -26.06
CA ILE B 991 8.03 19.95 -26.21
C ILE B 991 7.68 20.23 -27.66
N VAL B 992 8.59 19.90 -28.58
CA VAL B 992 8.35 20.16 -30.00
C VAL B 992 7.15 19.38 -30.48
N ASN B 993 7.07 18.10 -30.13
CA ASN B 993 5.94 17.28 -30.57
C ASN B 993 4.62 17.77 -29.99
N LEU B 994 4.61 18.10 -28.70
CA LEU B 994 3.38 18.54 -28.05
C LEU B 994 2.86 19.83 -28.67
N VAL B 995 3.72 20.85 -28.75
CA VAL B 995 3.31 22.13 -29.33
C VAL B 995 2.91 21.95 -30.79
N GLY B 996 3.67 21.15 -31.53
CA GLY B 996 3.35 20.89 -32.92
C GLY B 996 1.98 20.30 -33.12
N ILE B 997 1.67 19.21 -32.42
CA ILE B 997 0.38 18.55 -32.61
C ILE B 997 -0.76 19.46 -32.20
N VAL B 998 -0.57 20.23 -31.11
CA VAL B 998 -1.63 21.13 -30.66
C VAL B 998 -1.91 22.18 -31.73
N ALA B 999 -0.86 22.85 -32.22
CA ALA B 999 -1.04 23.89 -33.23
C ALA B 999 -1.60 23.32 -34.52
N GLY B 1000 -1.13 22.14 -34.92
CA GLY B 1000 -1.62 21.53 -36.16
C GLY B 1000 -3.07 21.12 -36.11
N VAL B 1001 -3.51 20.55 -34.99
CA VAL B 1001 -4.93 20.21 -34.86
C VAL B 1001 -5.78 21.48 -34.84
N SER B 1002 -5.30 22.54 -34.17
CA SER B 1002 -6.03 23.80 -34.19
C SER B 1002 -6.14 24.37 -35.60
N TYR B 1003 -5.03 24.29 -36.36
CA TYR B 1003 -5.07 24.75 -37.75
C TYR B 1003 -6.00 23.89 -38.59
N ALA B 1004 -6.09 22.59 -38.29
CA ALA B 1004 -7.05 21.73 -38.97
C ALA B 1004 -8.48 22.15 -38.66
N ILE B 1005 -8.74 22.56 -37.41
CA ILE B 1005 -10.05 23.09 -37.05
C ILE B 1005 -10.35 24.35 -37.87
N ASN B 1006 -9.34 25.21 -38.02
CA ASN B 1006 -9.52 26.40 -38.87
C ASN B 1006 -9.83 26.00 -40.31
N SER B 1007 -9.16 24.99 -40.84
CA SER B 1007 -9.44 24.54 -42.20
C SER B 1007 -10.83 23.93 -42.29
N GLY B 1008 -11.21 23.09 -41.34
CA GLY B 1008 -12.52 22.47 -41.32
C GLY B 1008 -12.83 21.64 -42.56
N TYR B 1009 -11.89 20.78 -42.96
CA TYR B 1009 -12.01 20.01 -44.18
C TYR B 1009 -12.47 18.59 -43.86
N GLN B 1010 -13.04 17.94 -44.88
CA GLN B 1010 -13.53 16.57 -44.77
C GLN B 1010 -12.44 15.57 -45.17
N SER B 1011 -11.30 15.63 -44.51
CA SER B 1011 -10.17 14.74 -44.80
C SER B 1011 -9.76 14.02 -43.52
N TRP B 1012 -10.39 12.87 -43.27
CA TRP B 1012 -10.11 12.11 -42.06
C TRP B 1012 -8.74 11.44 -42.11
N GLY B 1013 -8.30 11.05 -43.30
CA GLY B 1013 -7.06 10.32 -43.47
C GLY B 1013 -5.84 11.01 -42.90
N PRO B 1014 -5.49 12.19 -43.43
CA PRO B 1014 -4.31 12.89 -42.91
C PRO B 1014 -4.40 13.22 -41.43
N LEU B 1015 -5.54 13.71 -40.96
CA LEU B 1015 -5.68 14.10 -39.57
C LEU B 1015 -5.55 12.88 -38.64
N PHE B 1016 -6.20 11.78 -39.00
CA PHE B 1016 -6.09 10.57 -38.20
C PHE B 1016 -4.66 10.03 -38.21
N GLY B 1017 -4.00 10.07 -39.37
CA GLY B 1017 -2.63 9.60 -39.45
C GLY B 1017 -1.69 10.41 -38.58
N LYS B 1018 -1.87 11.74 -38.57
CA LYS B 1018 -1.03 12.59 -37.73
C LYS B 1018 -1.49 12.63 -36.28
N LEU B 1019 -2.67 12.09 -35.97
CA LEU B 1019 -3.13 12.02 -34.58
C LEU B 1019 -2.71 10.73 -33.91
N PHE B 1020 -2.89 9.58 -34.58
CA PHE B 1020 -2.39 8.33 -34.05
C PHE B 1020 -0.88 8.38 -33.90
N PHE B 1021 -0.19 8.92 -34.90
CA PHE B 1021 1.24 9.17 -34.78
C PHE B 1021 1.45 10.39 -33.89
N ALA B 1022 2.63 10.48 -33.28
CA ALA B 1022 3.02 11.55 -32.36
C ALA B 1022 2.32 11.41 -31.01
N ILE B 1023 1.38 10.47 -30.90
CA ILE B 1023 0.95 10.00 -29.59
C ILE B 1023 1.74 8.76 -29.21
N TRP B 1024 2.18 7.98 -30.21
CA TRP B 1024 3.13 6.90 -29.98
C TRP B 1024 4.40 7.43 -29.33
N VAL B 1025 4.90 8.58 -29.80
CA VAL B 1025 6.12 9.15 -29.24
C VAL B 1025 5.91 9.57 -27.79
N ILE B 1026 4.80 10.26 -27.51
CA ILE B 1026 4.53 10.71 -26.15
C ILE B 1026 4.33 9.52 -25.22
N ALA B 1027 3.64 8.49 -25.69
CA ALA B 1027 3.44 7.29 -24.87
C ALA B 1027 4.77 6.62 -24.57
N HIS B 1028 5.66 6.54 -25.56
CA HIS B 1028 6.98 5.98 -25.31
C HIS B 1028 7.87 6.91 -24.51
N LEU B 1029 7.55 8.21 -24.49
CA LEU B 1029 8.23 9.17 -23.64
C LEU B 1029 7.41 9.52 -22.40
N TYR B 1030 6.37 8.75 -22.10
CA TYR B 1030 5.56 9.02 -20.92
C TYR B 1030 6.33 8.93 -19.61
N PRO B 1031 7.18 7.91 -19.37
CA PRO B 1031 8.01 7.95 -18.15
C PRO B 1031 8.90 9.17 -18.10
N PHE B 1032 9.36 9.66 -19.25
CA PHE B 1032 10.11 10.90 -19.30
C PHE B 1032 9.29 12.07 -18.79
N LEU B 1033 8.05 12.20 -19.24
CA LEU B 1033 7.19 13.29 -18.79
C LEU B 1033 6.87 13.16 -17.31
N LYS B 1034 6.65 11.93 -16.84
CA LYS B 1034 6.40 11.71 -15.42
C LYS B 1034 7.63 12.07 -14.58
N GLY B 1035 8.82 11.73 -15.07
CA GLY B 1035 10.03 12.05 -14.34
C GLY B 1035 10.29 13.55 -14.27
N LEU B 1036 10.08 14.26 -15.37
CA LEU B 1036 10.31 15.70 -15.37
C LEU B 1036 9.33 16.42 -14.46
N LEU B 1037 8.04 16.12 -14.60
CA LEU B 1037 6.98 16.81 -13.88
C LEU B 1037 6.26 15.81 -12.98
N GLY B 1038 6.31 16.04 -11.69
CA GLY B 1038 5.67 15.15 -10.73
C GLY B 1038 6.46 15.12 -9.44
N ARG B 1039 6.13 14.14 -8.61
CA ARG B 1039 6.82 13.98 -7.34
C ARG B 1039 8.25 13.49 -7.55
N GLN B 1040 9.10 13.74 -6.54
CA GLN B 1040 10.51 13.37 -6.59
C GLN B 1040 11.20 13.98 -7.82
N ASN B 1041 10.90 15.25 -8.08
CA ASN B 1041 11.48 15.93 -9.23
C ASN B 1041 12.98 16.13 -9.06
N ARG B 1042 13.72 15.96 -10.14
CA ARG B 1042 15.17 16.13 -10.15
C ARG B 1042 15.60 16.92 -11.36
N THR B 1043 14.84 17.94 -11.72
CA THR B 1043 15.07 18.71 -12.94
C THR B 1043 15.61 20.10 -12.62
N PRO B 1044 16.86 20.40 -12.94
CA PRO B 1044 17.35 21.78 -12.76
C PRO B 1044 16.66 22.73 -13.71
N THR B 1045 16.56 24.00 -13.29
CA THR B 1045 15.94 25.02 -14.12
C THR B 1045 16.77 25.30 -15.37
N ILE B 1046 18.10 25.12 -15.30
CA ILE B 1046 18.95 25.39 -16.44
C ILE B 1046 18.63 24.43 -17.60
N VAL B 1047 18.29 23.19 -17.27
CA VAL B 1047 17.90 22.23 -18.30
C VAL B 1047 16.63 22.69 -19.01
N ILE B 1048 15.65 23.19 -18.25
CA ILE B 1048 14.43 23.69 -18.85
C ILE B 1048 14.71 24.89 -19.74
N VAL B 1049 15.57 25.80 -19.28
CA VAL B 1049 15.90 26.97 -20.08
C VAL B 1049 16.57 26.58 -21.40
N TRP B 1050 17.52 25.65 -21.33
CA TRP B 1050 18.21 25.18 -22.54
C TRP B 1050 17.23 24.51 -23.49
N SER B 1051 16.33 23.68 -22.95
CA SER B 1051 15.36 23.00 -23.80
C SER B 1051 14.42 24.01 -24.47
N VAL B 1052 13.99 25.03 -23.74
CA VAL B 1052 13.13 26.06 -24.32
C VAL B 1052 13.85 26.80 -25.43
N LEU B 1053 15.13 27.14 -25.21
CA LEU B 1053 15.90 27.84 -26.23
C LEU B 1053 16.03 27.00 -27.50
N LEU B 1054 16.39 25.72 -27.35
CA LEU B 1054 16.56 24.86 -28.51
C LEU B 1054 15.23 24.66 -29.24
N ALA B 1055 14.13 24.49 -28.49
CA ALA B 1055 12.82 24.37 -29.13
C ALA B 1055 12.43 25.64 -29.85
N SER B 1056 12.80 26.80 -29.31
CA SER B 1056 12.53 28.07 -29.99
C SER B 1056 13.28 28.15 -31.31
N ILE B 1057 14.56 27.72 -31.33
CA ILE B 1057 15.31 27.70 -32.58
C ILE B 1057 14.65 26.78 -33.60
N PHE B 1058 14.22 25.60 -33.15
CA PHE B 1058 13.56 24.66 -34.05
C PHE B 1058 12.27 25.24 -34.62
N SER B 1059 11.45 25.85 -33.75
CA SER B 1059 10.18 26.42 -34.20
C SER B 1059 10.40 27.55 -35.18
N LEU B 1060 11.39 28.41 -34.92
CA LEU B 1060 11.72 29.46 -35.88
C LEU B 1060 12.27 28.88 -37.18
N LEU B 1061 12.95 27.74 -37.10
CA LEU B 1061 13.46 27.09 -38.31
C LEU B 1061 12.33 26.56 -39.18
N TRP B 1062 11.21 26.18 -38.56
CA TRP B 1062 10.08 25.67 -39.35
C TRP B 1062 9.57 26.71 -40.32
N VAL B 1063 9.46 27.97 -39.88
CA VAL B 1063 8.96 29.04 -40.73
C VAL B 1063 9.86 29.26 -41.93
N ARG C 261 -38.56 -10.24 33.34
CA ARG C 261 -39.78 -10.56 32.60
C ARG C 261 -39.75 -9.94 31.21
N GLN C 262 -38.84 -9.00 31.00
CA GLN C 262 -38.68 -8.39 29.69
C GLN C 262 -38.15 -9.41 28.69
N PRO C 263 -38.48 -9.26 27.41
CA PRO C 263 -38.02 -10.24 26.41
C PRO C 263 -36.50 -10.29 26.34
N MET C 264 -35.97 -11.50 26.18
CA MET C 264 -34.53 -11.69 26.10
C MET C 264 -33.96 -11.03 24.85
N SER C 265 -34.64 -11.20 23.72
CA SER C 265 -34.23 -10.60 22.46
C SER C 265 -35.41 -9.88 21.83
N ARG C 266 -35.12 -8.87 21.04
CA ARG C 266 -36.15 -8.03 20.44
C ARG C 266 -36.05 -8.07 18.92
N VAL C 267 -37.20 -8.13 18.27
CA VAL C 267 -37.29 -8.09 16.81
C VAL C 267 -37.58 -6.65 16.40
N VAL C 268 -36.72 -6.08 15.58
CA VAL C 268 -36.82 -4.70 15.13
C VAL C 268 -37.22 -4.72 13.65
N PRO C 269 -38.45 -4.35 13.30
CA PRO C 269 -38.79 -4.23 11.88
C PRO C 269 -38.04 -3.07 11.24
N ILE C 270 -37.79 -3.20 9.94
CA ILE C 270 -37.13 -2.11 9.21
C ILE C 270 -38.06 -0.89 9.23
N PRO C 271 -37.54 0.32 9.44
CA PRO C 271 -38.43 1.49 9.48
C PRO C 271 -39.20 1.67 8.18
N SER C 272 -40.44 2.13 8.32
CA SER C 272 -41.31 2.31 7.16
C SER C 272 -40.78 3.34 6.19
N SER C 273 -39.94 4.27 6.66
CA SER C 273 -39.40 5.31 5.78
C SER C 273 -38.60 4.71 4.64
N GLN C 274 -37.89 3.62 4.88
CA GLN C 274 -37.16 2.92 3.84
C GLN C 274 -37.96 1.77 3.24
N LEU C 275 -38.84 1.16 4.02
CA LEU C 275 -39.55 -0.02 3.55
C LEU C 275 -40.64 0.33 2.55
N THR C 276 -41.40 1.38 2.81
CA THR C 276 -42.52 1.73 1.93
C THR C 276 -42.08 2.07 0.50
N PRO C 277 -41.09 2.93 0.28
CA PRO C 277 -40.65 3.17 -1.12
C PRO C 277 -40.16 1.90 -1.81
N TYR C 278 -39.60 0.96 -1.04
CA TYR C 278 -39.16 -0.30 -1.63
C TYR C 278 -40.33 -1.05 -2.27
N ARG C 279 -41.44 -1.13 -1.55
CA ARG C 279 -42.63 -1.80 -2.10
C ARG C 279 -43.23 -1.00 -3.24
N VAL C 280 -43.17 0.34 -3.16
CA VAL C 280 -43.71 1.16 -4.23
C VAL C 280 -42.95 0.93 -5.54
N VAL C 281 -41.62 0.91 -5.46
CA VAL C 281 -40.85 0.67 -6.68
C VAL C 281 -41.00 -0.77 -7.14
N ILE C 282 -41.28 -1.70 -6.22
CA ILE C 282 -41.51 -3.09 -6.62
C ILE C 282 -42.78 -3.21 -7.44
N ILE C 283 -43.87 -2.62 -6.95
CA ILE C 283 -45.14 -2.72 -7.69
C ILE C 283 -45.05 -1.92 -8.99
N LEU C 284 -44.32 -0.80 -8.98
CA LEU C 284 -44.08 -0.07 -10.22
C LEU C 284 -43.30 -0.91 -11.22
N ARG C 285 -42.31 -1.67 -10.74
CA ARG C 285 -41.62 -2.62 -11.60
C ARG C 285 -42.58 -3.63 -12.21
N LEU C 286 -43.49 -4.16 -11.39
CA LEU C 286 -44.42 -5.16 -11.90
C LEU C 286 -45.31 -4.59 -13.01
N ILE C 287 -45.82 -3.38 -12.80
CA ILE C 287 -46.71 -2.77 -13.80
C ILE C 287 -45.94 -2.46 -15.08
N ILE C 288 -44.74 -1.88 -14.97
CA ILE C 288 -44.00 -1.49 -16.18
C ILE C 288 -43.25 -2.65 -16.80
N LEU C 289 -43.17 -3.80 -16.15
CA LEU C 289 -42.59 -4.99 -16.76
C LEU C 289 -43.64 -5.90 -17.38
N GLY C 290 -44.89 -5.81 -16.94
CA GLY C 290 -45.96 -6.51 -17.62
C GLY C 290 -46.43 -5.85 -18.90
N PHE C 291 -45.91 -4.67 -19.21
CA PHE C 291 -46.25 -3.95 -20.43
C PHE C 291 -45.12 -3.93 -21.45
N PHE C 292 -43.87 -4.04 -21.00
CA PHE C 292 -42.75 -4.15 -21.94
C PHE C 292 -42.88 -5.40 -22.80
N LEU C 293 -43.31 -6.52 -22.19
CA LEU C 293 -43.49 -7.75 -22.94
C LEU C 293 -44.58 -7.59 -23.99
N GLN C 294 -45.68 -6.92 -23.65
CA GLN C 294 -46.74 -6.68 -24.63
C GLN C 294 -46.25 -5.81 -25.78
N TYR C 295 -45.53 -4.74 -25.45
CA TYR C 295 -45.01 -3.84 -26.48
C TYR C 295 -44.01 -4.56 -27.38
N ARG C 296 -43.21 -5.45 -26.83
CA ARG C 296 -42.22 -6.20 -27.60
C ARG C 296 -42.83 -7.38 -28.34
N VAL C 297 -44.04 -7.80 -27.95
CA VAL C 297 -44.76 -8.81 -28.72
C VAL C 297 -45.47 -8.20 -29.91
N THR C 298 -46.00 -6.98 -29.75
CA THR C 298 -46.71 -6.30 -30.83
C THR C 298 -45.77 -5.74 -31.90
N HIS C 299 -44.46 -5.84 -31.72
CA HIS C 299 -43.48 -5.31 -32.67
C HIS C 299 -42.47 -6.39 -33.04
N PRO C 300 -42.89 -7.38 -33.84
CA PRO C 300 -41.93 -8.38 -34.31
C PRO C 300 -41.13 -7.87 -35.49
N VAL C 301 -39.91 -8.39 -35.62
CA VAL C 301 -39.03 -8.00 -36.71
C VAL C 301 -39.19 -9.02 -37.84
N LYS C 302 -39.53 -8.52 -39.03
CA LYS C 302 -39.77 -9.39 -40.17
C LYS C 302 -38.48 -9.85 -40.85
N ASP C 303 -37.35 -9.21 -40.56
CA ASP C 303 -36.07 -9.60 -41.13
C ASP C 303 -35.17 -10.34 -40.16
N ALA C 304 -35.51 -10.34 -38.87
CA ALA C 304 -34.76 -11.05 -37.83
C ALA C 304 -35.71 -11.82 -36.93
N TYR C 305 -36.62 -12.57 -37.54
CA TYR C 305 -37.66 -13.25 -36.78
C TYR C 305 -37.12 -14.26 -35.78
N PRO C 306 -36.23 -15.20 -36.14
CA PRO C 306 -35.67 -16.08 -35.10
C PRO C 306 -34.89 -15.33 -34.04
N LEU C 307 -34.16 -14.29 -34.44
CA LEU C 307 -33.43 -13.48 -33.47
C LEU C 307 -34.37 -12.75 -32.53
N TRP C 308 -35.48 -12.22 -33.07
CA TRP C 308 -36.48 -11.56 -32.24
C TRP C 308 -37.09 -12.55 -31.26
N LEU C 309 -37.36 -13.78 -31.70
CA LEU C 309 -37.89 -14.81 -30.81
C LEU C 309 -36.91 -15.14 -29.70
N THR C 310 -35.62 -15.26 -30.04
CA THR C 310 -34.61 -15.55 -29.02
C THR C 310 -34.56 -14.43 -27.98
N SER C 311 -34.58 -13.18 -28.43
CA SER C 311 -34.52 -12.05 -27.51
C SER C 311 -35.74 -12.01 -26.59
N VAL C 312 -36.94 -12.24 -27.13
CA VAL C 312 -38.14 -12.16 -26.30
C VAL C 312 -38.17 -13.32 -25.31
N ILE C 313 -37.71 -14.50 -25.71
CA ILE C 313 -37.64 -15.63 -24.77
C ILE C 313 -36.70 -15.31 -23.63
N CYS C 314 -35.53 -14.76 -23.94
CA CYS C 314 -34.58 -14.39 -22.89
C CYS C 314 -35.17 -13.36 -21.95
N GLU C 315 -35.88 -12.36 -22.49
CA GLU C 315 -36.49 -11.33 -21.65
C GLU C 315 -37.56 -11.92 -20.74
N ILE C 316 -38.36 -12.85 -21.27
CA ILE C 316 -39.39 -13.50 -20.45
C ILE C 316 -38.75 -14.24 -19.28
N TRP C 317 -37.69 -15.01 -19.57
CA TRP C 317 -37.03 -15.76 -18.51
C TRP C 317 -36.42 -14.84 -17.46
N PHE C 318 -35.78 -13.75 -17.90
CA PHE C 318 -35.19 -12.82 -16.96
C PHE C 318 -36.25 -12.16 -16.08
N ALA C 319 -37.39 -11.79 -16.68
CA ALA C 319 -38.47 -11.19 -15.89
C ALA C 319 -38.99 -12.16 -14.84
N LEU C 320 -39.19 -13.42 -15.22
CA LEU C 320 -39.66 -14.42 -14.27
C LEU C 320 -38.64 -14.62 -13.15
N SER C 321 -37.35 -14.64 -13.49
CA SER C 321 -36.32 -14.77 -12.45
C SER C 321 -36.35 -13.59 -11.48
N TRP C 322 -36.50 -12.36 -12.01
CA TRP C 322 -36.56 -11.20 -11.13
C TRP C 322 -37.76 -11.27 -10.20
N LEU C 323 -38.92 -11.68 -10.73
CA LEU C 323 -40.13 -11.75 -9.91
C LEU C 323 -39.97 -12.75 -8.77
N LEU C 324 -39.55 -13.97 -9.10
CA LEU C 324 -39.38 -15.00 -8.08
C LEU C 324 -38.23 -14.73 -7.14
N ASP C 325 -37.31 -13.83 -7.49
CA ASP C 325 -36.23 -13.45 -6.60
C ASP C 325 -36.62 -12.30 -5.67
N GLN C 326 -37.43 -11.36 -6.15
CA GLN C 326 -37.81 -10.20 -5.34
C GLN C 326 -39.00 -10.46 -4.44
N PHE C 327 -39.80 -11.49 -4.71
CA PHE C 327 -40.90 -11.81 -3.80
C PHE C 327 -40.45 -12.15 -2.38
N PRO C 328 -39.43 -13.00 -2.16
CA PRO C 328 -39.06 -13.32 -0.77
C PRO C 328 -38.61 -12.11 0.05
N LYS C 329 -38.04 -11.09 -0.57
CA LYS C 329 -37.47 -9.95 0.13
C LYS C 329 -38.48 -8.84 0.41
N TRP C 330 -39.78 -9.18 0.50
CA TRP C 330 -40.80 -8.16 0.65
C TRP C 330 -40.79 -7.52 2.03
N SER C 331 -40.65 -8.33 3.09
CA SER C 331 -40.78 -7.85 4.46
C SER C 331 -39.58 -8.30 5.28
N PRO C 332 -38.46 -7.61 5.17
CA PRO C 332 -37.29 -7.93 5.99
C PRO C 332 -37.42 -7.38 7.41
N ILE C 333 -36.66 -8.00 8.32
CA ILE C 333 -36.63 -7.61 9.73
C ILE C 333 -35.20 -7.73 10.24
N ASN C 334 -34.99 -7.27 11.47
CA ASN C 334 -33.70 -7.38 12.15
C ASN C 334 -33.94 -7.88 13.58
N ARG C 335 -32.87 -8.35 14.21
CA ARG C 335 -32.94 -8.88 15.55
C ARG C 335 -31.83 -8.29 16.42
N GLU C 336 -32.16 -8.01 17.67
CA GLU C 336 -31.22 -7.46 18.65
C GLU C 336 -31.23 -8.31 19.90
N THR C 337 -30.07 -8.45 20.52
CA THR C 337 -29.89 -9.27 21.71
C THR C 337 -29.43 -8.42 22.89
N TYR C 338 -29.81 -8.83 24.08
CA TYR C 338 -29.44 -8.14 25.33
C TYR C 338 -28.72 -9.15 26.22
N LEU C 339 -27.39 -9.12 26.20
CA LEU C 339 -26.62 -10.06 27.01
C LEU C 339 -26.75 -9.76 28.50
N GLU C 340 -27.04 -8.51 28.86
CA GLU C 340 -27.22 -8.16 30.27
C GLU C 340 -28.40 -8.92 30.88
N ARG C 341 -29.49 -9.07 30.12
CA ARG C 341 -30.62 -9.84 30.61
C ARG C 341 -30.27 -11.31 30.75
N LEU C 342 -29.42 -11.83 29.86
CA LEU C 342 -28.92 -13.20 30.02
C LEU C 342 -28.13 -13.36 31.30
N ALA C 343 -27.25 -12.39 31.61
CA ALA C 343 -26.48 -12.44 32.84
C ALA C 343 -27.38 -12.34 34.06
N LEU C 344 -28.40 -11.48 34.00
CA LEU C 344 -29.28 -11.29 35.15
C LEU C 344 -30.20 -12.48 35.38
N ARG C 345 -30.65 -13.13 34.31
CA ARG C 345 -31.65 -14.19 34.43
C ARG C 345 -31.04 -15.55 34.75
N TYR C 346 -30.07 -16.00 33.94
CA TYR C 346 -29.51 -17.33 34.09
C TYR C 346 -28.06 -17.34 34.56
N ASP C 347 -27.22 -16.47 34.02
CA ASP C 347 -25.79 -16.45 34.39
C ASP C 347 -25.58 -15.58 35.64
N ARG C 348 -26.26 -15.96 36.71
CA ARG C 348 -26.16 -15.23 37.96
C ARG C 348 -24.79 -15.42 38.60
N GLU C 349 -24.40 -14.44 39.41
CA GLU C 349 -23.14 -14.49 40.14
C GLU C 349 -23.32 -15.19 41.48
N GLY C 350 -22.28 -15.88 41.92
CA GLY C 350 -22.34 -16.62 43.17
C GLY C 350 -23.33 -17.76 43.16
N GLU C 351 -23.48 -18.43 42.02
CA GLU C 351 -24.40 -19.54 41.86
C GLU C 351 -24.06 -20.30 40.59
N PRO C 352 -24.16 -21.64 40.60
CA PRO C 352 -23.90 -22.40 39.37
C PRO C 352 -24.84 -21.97 38.25
N SER C 353 -24.30 -21.89 37.04
CA SER C 353 -25.07 -21.42 35.90
C SER C 353 -26.11 -22.45 35.48
N GLN C 354 -27.23 -21.96 34.96
CA GLN C 354 -28.29 -22.80 34.43
C GLN C 354 -28.24 -22.92 32.92
N LEU C 355 -27.15 -22.50 32.29
CA LEU C 355 -27.03 -22.55 30.85
C LEU C 355 -27.04 -24.00 30.36
N ASP C 356 -27.74 -24.25 29.26
CA ASP C 356 -27.83 -25.58 28.71
C ASP C 356 -26.49 -26.01 28.10
N PRO C 357 -26.14 -27.29 28.19
CA PRO C 357 -24.88 -27.75 27.60
C PRO C 357 -24.87 -27.59 26.09
N VAL C 358 -23.68 -27.30 25.55
CA VAL C 358 -23.48 -27.09 24.13
C VAL C 358 -22.32 -27.95 23.66
N ASP C 359 -22.46 -28.53 22.47
CA ASP C 359 -21.41 -29.33 21.86
C ASP C 359 -21.02 -28.71 20.52
N VAL C 360 -19.72 -28.55 20.31
CA VAL C 360 -19.18 -27.92 19.10
C VAL C 360 -18.53 -29.00 18.24
N PHE C 361 -18.96 -29.11 16.99
CA PHE C 361 -18.51 -30.16 16.09
C PHE C 361 -17.54 -29.59 15.07
N VAL C 362 -16.39 -30.24 14.94
CA VAL C 362 -15.37 -29.88 13.95
C VAL C 362 -15.06 -31.13 13.13
N SER C 363 -14.99 -30.96 11.81
CA SER C 363 -14.77 -32.07 10.89
C SER C 363 -13.56 -31.80 10.01
N THR C 364 -12.68 -32.79 9.91
CA THR C 364 -11.53 -32.72 9.02
C THR C 364 -11.38 -34.06 8.30
N VAL C 365 -10.79 -34.03 7.11
CA VAL C 365 -10.63 -35.21 6.28
C VAL C 365 -9.18 -35.51 5.96
N ASP C 366 -8.38 -34.50 5.64
CA ASP C 366 -7.01 -34.73 5.20
C ASP C 366 -6.07 -33.67 5.77
N PRO C 367 -5.10 -34.05 6.60
CA PRO C 367 -4.14 -33.06 7.11
C PRO C 367 -3.14 -32.60 6.07
N LEU C 368 -2.96 -33.34 4.97
CA LEU C 368 -1.99 -32.95 3.97
C LEU C 368 -2.46 -31.72 3.21
N LYS C 369 -3.69 -31.74 2.72
CA LYS C 369 -4.21 -30.59 1.98
C LYS C 369 -4.59 -29.46 2.93
N GLU C 370 -5.16 -29.81 4.09
CA GLU C 370 -5.54 -28.82 5.09
C GLU C 370 -4.52 -28.86 6.21
N PRO C 371 -3.69 -27.83 6.37
CA PRO C 371 -2.62 -27.85 7.36
C PRO C 371 -3.17 -27.97 8.77
N PRO C 372 -2.47 -28.69 9.66
CA PRO C 372 -2.93 -28.81 11.05
C PRO C 372 -2.91 -27.49 11.81
N LEU C 373 -2.16 -26.49 11.33
CA LEU C 373 -2.06 -25.23 12.06
C LEU C 373 -3.41 -24.52 12.15
N VAL C 374 -4.16 -24.46 11.05
CA VAL C 374 -5.46 -23.81 11.08
C VAL C 374 -6.44 -24.62 11.91
N THR C 375 -6.36 -25.95 11.83
CA THR C 375 -7.21 -26.79 12.68
C THR C 375 -6.88 -26.59 14.16
N ALA C 376 -5.58 -26.51 14.48
CA ALA C 376 -5.18 -26.24 15.85
C ALA C 376 -5.68 -24.89 16.33
N ASN C 377 -5.60 -23.87 15.47
CA ASN C 377 -6.11 -22.56 15.83
C ASN C 377 -7.61 -22.58 16.08
N THR C 378 -8.35 -23.31 15.24
CA THR C 378 -9.79 -23.44 15.44
C THR C 378 -10.10 -24.13 16.76
N VAL C 379 -9.37 -25.20 17.08
CA VAL C 379 -9.60 -25.91 18.33
C VAL C 379 -9.29 -25.01 19.52
N LEU C 380 -8.18 -24.26 19.45
CA LEU C 380 -7.83 -23.35 20.53
C LEU C 380 -8.88 -22.26 20.70
N SER C 381 -9.39 -21.72 19.59
CA SER C 381 -10.42 -20.70 19.68
C SER C 381 -11.71 -21.24 20.29
N ILE C 382 -12.08 -22.46 19.92
CA ILE C 382 -13.30 -23.07 20.46
C ILE C 382 -13.15 -23.36 21.95
N LEU C 383 -11.96 -23.85 22.36
CA LEU C 383 -11.73 -24.18 23.75
C LEU C 383 -11.69 -22.97 24.67
N SER C 384 -11.59 -21.76 24.12
CA SER C 384 -11.48 -20.54 24.91
C SER C 384 -12.71 -19.65 24.78
N VAL C 385 -13.88 -20.25 24.54
CA VAL C 385 -15.10 -19.46 24.42
C VAL C 385 -15.54 -18.97 25.80
N ASP C 386 -16.29 -17.86 25.81
CA ASP C 386 -16.81 -17.30 27.04
C ASP C 386 -18.07 -18.07 27.44
N TYR C 387 -17.85 -19.23 28.06
CA TYR C 387 -18.91 -20.14 28.45
C TYR C 387 -18.40 -20.97 29.62
N PRO C 388 -19.30 -21.45 30.49
CA PRO C 388 -18.86 -22.33 31.57
C PRO C 388 -18.15 -23.57 31.03
N VAL C 389 -17.10 -23.97 31.74
CA VAL C 389 -16.27 -25.08 31.27
C VAL C 389 -17.03 -26.39 31.32
N ASP C 390 -17.86 -26.58 32.36
CA ASP C 390 -18.59 -27.82 32.53
C ASP C 390 -19.87 -27.90 31.70
N LYS C 391 -20.21 -26.83 30.97
CA LYS C 391 -21.41 -26.79 30.16
C LYS C 391 -21.10 -26.70 28.66
N VAL C 392 -19.86 -26.98 28.27
CA VAL C 392 -19.47 -26.93 26.87
C VAL C 392 -18.52 -28.09 26.59
N SER C 393 -18.61 -28.62 25.36
CA SER C 393 -17.76 -29.73 24.94
C SER C 393 -17.42 -29.56 23.47
N CYS C 394 -16.32 -30.17 23.05
CA CYS C 394 -15.85 -30.11 21.69
C CYS C 394 -15.61 -31.52 21.17
N TYR C 395 -16.01 -31.76 19.92
CA TYR C 395 -15.81 -33.05 19.26
C TYR C 395 -15.12 -32.81 17.93
N VAL C 396 -13.96 -33.43 17.74
CA VAL C 396 -13.20 -33.33 16.50
C VAL C 396 -13.24 -34.68 15.82
N SER C 397 -13.73 -34.71 14.58
CA SER C 397 -13.88 -35.94 13.81
C SER C 397 -12.94 -35.91 12.62
N ASP C 398 -12.09 -36.92 12.51
CA ASP C 398 -11.16 -37.06 11.40
C ASP C 398 -11.69 -38.15 10.48
N ASP C 399 -12.00 -37.79 9.24
CA ASP C 399 -12.51 -38.77 8.28
C ASP C 399 -11.42 -39.68 7.76
N GLY C 400 -10.20 -39.16 7.57
CA GLY C 400 -9.11 -39.96 7.05
C GLY C 400 -8.35 -40.79 8.06
N SER C 401 -8.65 -40.63 9.35
CA SER C 401 -7.99 -41.35 10.43
C SER C 401 -6.47 -41.15 10.36
N ALA C 402 -6.08 -39.90 10.56
CA ALA C 402 -4.70 -39.47 10.36
C ALA C 402 -3.94 -39.44 11.68
N MET C 403 -2.73 -39.99 11.66
CA MET C 403 -1.86 -39.94 12.83
C MET C 403 -1.42 -38.52 13.13
N LEU C 404 -1.14 -37.74 12.08
CA LEU C 404 -0.67 -36.36 12.27
C LEU C 404 -1.73 -35.52 12.96
N THR C 405 -3.00 -35.69 12.59
CA THR C 405 -4.07 -34.94 13.24
C THR C 405 -4.16 -35.30 14.72
N PHE C 406 -3.96 -36.57 15.06
CA PHE C 406 -4.01 -36.99 16.45
C PHE C 406 -2.92 -36.31 17.28
N GLU C 407 -1.69 -36.31 16.76
CA GLU C 407 -0.59 -35.67 17.49
C GLU C 407 -0.77 -34.16 17.53
N ALA C 408 -1.29 -33.57 16.44
CA ALA C 408 -1.56 -32.14 16.45
C ALA C 408 -2.60 -31.77 17.50
N LEU C 409 -3.64 -32.60 17.66
CA LEU C 409 -4.63 -32.36 18.70
C LEU C 409 -4.01 -32.50 20.08
N SER C 410 -3.12 -33.49 20.26
CA SER C 410 -2.46 -33.65 21.56
C SER C 410 -1.61 -32.42 21.90
N GLU C 411 -0.84 -31.93 20.94
CA GLU C 411 -0.03 -30.73 21.19
C GLU C 411 -0.91 -29.52 21.43
N THR C 412 -2.03 -29.41 20.71
CA THR C 412 -2.96 -28.31 20.93
C THR C 412 -3.54 -28.36 22.34
N ALA C 413 -3.89 -29.56 22.82
CA ALA C 413 -4.38 -29.70 24.18
C ALA C 413 -3.32 -29.30 25.20
N GLU C 414 -2.07 -29.67 24.93
CA GLU C 414 -0.98 -29.29 25.83
C GLU C 414 -0.81 -27.77 25.89
N PHE C 415 -0.89 -27.10 24.73
CA PHE C 415 -0.72 -25.65 24.70
C PHE C 415 -1.95 -24.91 25.20
N ALA C 416 -3.13 -25.53 25.17
CA ALA C 416 -4.34 -24.86 25.64
C ALA C 416 -4.28 -24.56 27.13
N LYS C 417 -3.57 -25.39 27.90
CA LYS C 417 -3.47 -25.16 29.34
C LYS C 417 -2.80 -23.83 29.65
N LYS C 418 -1.97 -23.33 28.74
CA LYS C 418 -1.35 -22.01 28.90
C LYS C 418 -2.09 -20.91 28.14
N TRP C 419 -2.69 -21.24 26.99
CA TRP C 419 -3.35 -20.22 26.20
C TRP C 419 -4.67 -19.78 26.81
N VAL C 420 -5.47 -20.73 27.30
CA VAL C 420 -6.82 -20.41 27.76
C VAL C 420 -6.82 -19.44 28.95
N PRO C 421 -6.07 -19.66 30.03
CA PRO C 421 -6.13 -18.73 31.16
C PRO C 421 -5.71 -17.30 30.79
N PHE C 422 -4.74 -17.15 29.89
CA PHE C 422 -4.33 -15.81 29.47
C PHE C 422 -5.47 -15.08 28.77
N CYS C 423 -6.17 -15.77 27.87
CA CYS C 423 -7.31 -15.15 27.19
C CYS C 423 -8.43 -14.82 28.16
N LYS C 424 -8.72 -15.74 29.09
CA LYS C 424 -9.79 -15.50 30.04
C LYS C 424 -9.47 -14.32 30.95
N LYS C 425 -8.22 -14.21 31.39
CA LYS C 425 -7.86 -13.14 32.33
C LYS C 425 -7.79 -11.78 31.65
N HIS C 426 -7.20 -11.71 30.45
CA HIS C 426 -6.94 -10.44 29.80
C HIS C 426 -7.95 -10.09 28.71
N ASN C 427 -8.98 -10.92 28.52
CA ASN C 427 -10.04 -10.66 27.54
C ASN C 427 -9.47 -10.45 26.14
N ILE C 428 -8.73 -11.44 25.68
CA ILE C 428 -8.06 -11.37 24.39
C ILE C 428 -9.08 -11.66 23.27
N GLU C 429 -9.10 -10.79 22.27
CA GLU C 429 -9.97 -10.96 21.11
C GLU C 429 -9.16 -10.71 19.85
N PRO C 430 -9.17 -11.64 18.88
CA PRO C 430 -9.87 -12.93 18.87
C PRO C 430 -9.15 -13.99 19.69
N ARG C 431 -9.80 -15.11 19.98
CA ARG C 431 -9.18 -16.16 20.79
C ARG C 431 -8.15 -16.98 20.03
N ALA C 432 -8.16 -16.93 18.70
CA ALA C 432 -7.20 -17.69 17.92
C ALA C 432 -5.83 -17.04 18.02
N PRO C 433 -4.80 -17.76 18.49
CA PRO C 433 -3.48 -17.11 18.66
C PRO C 433 -2.88 -16.60 17.36
N GLU C 434 -3.07 -17.32 16.26
CA GLU C 434 -2.46 -16.91 14.99
C GLU C 434 -3.01 -15.57 14.53
N PHE C 435 -4.33 -15.46 14.46
CA PHE C 435 -4.94 -14.23 13.96
C PHE C 435 -4.82 -13.09 14.96
N TYR C 436 -4.79 -13.40 16.26
CA TYR C 436 -4.61 -12.35 17.26
C TYR C 436 -3.20 -11.76 17.20
N PHE C 437 -2.18 -12.62 17.09
CA PHE C 437 -0.81 -12.14 17.03
C PHE C 437 -0.46 -11.55 15.67
N ALA C 438 -1.18 -11.93 14.61
CA ALA C 438 -0.90 -11.39 13.29
C ALA C 438 -1.47 -9.99 13.08
N GLN C 439 -2.38 -9.54 13.94
CA GLN C 439 -2.96 -8.22 13.80
C GLN C 439 -1.91 -7.13 14.04
N LYS C 440 -1.89 -6.13 13.17
CA LYS C 440 -1.02 -4.99 13.31
C LYS C 440 -1.65 -3.84 14.09
N ILE C 441 -2.92 -3.97 14.48
CA ILE C 441 -3.58 -2.94 15.26
C ILE C 441 -2.97 -2.86 16.65
N ASP C 442 -2.98 -1.66 17.23
CA ASP C 442 -2.44 -1.44 18.57
C ASP C 442 -3.16 -2.30 19.60
N TYR C 443 -2.44 -3.25 20.19
CA TYR C 443 -3.04 -4.16 21.17
C TYR C 443 -3.27 -3.49 22.51
N LEU C 444 -2.59 -2.38 22.79
CA LEU C 444 -2.76 -1.66 24.06
C LEU C 444 -3.81 -0.55 23.90
N LYS C 445 -5.03 -0.98 23.58
CA LYS C 445 -6.13 -0.04 23.38
C LYS C 445 -6.90 0.21 24.66
N ASP C 446 -7.37 -0.84 25.32
CA ASP C 446 -8.16 -0.69 26.53
C ASP C 446 -7.78 -1.73 27.59
N LYS C 447 -6.50 -2.11 27.64
CA LYS C 447 -6.04 -3.14 28.57
C LYS C 447 -5.81 -2.51 29.93
N ILE C 448 -6.79 -2.64 30.83
CA ILE C 448 -6.67 -2.09 32.17
C ILE C 448 -5.67 -2.89 33.01
N GLN C 449 -5.59 -4.19 32.77
CA GLN C 449 -4.80 -5.07 33.62
C GLN C 449 -3.33 -4.64 33.63
N PRO C 450 -2.72 -4.46 34.80
CA PRO C 450 -1.31 -4.04 34.83
C PRO C 450 -0.35 -5.11 34.34
N SER C 451 -0.54 -6.35 34.78
CA SER C 451 0.36 -7.45 34.40
C SER C 451 -0.06 -8.06 33.06
N PHE C 452 -0.04 -7.20 32.03
CA PHE C 452 -0.36 -7.60 30.67
C PHE C 452 0.78 -7.46 29.70
N VAL C 453 1.63 -6.44 29.86
CA VAL C 453 2.75 -6.26 28.94
C VAL C 453 3.74 -7.42 29.06
N LYS C 454 4.05 -7.83 30.29
CA LYS C 454 5.02 -8.91 30.49
C LYS C 454 4.46 -10.24 30.01
N GLU C 455 3.18 -10.50 30.24
CA GLU C 455 2.60 -11.79 29.88
C GLU C 455 2.46 -11.95 28.37
N ARG C 456 2.21 -10.86 27.65
CA ARG C 456 2.05 -10.96 26.20
C ARG C 456 3.35 -11.41 25.53
N ARG C 457 4.49 -10.90 26.00
CA ARG C 457 5.78 -11.28 25.42
C ARG C 457 6.04 -12.77 25.63
N ALA C 458 5.80 -13.26 26.85
CA ALA C 458 6.02 -14.68 27.13
C ALA C 458 5.05 -15.56 26.32
N MET C 459 3.79 -15.13 26.21
CA MET C 459 2.82 -15.92 25.45
C MET C 459 3.18 -15.96 23.97
N LYS C 460 3.65 -14.85 23.42
CA LYS C 460 4.11 -14.86 22.03
C LYS C 460 5.32 -15.76 21.84
N ARG C 461 6.28 -15.70 22.76
CA ARG C 461 7.46 -16.55 22.67
C ARG C 461 7.13 -18.02 22.86
N GLU C 462 6.01 -18.34 23.52
CA GLU C 462 5.56 -19.71 23.64
C GLU C 462 4.76 -20.17 22.42
N TYR C 463 3.96 -19.28 21.83
CA TYR C 463 3.24 -19.63 20.61
C TYR C 463 4.19 -19.92 19.46
N GLU C 464 5.29 -19.17 19.38
CA GLU C 464 6.27 -19.44 18.33
C GLU C 464 6.88 -20.83 18.45
N GLU C 465 7.20 -21.26 19.67
CA GLU C 465 7.70 -22.63 19.88
C GLU C 465 6.63 -23.67 19.61
N PHE C 466 5.37 -23.38 19.92
CA PHE C 466 4.28 -24.28 19.57
C PHE C 466 4.18 -24.44 18.05
N LYS C 467 4.32 -23.34 17.32
CA LYS C 467 4.33 -23.42 15.86
C LYS C 467 5.51 -24.25 15.37
N VAL C 468 6.68 -24.11 16.01
CA VAL C 468 7.83 -24.91 15.65
C VAL C 468 7.55 -26.40 15.85
N ARG C 469 6.93 -26.75 16.98
CA ARG C 469 6.61 -28.15 17.23
C ARG C 469 5.63 -28.69 16.21
N ILE C 470 4.61 -27.90 15.86
CA ILE C 470 3.63 -28.33 14.87
C ILE C 470 4.30 -28.54 13.51
N ASN C 471 5.19 -27.62 13.13
CA ASN C 471 5.91 -27.77 11.87
C ASN C 471 6.79 -29.01 11.88
N ALA C 472 7.42 -29.30 13.02
CA ALA C 472 8.24 -30.51 13.12
C ALA C 472 7.39 -31.77 12.93
N LEU C 473 6.20 -31.81 13.54
CA LEU C 473 5.32 -32.96 13.36
C LEU C 473 4.89 -33.09 11.90
N VAL C 474 4.54 -31.98 11.26
CA VAL C 474 4.09 -32.02 9.87
C VAL C 474 5.22 -32.52 8.97
N ALA C 475 6.45 -32.03 9.19
CA ALA C 475 7.59 -32.49 8.40
C ALA C 475 7.88 -33.96 8.64
N LYS C 476 7.75 -34.42 9.89
CA LYS C 476 7.99 -35.83 10.21
C LYS C 476 6.91 -36.74 9.67
N ALA C 477 5.74 -36.21 9.33
CA ALA C 477 4.62 -37.05 8.90
C ALA C 477 4.34 -36.89 7.41
N GLN C 478 5.40 -36.82 6.59
CA GLN C 478 5.26 -36.73 5.15
C GLN C 478 5.41 -38.07 4.44
N LYS C 479 5.98 -39.08 5.09
CA LYS C 479 6.11 -40.41 4.49
C LYS C 479 5.63 -41.46 5.48
N MET C 480 5.09 -42.54 4.92
CA MET C 480 4.58 -43.65 5.71
C MET C 480 5.71 -44.62 6.02
N PRO C 481 6.04 -44.87 7.29
CA PRO C 481 6.99 -45.93 7.61
C PRO C 481 6.49 -47.26 7.09
N GLU C 482 7.41 -48.08 6.58
CA GLU C 482 7.02 -49.32 5.93
C GLU C 482 6.28 -50.25 6.89
N GLU C 483 6.61 -50.20 8.17
CA GLU C 483 5.94 -51.00 9.18
C GLU C 483 4.73 -50.28 9.78
N GLY C 484 4.32 -49.16 9.20
CA GLY C 484 3.21 -48.39 9.71
C GLY C 484 3.63 -47.41 10.80
N TRP C 485 2.74 -46.46 11.07
CA TRP C 485 2.99 -45.50 12.13
C TRP C 485 2.97 -46.17 13.49
N THR C 486 3.82 -45.68 14.38
CA THR C 486 3.92 -46.17 15.75
C THR C 486 3.74 -45.02 16.71
N MET C 487 2.86 -45.20 17.70
CA MET C 487 2.61 -44.17 18.69
C MET C 487 3.79 -44.05 19.66
N GLN C 488 3.74 -43.03 20.50
CA GLN C 488 4.79 -42.85 21.50
C GLN C 488 4.80 -43.96 22.52
N ASP C 489 3.62 -44.51 22.85
CA ASP C 489 3.56 -45.63 23.78
C ASP C 489 4.28 -46.86 23.24
N GLY C 490 4.10 -47.14 21.94
CA GLY C 490 4.76 -48.28 21.33
C GLY C 490 3.81 -49.10 20.46
N THR C 491 2.53 -49.09 20.80
CA THR C 491 1.54 -49.83 20.01
C THR C 491 1.34 -49.16 18.66
N ALA C 492 1.13 -49.98 17.64
CA ALA C 492 0.94 -49.48 16.29
C ALA C 492 -0.37 -48.70 16.18
N TRP C 493 -0.37 -47.70 15.31
CA TRP C 493 -1.56 -46.89 15.08
C TRP C 493 -2.63 -47.74 14.42
N PRO C 494 -3.83 -47.86 15.00
CA PRO C 494 -4.88 -48.68 14.37
C PRO C 494 -5.27 -48.19 12.98
N GLY C 495 -5.22 -46.89 12.73
CA GLY C 495 -5.62 -46.36 11.44
C GLY C 495 -4.50 -46.31 10.42
N ASN C 496 -3.74 -47.40 10.30
CA ASN C 496 -2.68 -47.46 9.30
C ASN C 496 -3.26 -47.40 7.89
N ASN C 497 -4.35 -48.14 7.65
CA ASN C 497 -5.03 -48.12 6.36
C ASN C 497 -6.23 -47.20 6.46
N PRO C 498 -6.31 -46.14 5.63
CA PRO C 498 -7.45 -45.22 5.72
C PRO C 498 -8.79 -45.84 5.31
N ARG C 499 -8.81 -47.09 4.89
CA ARG C 499 -10.06 -47.74 4.49
C ARG C 499 -10.46 -48.90 5.39
N ASP C 500 -9.56 -49.40 6.23
CA ASP C 500 -9.81 -50.55 7.09
C ASP C 500 -9.49 -50.22 8.55
N HIS C 501 -9.75 -48.99 8.96
CA HIS C 501 -9.43 -48.56 10.32
C HIS C 501 -10.64 -48.72 11.23
N PRO C 502 -10.56 -49.52 12.30
CA PRO C 502 -11.68 -49.62 13.23
C PRO C 502 -11.87 -48.31 14.00
N GLY C 503 -13.10 -48.11 14.46
CA GLY C 503 -13.45 -46.91 15.19
C GLY C 503 -12.67 -46.71 16.48
N MET C 504 -12.12 -45.51 16.67
CA MET C 504 -11.38 -45.16 17.88
C MET C 504 -11.95 -43.87 18.46
N ILE C 505 -12.01 -43.81 19.78
CA ILE C 505 -12.46 -42.62 20.51
C ILE C 505 -11.44 -42.31 21.60
N GLN C 506 -10.93 -41.08 21.59
CA GLN C 506 -9.93 -40.66 22.56
C GLN C 506 -10.33 -39.30 23.14
N VAL C 507 -10.18 -39.17 24.46
CA VAL C 507 -10.50 -37.93 25.17
C VAL C 507 -9.19 -37.33 25.67
N PHE C 508 -8.93 -36.09 25.29
CA PHE C 508 -7.68 -35.41 25.65
C PHE C 508 -7.83 -34.60 26.93
N LEU C 509 -8.74 -33.63 26.93
CA LEU C 509 -8.97 -32.77 28.08
C LEU C 509 -10.36 -33.01 28.63
N GLY C 510 -10.50 -32.85 29.95
CA GLY C 510 -11.78 -33.03 30.61
C GLY C 510 -11.71 -32.81 32.10
N HIS C 511 -12.53 -33.55 32.86
CA HIS C 511 -12.51 -33.41 34.31
C HIS C 511 -11.20 -33.91 34.90
N SER C 512 -10.76 -35.10 34.48
CA SER C 512 -9.52 -35.68 34.94
C SER C 512 -8.38 -35.53 33.92
N GLY C 513 -8.61 -34.79 32.84
CA GLY C 513 -7.56 -34.63 31.84
C GLY C 513 -6.37 -33.86 32.36
N GLY C 514 -6.62 -32.79 33.12
CA GLY C 514 -5.55 -31.99 33.67
C GLY C 514 -6.02 -30.60 34.02
N LEU C 515 -5.17 -29.89 34.74
CA LEU C 515 -5.46 -28.53 35.18
C LEU C 515 -4.54 -27.55 34.47
N ASP C 516 -5.06 -26.35 34.21
CA ASP C 516 -4.29 -25.31 33.54
C ASP C 516 -3.38 -24.62 34.55
N THR C 517 -2.77 -23.50 34.14
CA THR C 517 -1.86 -22.78 35.02
C THR C 517 -2.56 -22.22 36.25
N ASP C 518 -3.85 -21.90 36.13
CA ASP C 518 -4.61 -21.34 37.24
C ASP C 518 -5.25 -22.40 38.12
N GLY C 519 -5.08 -23.68 37.79
CA GLY C 519 -5.64 -24.75 38.59
C GLY C 519 -7.06 -25.14 38.25
N ASN C 520 -7.71 -24.44 37.32
CA ASN C 520 -9.06 -24.76 36.93
C ASN C 520 -9.05 -25.91 35.92
N GLU C 521 -10.20 -26.18 35.32
CA GLU C 521 -10.33 -27.24 34.32
C GLU C 521 -10.54 -26.61 32.94
N LEU C 522 -10.68 -27.47 31.94
CA LEU C 522 -10.85 -27.08 30.56
C LEU C 522 -12.02 -27.82 29.95
N PRO C 523 -12.64 -27.27 28.90
CA PRO C 523 -13.74 -27.97 28.24
C PRO C 523 -13.28 -29.31 27.69
N ARG C 524 -14.18 -30.29 27.75
CA ARG C 524 -13.84 -31.64 27.30
C ARG C 524 -13.57 -31.66 25.80
N LEU C 525 -12.50 -32.34 25.42
CA LEU C 525 -12.11 -32.50 24.02
C LEU C 525 -12.09 -33.99 23.69
N VAL C 526 -12.82 -34.38 22.66
CA VAL C 526 -12.96 -35.77 22.26
C VAL C 526 -12.55 -35.92 20.80
N TYR C 527 -11.70 -36.89 20.52
CA TYR C 527 -11.29 -37.22 19.16
C TYR C 527 -12.04 -38.47 18.72
N VAL C 528 -12.83 -38.35 17.66
CA VAL C 528 -13.69 -39.43 17.18
C VAL C 528 -13.30 -39.76 15.76
N SER C 529 -13.07 -41.05 15.49
CA SER C 529 -12.82 -41.55 14.15
C SER C 529 -13.69 -42.78 13.94
N ARG C 530 -14.56 -42.73 12.93
CA ARG C 530 -15.51 -43.80 12.71
C ARG C 530 -14.84 -45.01 12.08
N GLU C 531 -15.53 -46.16 12.17
CA GLU C 531 -15.03 -47.38 11.59
C GLU C 531 -15.41 -47.45 10.12
N LYS C 532 -14.42 -47.69 9.26
CA LYS C 532 -14.62 -47.76 7.82
C LYS C 532 -14.20 -49.14 7.33
N ARG C 533 -15.04 -49.75 6.51
CA ARG C 533 -14.79 -51.05 5.91
C ARG C 533 -15.01 -51.00 4.41
N PRO C 534 -14.30 -51.81 3.64
CA PRO C 534 -14.47 -51.79 2.19
C PRO C 534 -15.85 -52.30 1.78
N GLY C 535 -16.33 -51.78 0.65
CA GLY C 535 -17.61 -52.18 0.11
C GLY C 535 -18.82 -51.47 0.68
N PHE C 536 -18.62 -50.49 1.55
CA PHE C 536 -19.72 -49.74 2.14
C PHE C 536 -19.53 -48.25 1.89
N GLN C 537 -20.62 -47.57 1.53
CA GLN C 537 -20.58 -46.13 1.32
C GLN C 537 -20.73 -45.41 2.65
N HIS C 538 -19.90 -44.40 2.88
CA HIS C 538 -19.89 -43.67 4.14
C HIS C 538 -20.53 -42.30 4.06
N HIS C 539 -20.87 -41.84 2.86
CA HIS C 539 -21.55 -40.56 2.61
C HIS C 539 -20.73 -39.35 3.03
N LYS C 540 -19.48 -39.55 3.44
CA LYS C 540 -18.51 -38.47 3.69
C LYS C 540 -19.01 -37.57 4.81
N LYS C 541 -19.25 -36.28 4.55
CA LYS C 541 -19.53 -35.33 5.64
C LYS C 541 -20.83 -35.64 6.35
N ALA C 542 -21.87 -36.03 5.61
CA ALA C 542 -23.15 -36.34 6.24
C ALA C 542 -23.02 -37.53 7.20
N GLY C 543 -22.32 -38.57 6.77
CA GLY C 543 -22.10 -39.71 7.65
C GLY C 543 -21.28 -39.33 8.88
N ALA C 544 -20.25 -38.49 8.69
CA ALA C 544 -19.45 -38.04 9.82
C ALA C 544 -20.29 -37.23 10.80
N MET C 545 -21.16 -36.36 10.28
CA MET C 545 -22.01 -35.57 11.16
C MET C 545 -22.98 -36.43 11.93
N ASN C 546 -23.58 -37.44 11.28
CA ASN C 546 -24.48 -38.34 11.99
C ASN C 546 -23.74 -39.12 13.08
N ALA C 547 -22.54 -39.60 12.77
CA ALA C 547 -21.75 -40.30 13.77
C ALA C 547 -21.39 -39.39 14.94
N LEU C 548 -21.04 -38.14 14.65
CA LEU C 548 -20.73 -37.19 15.72
C LEU C 548 -21.94 -36.93 16.60
N ILE C 549 -23.13 -36.81 16.00
CA ILE C 549 -24.33 -36.57 16.78
C ILE C 549 -24.60 -37.74 17.71
N ARG C 550 -24.51 -38.96 17.19
CA ARG C 550 -24.78 -40.14 18.02
C ARG C 550 -23.75 -40.28 19.13
N VAL C 551 -22.47 -40.05 18.82
CA VAL C 551 -21.43 -40.17 19.85
C VAL C 551 -21.61 -39.10 20.92
N SER C 552 -21.94 -37.87 20.50
CA SER C 552 -22.15 -36.80 21.47
C SER C 552 -23.33 -37.11 22.39
N ALA C 553 -24.39 -37.69 21.82
CA ALA C 553 -25.52 -38.10 22.65
C ALA C 553 -25.12 -39.17 23.66
N VAL C 554 -24.31 -40.13 23.24
CA VAL C 554 -23.91 -41.21 24.15
C VAL C 554 -22.99 -40.67 25.24
N LEU C 555 -22.02 -39.83 24.88
CA LEU C 555 -20.99 -39.42 25.83
C LEU C 555 -21.47 -38.28 26.73
N THR C 556 -21.81 -37.14 26.13
CA THR C 556 -22.18 -35.95 26.89
C THR C 556 -23.64 -35.54 26.77
N ASN C 557 -24.26 -35.79 25.61
CA ASN C 557 -25.66 -35.45 25.36
C ASN C 557 -25.91 -33.95 25.57
N GLY C 558 -25.23 -33.15 24.75
CA GLY C 558 -25.43 -31.72 24.80
C GLY C 558 -26.81 -31.31 24.31
N ALA C 559 -27.30 -30.20 24.84
CA ALA C 559 -28.63 -29.72 24.47
C ALA C 559 -28.66 -29.19 23.05
N TYR C 560 -27.60 -28.50 22.63
CA TYR C 560 -27.52 -27.89 21.31
C TYR C 560 -26.20 -28.23 20.66
N LEU C 561 -26.19 -28.25 19.33
CA LEU C 561 -25.04 -28.67 18.54
C LEU C 561 -24.65 -27.56 17.59
N LEU C 562 -23.48 -26.96 17.83
CA LEU C 562 -22.98 -25.89 16.97
C LEU C 562 -21.91 -26.47 16.04
N ASN C 563 -22.13 -26.31 14.73
CA ASN C 563 -21.23 -26.86 13.72
C ASN C 563 -20.26 -25.77 13.27
N VAL C 564 -18.97 -26.05 13.42
CA VAL C 564 -17.92 -25.10 13.03
C VAL C 564 -16.95 -25.82 12.10
N ASP C 565 -16.64 -25.19 10.97
CA ASP C 565 -15.69 -25.76 10.03
C ASP C 565 -14.27 -25.65 10.59
N CYS C 566 -13.36 -26.41 9.98
CA CYS C 566 -11.97 -26.42 10.44
C CYS C 566 -11.27 -25.10 10.17
N ASP C 567 -11.68 -24.37 9.13
CA ASP C 567 -11.04 -23.12 8.75
C ASP C 567 -11.78 -21.89 9.28
N HIS C 568 -12.78 -22.08 10.13
CA HIS C 568 -13.55 -20.98 10.71
C HIS C 568 -13.25 -20.89 12.20
N TYR C 569 -12.94 -19.69 12.67
CA TYR C 569 -12.61 -19.45 14.06
C TYR C 569 -13.55 -18.42 14.67
N PHE C 570 -13.60 -18.40 16.00
CA PHE C 570 -14.47 -17.51 16.74
C PHE C 570 -13.83 -16.13 16.83
N ASN C 571 -14.34 -15.18 16.06
CA ASN C 571 -13.89 -13.80 16.21
C ASN C 571 -14.47 -13.13 17.45
N ASN C 572 -15.69 -13.50 17.83
CA ASN C 572 -16.34 -13.00 19.03
C ASN C 572 -16.51 -14.14 20.01
N SER C 573 -16.04 -13.93 21.25
CA SER C 573 -16.08 -14.97 22.26
C SER C 573 -17.46 -15.15 22.88
N LYS C 574 -18.39 -14.21 22.67
CA LYS C 574 -19.72 -14.28 23.24
C LYS C 574 -20.75 -14.78 22.23
N ALA C 575 -20.32 -15.51 21.20
CA ALA C 575 -21.27 -16.05 20.22
C ALA C 575 -22.20 -17.06 20.85
N LEU C 576 -21.66 -17.93 21.73
CA LEU C 576 -22.49 -18.94 22.38
C LEU C 576 -23.56 -18.30 23.25
N LYS C 577 -23.21 -17.25 23.99
CA LYS C 577 -24.19 -16.56 24.82
C LYS C 577 -25.28 -15.91 23.96
N GLU C 578 -24.89 -15.32 22.84
CA GLU C 578 -25.90 -14.71 21.95
C GLU C 578 -26.84 -15.77 21.39
N ALA C 579 -26.29 -16.93 21.02
CA ALA C 579 -27.14 -18.02 20.54
C ALA C 579 -28.08 -18.50 21.63
N MET C 580 -27.58 -18.60 22.87
CA MET C 580 -28.44 -19.01 23.98
C MET C 580 -29.51 -17.97 24.26
N CYS C 581 -29.27 -16.71 23.91
CA CYS C 581 -30.29 -15.68 24.07
C CYS C 581 -31.52 -15.96 23.20
N PHE C 582 -31.36 -16.72 22.12
CA PHE C 582 -32.47 -17.11 21.26
C PHE C 582 -33.00 -18.50 21.57
N MET C 583 -32.11 -19.48 21.72
CA MET C 583 -32.55 -20.87 21.89
C MET C 583 -33.19 -21.09 23.25
N MET C 584 -32.68 -20.45 24.30
CA MET C 584 -33.14 -20.74 25.65
C MET C 584 -34.38 -19.94 26.05
N ASP C 585 -34.84 -19.03 25.22
CA ASP C 585 -36.06 -18.29 25.52
C ASP C 585 -37.25 -19.24 25.50
N PRO C 586 -38.09 -19.25 26.54
CA PRO C 586 -39.20 -20.23 26.59
C PRO C 586 -40.18 -20.10 25.43
N VAL C 587 -40.44 -18.88 24.96
CA VAL C 587 -41.49 -18.71 23.95
C VAL C 587 -40.95 -19.00 22.54
N ILE C 588 -39.71 -18.61 22.26
CA ILE C 588 -39.16 -18.78 20.92
C ILE C 588 -38.02 -19.79 20.95
N GLY C 589 -38.07 -20.72 21.89
CA GLY C 589 -37.07 -21.77 21.97
C GLY C 589 -37.64 -23.16 21.76
N LYS C 590 -38.94 -23.29 22.00
CA LYS C 590 -39.64 -24.56 21.78
C LYS C 590 -40.04 -24.76 20.32
N LYS C 591 -39.85 -23.74 19.47
CA LYS C 591 -40.19 -23.85 18.05
C LYS C 591 -39.05 -23.38 17.15
N THR C 592 -37.83 -23.26 17.68
CA THR C 592 -36.68 -22.85 16.91
C THR C 592 -35.82 -24.05 16.59
N CYS C 593 -35.54 -24.26 15.30
CA CYS C 593 -34.77 -25.41 14.85
C CYS C 593 -33.28 -25.15 14.80
N TYR C 594 -32.85 -24.00 14.27
CA TYR C 594 -31.44 -23.64 14.32
C TYR C 594 -31.29 -22.13 14.26
N VAL C 595 -30.13 -21.66 14.70
CA VAL C 595 -29.74 -20.26 14.61
C VAL C 595 -28.54 -20.17 13.67
N GLN C 596 -28.65 -19.34 12.65
CA GLN C 596 -27.64 -19.22 11.61
C GLN C 596 -26.87 -17.92 11.79
N PHE C 597 -25.54 -18.02 11.77
CA PHE C 597 -24.66 -16.87 11.86
C PHE C 597 -24.12 -16.49 10.49
N PRO C 598 -23.92 -15.21 10.22
CA PRO C 598 -23.36 -14.80 8.93
C PRO C 598 -21.91 -15.27 8.78
N GLN C 599 -21.53 -15.54 7.53
CA GLN C 599 -20.19 -16.01 7.21
C GLN C 599 -19.36 -14.83 6.72
N ARG C 600 -18.27 -14.56 7.41
CA ARG C 600 -17.35 -13.49 7.05
C ARG C 600 -15.96 -14.08 6.81
N PHE C 601 -15.21 -13.45 5.91
CA PHE C 601 -13.89 -13.93 5.52
C PHE C 601 -12.88 -12.80 5.63
N ASP C 602 -11.66 -13.14 6.02
CA ASP C 602 -10.56 -12.19 6.14
C ASP C 602 -9.42 -12.61 5.21
N GLY C 603 -8.37 -11.80 5.19
CA GLY C 603 -7.24 -12.09 4.34
C GLY C 603 -7.51 -11.93 2.86
N ILE C 604 -8.50 -11.12 2.50
CA ILE C 604 -8.91 -10.95 1.12
C ILE C 604 -8.43 -9.60 0.61
N ASP C 605 -8.51 -9.44 -0.72
CA ASP C 605 -8.10 -8.18 -1.34
C ASP C 605 -9.03 -7.05 -0.92
N LEU C 606 -8.48 -5.83 -0.92
CA LEU C 606 -9.28 -4.67 -0.54
C LEU C 606 -10.46 -4.47 -1.47
N HIS C 607 -10.26 -4.68 -2.77
CA HIS C 607 -11.34 -4.58 -3.73
C HIS C 607 -12.22 -5.83 -3.77
N ASP C 608 -11.77 -6.94 -3.19
CA ASP C 608 -12.50 -8.21 -3.19
C ASP C 608 -12.82 -8.62 -4.63
N ARG C 609 -11.76 -8.91 -5.38
CA ARG C 609 -11.89 -9.18 -6.80
C ARG C 609 -12.78 -10.38 -7.08
N TYR C 610 -12.69 -11.41 -6.24
CA TYR C 610 -13.46 -12.63 -6.43
C TYR C 610 -14.79 -12.63 -5.72
N ALA C 611 -15.17 -11.52 -5.09
CA ALA C 611 -16.48 -11.37 -4.43
C ALA C 611 -16.73 -12.51 -3.44
N ASN C 612 -15.69 -12.88 -2.70
CA ASN C 612 -15.78 -13.99 -1.77
C ASN C 612 -16.65 -13.66 -0.55
N ARG C 613 -16.83 -12.38 -0.24
CA ARG C 613 -17.63 -12.02 0.92
C ARG C 613 -19.11 -12.35 0.71
N ASN C 614 -19.61 -12.20 -0.51
CA ASN C 614 -21.03 -12.38 -0.83
C ASN C 614 -21.88 -11.42 0.00
N ILE C 615 -21.66 -10.13 -0.22
CA ILE C 615 -22.34 -9.11 0.58
C ILE C 615 -23.85 -9.15 0.33
N VAL C 616 -24.25 -9.22 -0.94
CA VAL C 616 -25.66 -9.18 -1.30
C VAL C 616 -26.41 -10.37 -0.73
N PHE C 617 -25.82 -11.57 -0.85
CA PHE C 617 -26.48 -12.77 -0.34
C PHE C 617 -26.59 -12.74 1.18
N PHE C 618 -25.54 -12.31 1.86
CA PHE C 618 -25.47 -12.45 3.31
C PHE C 618 -26.06 -11.26 4.07
N ASP C 619 -26.43 -10.18 3.40
CA ASP C 619 -27.03 -9.04 4.08
C ASP C 619 -28.32 -8.53 3.45
N ILE C 620 -28.77 -9.11 2.34
CA ILE C 620 -30.04 -8.71 1.73
C ILE C 620 -30.97 -9.91 1.65
N ASN C 621 -30.53 -10.97 0.96
CA ASN C 621 -31.38 -12.14 0.79
C ASN C 621 -31.67 -12.83 2.11
N MET C 622 -30.67 -12.94 2.99
CA MET C 622 -30.85 -13.64 4.26
C MET C 622 -31.87 -12.93 5.14
N LYS C 623 -31.82 -11.60 5.18
CA LYS C 623 -32.79 -10.86 5.98
C LYS C 623 -34.21 -11.05 5.44
N GLY C 624 -34.37 -11.02 4.11
CA GLY C 624 -35.68 -11.26 3.53
C GLY C 624 -36.20 -12.65 3.84
N GLN C 625 -35.33 -13.66 3.79
CA GLN C 625 -35.72 -15.01 4.17
C GLN C 625 -36.10 -15.08 5.64
N ASP C 626 -35.36 -14.35 6.49
CA ASP C 626 -35.68 -14.31 7.92
C ASP C 626 -36.99 -13.58 8.19
N GLY C 627 -37.45 -12.76 7.25
CA GLY C 627 -38.68 -12.02 7.46
C GLY C 627 -39.93 -12.87 7.46
N VAL C 628 -39.87 -14.07 6.88
CA VAL C 628 -41.03 -14.95 6.76
C VAL C 628 -40.91 -16.17 7.69
N GLN C 629 -39.83 -16.95 7.54
CA GLN C 629 -39.64 -18.12 8.39
C GLN C 629 -38.22 -18.30 8.89
N GLY C 630 -37.23 -17.63 8.32
CA GLY C 630 -35.86 -17.78 8.77
C GLY C 630 -34.90 -18.07 7.64
N PRO C 631 -33.61 -17.92 7.90
CA PRO C 631 -32.61 -18.17 6.85
C PRO C 631 -32.48 -19.65 6.55
N VAL C 632 -31.95 -19.92 5.36
CA VAL C 632 -31.70 -21.30 4.94
C VAL C 632 -30.37 -21.77 5.53
N TYR C 633 -30.27 -23.08 5.76
CA TYR C 633 -29.05 -23.65 6.30
C TYR C 633 -27.96 -23.64 5.24
N VAL C 634 -26.80 -23.08 5.60
CA VAL C 634 -25.69 -22.90 4.67
C VAL C 634 -24.41 -23.55 5.15
N GLY C 635 -24.48 -24.36 6.21
CA GLY C 635 -23.31 -25.09 6.67
C GLY C 635 -22.69 -24.56 7.94
N THR C 636 -21.55 -23.87 7.81
CA THR C 636 -20.78 -23.45 8.97
C THR C 636 -21.52 -22.38 9.76
N GLY C 637 -21.17 -22.28 11.04
CA GLY C 637 -21.74 -21.29 11.92
C GLY C 637 -23.23 -21.45 12.19
N CYS C 638 -23.68 -22.68 12.44
CA CYS C 638 -25.09 -22.94 12.69
C CYS C 638 -25.22 -23.69 14.01
N CYS C 639 -26.16 -23.24 14.86
CA CYS C 639 -26.43 -23.87 16.14
C CYS C 639 -27.78 -24.57 16.05
N PHE C 640 -27.76 -25.89 16.00
CA PHE C 640 -28.95 -26.71 15.84
C PHE C 640 -29.52 -27.12 17.20
N ASN C 641 -30.84 -27.27 17.24
CA ASN C 641 -31.53 -27.84 18.39
C ASN C 641 -31.51 -29.36 18.26
N ARG C 642 -31.18 -30.05 19.35
CA ARG C 642 -31.06 -31.50 19.31
C ARG C 642 -32.39 -32.17 18.99
N GLN C 643 -33.48 -31.67 19.59
CA GLN C 643 -34.78 -32.30 19.37
C GLN C 643 -35.26 -32.12 17.93
N ALA C 644 -34.79 -31.07 17.25
CA ALA C 644 -35.20 -30.87 15.86
C ALA C 644 -34.53 -31.88 14.93
N LEU C 645 -33.29 -32.27 15.22
CA LEU C 645 -32.57 -33.20 14.36
C LEU C 645 -33.13 -34.62 14.45
N TYR C 646 -33.91 -34.93 15.48
CA TYR C 646 -34.47 -36.26 15.64
C TYR C 646 -35.80 -36.44 14.92
N GLY C 647 -36.29 -35.41 14.23
CA GLY C 647 -37.54 -35.50 13.51
C GLY C 647 -38.77 -35.22 14.35
N TYR C 648 -38.61 -34.80 15.61
CA TYR C 648 -39.76 -34.50 16.45
C TYR C 648 -40.46 -33.23 15.97
N ASP C 649 -41.79 -33.26 16.01
CA ASP C 649 -42.56 -32.10 15.61
C ASP C 649 -42.42 -30.98 16.65
N PRO C 650 -42.45 -29.73 16.22
CA PRO C 650 -42.34 -28.62 17.17
C PRO C 650 -43.59 -28.51 18.03
N VAL C 651 -43.40 -27.99 19.23
CA VAL C 651 -44.50 -27.73 20.16
C VAL C 651 -44.81 -26.24 20.11
N LEU C 652 -46.04 -25.91 19.74
CA LEU C 652 -46.46 -24.53 19.57
C LEU C 652 -47.51 -24.16 20.62
N THR C 653 -47.34 -22.99 21.22
CA THR C 653 -48.26 -22.52 22.25
C THR C 653 -49.05 -21.31 21.75
N SER C 718 -44.25 -48.35 21.55
CA SER C 718 -43.42 -47.36 20.88
C SER C 718 -41.95 -47.77 20.90
N GLN C 719 -41.65 -48.82 21.65
CA GLN C 719 -40.27 -49.31 21.72
C GLN C 719 -39.80 -49.81 20.36
N LYS C 720 -40.66 -50.55 19.65
CA LYS C 720 -40.29 -51.04 18.32
C LYS C 720 -40.06 -49.89 17.35
N SER C 721 -40.94 -48.88 17.38
CA SER C 721 -40.76 -47.71 16.52
C SER C 721 -39.50 -46.94 16.89
N LEU C 722 -39.23 -46.81 18.19
CA LEU C 722 -38.03 -46.11 18.64
C LEU C 722 -36.77 -46.82 18.16
N GLU C 723 -36.74 -48.15 18.25
CA GLU C 723 -35.59 -48.90 17.78
C GLU C 723 -35.46 -48.83 16.26
N LYS C 724 -36.58 -48.85 15.55
CA LYS C 724 -36.54 -48.76 14.09
C LYS C 724 -36.01 -47.40 13.64
N ARG C 725 -36.40 -46.33 14.32
CA ARG C 725 -36.00 -44.99 13.92
C ARG C 725 -34.55 -44.71 14.26
N PHE C 726 -34.19 -44.84 15.53
CA PHE C 726 -32.87 -44.38 15.99
C PHE C 726 -31.80 -45.44 15.78
N GLY C 727 -31.99 -46.62 16.37
CA GLY C 727 -30.99 -47.68 16.24
C GLY C 727 -31.23 -48.80 17.22
N GLN C 728 -30.16 -49.53 17.52
CA GLN C 728 -30.23 -50.70 18.39
C GLN C 728 -29.39 -50.51 19.65
N SER C 729 -29.13 -49.26 20.02
CA SER C 729 -28.38 -48.96 21.24
C SER C 729 -29.32 -48.37 22.28
N PRO C 730 -29.63 -49.09 23.36
CA PRO C 730 -30.55 -48.54 24.37
C PRO C 730 -30.03 -47.28 25.05
N VAL C 731 -28.70 -47.09 25.11
CA VAL C 731 -28.18 -45.89 25.75
C VAL C 731 -28.51 -44.64 24.95
N PHE C 732 -28.36 -44.70 23.62
CA PHE C 732 -28.70 -43.56 22.78
C PHE C 732 -30.20 -43.28 22.82
N ILE C 733 -31.03 -44.32 22.81
CA ILE C 733 -32.47 -44.14 22.88
C ILE C 733 -32.85 -43.50 24.21
N ALA C 734 -32.25 -43.95 25.30
CA ALA C 734 -32.53 -43.34 26.61
C ALA C 734 -32.06 -41.89 26.65
N ALA C 735 -30.89 -41.60 26.08
CA ALA C 735 -30.37 -40.24 26.06
C ALA C 735 -31.21 -39.32 25.17
N THR C 736 -31.95 -39.89 24.22
CA THR C 736 -32.84 -39.07 23.39
C THR C 736 -33.91 -38.39 24.22
N PHE C 737 -34.46 -39.10 25.22
CA PHE C 737 -35.55 -38.57 26.02
C PHE C 737 -35.15 -37.33 26.82
N MET C 738 -33.85 -37.14 27.07
CA MET C 738 -33.38 -35.99 27.84
C MET C 738 -33.48 -34.74 26.95
N GLU C 739 -34.58 -34.00 27.10
CA GLU C 739 -34.78 -32.83 26.27
C GLU C 739 -33.89 -31.66 26.69
N GLN C 740 -33.51 -31.59 27.96
CA GLN C 740 -32.63 -30.55 28.46
C GLN C 740 -31.16 -30.94 28.43
N GLY C 741 -30.83 -32.16 28.01
CA GLY C 741 -29.46 -32.61 27.96
C GLY C 741 -28.98 -33.18 29.28
N GLY C 742 -27.77 -33.69 29.25
CA GLY C 742 -27.16 -34.26 30.42
C GLY C 742 -27.29 -35.78 30.45
N ILE C 743 -26.38 -36.42 31.16
CA ILE C 743 -26.39 -37.89 31.26
C ILE C 743 -27.56 -38.32 32.14
N PRO C 744 -28.39 -39.25 31.71
CA PRO C 744 -29.49 -39.70 32.56
C PRO C 744 -28.95 -40.37 33.81
N PRO C 745 -29.65 -40.21 34.94
CA PRO C 745 -29.17 -40.84 36.18
C PRO C 745 -29.09 -42.36 36.10
N SER C 746 -29.96 -43.00 35.33
CA SER C 746 -29.94 -44.45 35.23
C SER C 746 -28.67 -44.94 34.53
N THR C 747 -28.21 -44.22 33.52
CA THR C 747 -27.04 -44.63 32.74
C THR C 747 -25.78 -44.47 33.59
N ASN C 748 -25.15 -45.58 33.94
CA ASN C 748 -23.92 -45.53 34.71
C ASN C 748 -22.77 -45.03 33.84
N PRO C 749 -21.94 -44.11 34.35
CA PRO C 749 -20.83 -43.60 33.56
C PRO C 749 -19.67 -44.57 33.43
N ALA C 750 -19.71 -45.72 34.11
CA ALA C 750 -18.60 -46.67 34.04
C ALA C 750 -18.48 -47.32 32.66
N THR C 751 -19.60 -47.45 31.94
CA THR C 751 -19.58 -48.11 30.65
C THR C 751 -20.05 -47.14 29.55
N LEU C 752 -19.54 -45.91 29.59
CA LEU C 752 -19.90 -44.91 28.59
C LEU C 752 -18.96 -44.91 27.39
N LEU C 753 -17.93 -45.75 27.40
CA LEU C 753 -16.98 -45.81 26.29
C LEU C 753 -17.24 -46.99 25.36
N LYS C 754 -17.54 -48.17 25.90
CA LYS C 754 -17.84 -49.32 25.05
C LYS C 754 -19.09 -49.08 24.22
N GLU C 755 -20.12 -48.47 24.83
CA GLU C 755 -21.35 -48.18 24.11
C GLU C 755 -21.10 -47.17 22.98
N ALA C 756 -20.24 -46.18 23.22
CA ALA C 756 -19.91 -45.22 22.18
C ALA C 756 -19.21 -45.90 21.01
N ILE C 757 -18.34 -46.87 21.28
CA ILE C 757 -17.69 -47.63 20.22
C ILE C 757 -18.71 -48.48 19.48
N HIS C 758 -19.70 -49.00 20.20
CA HIS C 758 -20.75 -49.78 19.55
C HIS C 758 -21.55 -48.95 18.55
N VAL C 759 -21.84 -47.69 18.91
CA VAL C 759 -22.61 -46.83 18.01
C VAL C 759 -21.77 -46.43 16.80
N ILE C 760 -20.47 -46.18 16.97
CA ILE C 760 -19.63 -45.70 15.89
C ILE C 760 -19.38 -46.75 14.82
N SER C 761 -19.80 -47.99 15.03
CA SER C 761 -19.59 -49.04 14.04
C SER C 761 -20.37 -48.73 12.76
N CYS C 762 -19.80 -49.17 11.64
CA CYS C 762 -20.39 -48.87 10.33
C CYS C 762 -21.68 -49.63 10.06
N GLY C 763 -21.99 -50.65 10.86
CA GLY C 763 -23.20 -51.42 10.64
C GLY C 763 -24.37 -50.95 11.49
N TYR C 764 -24.28 -49.73 12.01
CA TYR C 764 -25.33 -49.22 12.89
C TYR C 764 -26.51 -48.66 12.10
N GLU C 765 -26.24 -47.88 11.05
CA GLU C 765 -27.29 -47.21 10.30
C GLU C 765 -28.08 -48.15 9.41
N ASP C 766 -27.66 -49.41 9.26
CA ASP C 766 -28.38 -50.36 8.43
C ASP C 766 -29.78 -50.59 8.99
N LYS C 767 -30.78 -50.56 8.10
CA LYS C 767 -32.19 -50.77 8.45
C LYS C 767 -32.73 -49.73 9.42
N THR C 768 -32.14 -48.55 9.45
CA THR C 768 -32.62 -47.44 10.27
C THR C 768 -33.07 -46.30 9.38
N GLU C 769 -33.55 -45.23 10.01
CA GLU C 769 -34.04 -44.05 9.30
C GLU C 769 -33.01 -42.93 9.24
N TRP C 770 -31.78 -43.18 9.70
CA TRP C 770 -30.75 -42.17 9.65
C TRP C 770 -30.40 -41.82 8.21
N GLY C 771 -30.26 -40.53 7.93
CA GLY C 771 -29.99 -40.06 6.59
C GLY C 771 -31.20 -39.87 5.72
N LYS C 772 -32.39 -40.20 6.21
CA LYS C 772 -33.64 -40.03 5.46
C LYS C 772 -34.60 -39.07 6.15
N GLU C 773 -34.77 -39.19 7.46
CA GLU C 773 -35.67 -38.31 8.20
C GLU C 773 -34.96 -37.72 9.41
N ILE C 774 -34.00 -38.45 9.96
CA ILE C 774 -33.32 -38.07 11.19
C ILE C 774 -31.92 -37.58 10.85
N GLY C 775 -31.55 -36.42 11.40
CA GLY C 775 -30.21 -35.90 11.20
C GLY C 775 -29.97 -35.40 9.79
N TRP C 776 -28.69 -35.40 9.41
CA TRP C 776 -28.31 -34.98 8.07
C TRP C 776 -28.90 -35.92 7.02
N ILE C 777 -29.25 -35.35 5.87
CA ILE C 777 -29.89 -36.09 4.78
C ILE C 777 -28.87 -36.32 3.68
N TYR C 778 -28.76 -37.55 3.22
CA TYR C 778 -27.86 -37.90 2.12
C TYR C 778 -28.49 -37.50 0.79
N GLY C 779 -27.76 -37.77 -0.29
CA GLY C 779 -28.26 -37.55 -1.63
C GLY C 779 -27.88 -36.25 -2.29
N SER C 780 -26.95 -35.49 -1.70
CA SER C 780 -26.53 -34.23 -2.29
C SER C 780 -25.15 -33.87 -1.78
N VAL C 781 -24.30 -33.33 -2.68
CA VAL C 781 -23.01 -32.82 -2.25
C VAL C 781 -23.18 -31.58 -1.38
N THR C 782 -24.10 -30.71 -1.75
CA THR C 782 -24.49 -29.57 -0.91
C THR C 782 -25.67 -29.97 -0.02
N GLU C 783 -25.38 -30.92 0.86
CA GLU C 783 -26.40 -31.57 1.70
C GLU C 783 -26.87 -30.69 2.84
N ASP C 784 -26.54 -29.40 2.84
CA ASP C 784 -27.02 -28.50 3.88
C ASP C 784 -28.40 -27.95 3.56
N ILE C 785 -28.68 -27.65 2.28
CA ILE C 785 -29.99 -27.11 1.91
C ILE C 785 -31.08 -28.14 2.16
N LEU C 786 -30.83 -29.41 1.83
CA LEU C 786 -31.84 -30.45 2.00
C LEU C 786 -32.20 -30.64 3.47
N THR C 787 -31.18 -30.61 4.35
CA THR C 787 -31.45 -30.77 5.77
C THR C 787 -32.30 -29.63 6.32
N GLY C 788 -31.97 -28.40 5.94
CA GLY C 788 -32.76 -27.26 6.39
C GLY C 788 -34.19 -27.30 5.87
N PHE C 789 -34.37 -27.68 4.60
CA PHE C 789 -35.70 -27.79 4.04
C PHE C 789 -36.50 -28.87 4.74
N LYS C 790 -35.87 -30.01 5.05
CA LYS C 790 -36.55 -31.08 5.76
C LYS C 790 -36.97 -30.63 7.16
N MET C 791 -36.12 -29.89 7.86
CA MET C 791 -36.48 -29.37 9.17
C MET C 791 -37.62 -28.37 9.07
N HIS C 792 -37.59 -27.49 8.07
CA HIS C 792 -38.62 -26.48 7.92
C HIS C 792 -39.95 -27.06 7.48
N ALA C 793 -39.95 -28.23 6.83
CA ALA C 793 -41.19 -28.84 6.38
C ALA C 793 -42.06 -29.30 7.54
N ARG C 794 -41.50 -29.48 8.74
CA ARG C 794 -42.25 -29.94 9.89
C ARG C 794 -42.86 -28.79 10.70
N GLY C 795 -42.69 -27.55 10.25
CA GLY C 795 -43.23 -26.41 10.96
C GLY C 795 -42.23 -25.64 11.80
N TRP C 796 -40.98 -26.09 11.87
CA TRP C 796 -39.98 -25.38 12.63
C TRP C 796 -39.62 -24.06 11.94
N ILE C 797 -39.08 -23.13 12.73
CA ILE C 797 -38.61 -21.85 12.22
C ILE C 797 -37.17 -21.65 12.69
N SER C 798 -36.44 -20.84 11.94
CA SER C 798 -35.04 -20.55 12.24
C SER C 798 -34.87 -19.06 12.49
N ILE C 799 -33.79 -18.73 13.19
CA ILE C 799 -33.52 -17.37 13.65
C ILE C 799 -32.19 -16.91 13.06
N TYR C 800 -32.21 -15.73 12.44
CA TYR C 800 -31.00 -15.10 11.91
C TYR C 800 -30.58 -13.96 12.83
N CYS C 801 -29.33 -13.99 13.27
CA CYS C 801 -28.79 -12.98 14.16
C CYS C 801 -27.49 -12.43 13.59
N MET C 802 -27.30 -11.13 13.75
CA MET C 802 -26.10 -10.44 13.26
C MET C 802 -25.43 -9.70 14.41
N PRO C 803 -24.40 -10.28 15.04
CA PRO C 803 -23.71 -9.56 16.10
C PRO C 803 -22.96 -8.36 15.56
N PRO C 804 -22.75 -7.32 16.39
CA PRO C 804 -21.93 -6.19 15.93
C PRO C 804 -20.54 -6.59 15.49
N ARG C 805 -19.94 -7.56 16.18
CA ARG C 805 -18.68 -8.16 15.78
C ARG C 805 -18.94 -9.57 15.27
N PRO C 806 -18.44 -9.91 14.08
CA PRO C 806 -18.79 -11.22 13.50
C PRO C 806 -18.41 -12.37 14.42
N ALA C 807 -19.31 -13.36 14.49
CA ALA C 807 -19.07 -14.50 15.38
C ALA C 807 -18.03 -15.44 14.80
N PHE C 808 -18.11 -15.72 13.50
CA PHE C 808 -17.21 -16.66 12.85
C PHE C 808 -16.50 -15.99 11.69
N LYS C 809 -15.21 -16.28 11.54
CA LYS C 809 -14.42 -15.78 10.43
C LYS C 809 -13.63 -16.94 9.81
N GLY C 810 -13.61 -16.98 8.48
CA GLY C 810 -12.94 -18.04 7.77
C GLY C 810 -11.97 -17.49 6.72
N SER C 811 -11.31 -18.40 6.04
CA SER C 811 -10.34 -18.07 5.00
C SER C 811 -11.00 -18.24 3.64
N ALA C 812 -11.06 -17.16 2.86
CA ALA C 812 -11.67 -17.21 1.55
C ALA C 812 -10.66 -17.65 0.49
N PRO C 813 -11.12 -18.32 -0.56
CA PRO C 813 -10.20 -18.69 -1.65
C PRO C 813 -9.68 -17.46 -2.37
N ILE C 814 -8.46 -17.58 -2.87
CA ILE C 814 -7.79 -16.50 -3.58
C ILE C 814 -7.51 -16.87 -5.04
N ASN C 815 -8.21 -17.88 -5.55
CA ASN C 815 -8.02 -18.35 -6.92
C ASN C 815 -9.36 -18.36 -7.64
N LEU C 816 -9.34 -17.93 -8.91
CA LEU C 816 -10.54 -18.01 -9.73
C LEU C 816 -10.96 -19.45 -9.94
N SER C 817 -9.99 -20.34 -10.15
CA SER C 817 -10.31 -21.75 -10.39
C SER C 817 -10.98 -22.38 -9.18
N ASP C 818 -10.44 -22.13 -7.99
CA ASP C 818 -11.02 -22.69 -6.77
C ASP C 818 -12.42 -22.15 -6.51
N ARG C 819 -12.61 -20.84 -6.71
CA ARG C 819 -13.92 -20.23 -6.52
C ARG C 819 -14.93 -20.83 -7.49
N LEU C 820 -14.54 -20.99 -8.76
CA LEU C 820 -15.44 -21.59 -9.73
C LEU C 820 -15.69 -23.06 -9.43
N ASN C 821 -14.71 -23.75 -8.85
CA ASN C 821 -14.92 -25.14 -8.46
C ASN C 821 -16.00 -25.25 -7.39
N GLN C 822 -15.95 -24.38 -6.38
CA GLN C 822 -16.95 -24.43 -5.33
C GLN C 822 -18.32 -23.98 -5.83
N VAL C 823 -18.36 -23.00 -6.75
CA VAL C 823 -19.63 -22.60 -7.34
C VAL C 823 -20.22 -23.75 -8.17
N LEU C 824 -19.37 -24.44 -8.92
CA LEU C 824 -19.83 -25.60 -9.68
C LEU C 824 -20.37 -26.68 -8.76
N ARG C 825 -19.70 -26.90 -7.63
CA ARG C 825 -20.18 -27.90 -6.67
C ARG C 825 -21.56 -27.52 -6.14
N TRP C 826 -21.75 -26.26 -5.76
CA TRP C 826 -23.05 -25.82 -5.25
C TRP C 826 -24.14 -25.96 -6.29
N ALA C 827 -23.85 -25.52 -7.53
CA ALA C 827 -24.87 -25.59 -8.59
C ALA C 827 -25.18 -27.03 -8.96
N LEU C 828 -24.16 -27.89 -9.00
CA LEU C 828 -24.39 -29.30 -9.30
C LEU C 828 -25.24 -29.95 -8.20
N GLY C 829 -25.00 -29.59 -6.95
CA GLY C 829 -25.83 -30.10 -5.87
C GLY C 829 -27.27 -29.66 -6.00
N SER C 830 -27.49 -28.39 -6.36
CA SER C 830 -28.85 -27.89 -6.55
C SER C 830 -29.55 -28.63 -7.69
N ILE C 831 -28.85 -28.85 -8.80
CA ILE C 831 -29.42 -29.59 -9.92
C ILE C 831 -29.75 -31.03 -9.51
N GLU C 832 -28.83 -31.67 -8.80
CA GLU C 832 -29.07 -33.04 -8.36
C GLU C 832 -30.26 -33.13 -7.42
N ILE C 833 -30.44 -32.13 -6.55
CA ILE C 833 -31.64 -32.08 -5.72
C ILE C 833 -32.89 -31.92 -6.57
N PHE C 834 -32.83 -31.06 -7.59
CA PHE C 834 -34.01 -30.77 -8.40
C PHE C 834 -34.54 -32.01 -9.10
N LEU C 835 -33.64 -32.82 -9.67
CA LEU C 835 -34.10 -33.99 -10.43
C LEU C 835 -34.59 -35.10 -9.51
N SER C 836 -34.02 -35.20 -8.30
CA SER C 836 -34.43 -36.22 -7.35
C SER C 836 -35.68 -35.76 -6.60
N ARG C 837 -36.08 -36.52 -5.58
CA ARG C 837 -37.25 -36.19 -4.79
C ARG C 837 -36.88 -35.12 -3.75
N HIS C 838 -37.79 -34.91 -2.78
CA HIS C 838 -37.59 -33.95 -1.69
C HIS C 838 -37.45 -32.52 -2.23
N CYS C 839 -38.12 -32.24 -3.34
CA CYS C 839 -38.13 -30.89 -3.90
C CYS C 839 -39.26 -30.06 -3.30
N PRO C 840 -39.12 -28.74 -3.30
CA PRO C 840 -40.24 -27.90 -2.85
C PRO C 840 -41.48 -28.03 -3.69
N LEU C 841 -41.35 -28.48 -4.94
CA LEU C 841 -42.50 -28.57 -5.83
C LEU C 841 -43.40 -29.74 -5.48
N TRP C 842 -42.87 -30.97 -5.53
CA TRP C 842 -43.68 -32.15 -5.29
C TRP C 842 -43.60 -32.68 -3.87
N TYR C 843 -42.68 -32.17 -3.05
CA TYR C 843 -42.55 -32.59 -1.66
C TYR C 843 -42.75 -31.40 -0.75
N GLY C 844 -43.23 -31.67 0.47
CA GLY C 844 -43.50 -30.63 1.43
C GLY C 844 -44.93 -30.14 1.46
N TYR C 845 -45.84 -30.79 0.73
CA TYR C 845 -47.25 -30.39 0.70
C TYR C 845 -47.95 -30.95 1.94
N ASN C 846 -47.56 -30.43 3.10
CA ASN C 846 -48.15 -30.82 4.36
C ASN C 846 -49.01 -29.74 5.01
N GLY C 847 -48.88 -28.49 4.58
CA GLY C 847 -49.65 -27.40 5.14
C GLY C 847 -48.96 -26.61 6.22
N LYS C 848 -47.73 -26.98 6.59
CA LYS C 848 -46.98 -26.28 7.64
C LYS C 848 -45.86 -25.41 7.10
N LEU C 849 -45.50 -25.54 5.83
CA LEU C 849 -44.46 -24.73 5.23
C LEU C 849 -45.10 -23.52 4.56
N LYS C 850 -44.64 -22.32 4.93
CA LYS C 850 -45.22 -21.11 4.40
C LYS C 850 -44.93 -20.98 2.91
N PRO C 851 -45.89 -20.49 2.11
CA PRO C 851 -45.66 -20.41 0.66
C PRO C 851 -44.48 -19.55 0.26
N LEU C 852 -44.21 -18.47 1.01
CA LEU C 852 -43.07 -17.62 0.70
C LEU C 852 -41.76 -18.37 0.91
N MET C 853 -41.69 -19.20 1.96
CA MET C 853 -40.52 -20.05 2.14
C MET C 853 -40.39 -21.05 1.01
N ARG C 854 -41.51 -21.56 0.49
CA ARG C 854 -41.46 -22.42 -0.69
C ARG C 854 -40.87 -21.68 -1.87
N LEU C 855 -41.25 -20.41 -2.06
CA LEU C 855 -40.70 -19.62 -3.15
C LEU C 855 -39.19 -19.44 -2.98
N ALA C 856 -38.74 -19.15 -1.76
CA ALA C 856 -37.32 -18.98 -1.52
C ALA C 856 -36.55 -20.26 -1.79
N TYR C 857 -37.08 -21.40 -1.32
CA TYR C 857 -36.42 -22.68 -1.58
C TYR C 857 -36.39 -23.00 -3.07
N ILE C 858 -37.49 -22.70 -3.78
CA ILE C 858 -37.53 -22.93 -5.22
C ILE C 858 -36.46 -22.10 -5.92
N ASN C 859 -36.34 -20.82 -5.53
CA ASN C 859 -35.33 -19.96 -6.15
C ASN C 859 -33.92 -20.51 -5.91
N THR C 860 -33.64 -20.90 -4.66
CA THR C 860 -32.29 -21.37 -4.33
C THR C 860 -31.96 -22.66 -5.07
N ILE C 861 -32.97 -23.50 -5.33
CA ILE C 861 -32.72 -24.75 -6.03
C ILE C 861 -32.69 -24.58 -7.55
N VAL C 862 -33.38 -23.58 -8.08
CA VAL C 862 -33.61 -23.47 -9.52
C VAL C 862 -32.58 -22.58 -10.20
N TYR C 863 -32.00 -21.63 -9.45
CA TYR C 863 -31.20 -20.57 -10.07
C TYR C 863 -30.03 -21.08 -10.93
N PRO C 864 -29.57 -22.33 -10.79
CA PRO C 864 -28.78 -22.91 -11.88
C PRO C 864 -29.40 -22.76 -13.27
N PHE C 865 -30.72 -22.95 -13.37
CA PHE C 865 -31.38 -23.16 -14.64
C PHE C 865 -31.48 -21.90 -15.49
N THR C 866 -31.14 -20.73 -14.95
CA THR C 866 -31.24 -19.48 -15.69
C THR C 866 -30.02 -19.22 -16.57
N SER C 867 -29.08 -20.16 -16.64
CA SER C 867 -27.85 -19.95 -17.40
C SER C 867 -28.13 -19.89 -18.90
N ILE C 868 -28.95 -20.81 -19.42
CA ILE C 868 -29.17 -20.89 -20.86
C ILE C 868 -29.74 -19.59 -21.43
N PRO C 869 -30.79 -18.99 -20.85
CA PRO C 869 -31.20 -17.66 -21.34
C PRO C 869 -30.11 -16.62 -21.22
N LEU C 870 -29.28 -16.70 -20.18
CA LEU C 870 -28.22 -15.72 -19.99
C LEU C 870 -27.15 -15.83 -21.08
N ILE C 871 -26.72 -17.05 -21.39
CA ILE C 871 -25.70 -17.22 -22.43
C ILE C 871 -26.28 -16.86 -23.79
N ALA C 872 -27.56 -17.16 -24.01
CA ALA C 872 -28.19 -16.74 -25.26
C ALA C 872 -28.21 -15.22 -25.39
N TYR C 873 -28.53 -14.53 -24.29
CA TYR C 873 -28.56 -13.07 -24.31
C TYR C 873 -27.16 -12.51 -24.53
N CYS C 874 -26.14 -13.16 -23.99
CA CYS C 874 -24.76 -12.70 -24.17
C CYS C 874 -24.15 -13.16 -25.49
N THR C 875 -24.77 -14.12 -26.17
CA THR C 875 -24.33 -14.56 -27.49
C THR C 875 -25.03 -13.78 -28.60
N LEU C 876 -26.11 -13.09 -28.26
CA LEU C 876 -26.85 -12.26 -29.21
C LEU C 876 -26.00 -11.25 -29.99
N PRO C 877 -25.06 -10.50 -29.37
CA PRO C 877 -24.51 -9.33 -30.09
C PRO C 877 -23.79 -9.66 -31.39
N ALA C 878 -22.81 -10.56 -31.35
CA ALA C 878 -22.02 -10.82 -32.55
C ALA C 878 -22.87 -11.43 -33.66
N PHE C 879 -23.74 -12.38 -33.31
CA PHE C 879 -24.61 -12.99 -34.32
C PHE C 879 -25.53 -11.95 -34.94
N CYS C 880 -26.07 -11.04 -34.13
CA CYS C 880 -26.96 -10.02 -34.67
C CYS C 880 -26.20 -9.02 -35.53
N LEU C 881 -25.07 -8.51 -35.02
CA LEU C 881 -24.41 -7.39 -35.68
C LEU C 881 -23.63 -7.83 -36.92
N LEU C 882 -23.16 -9.07 -36.95
CA LEU C 882 -22.55 -9.59 -38.17
C LEU C 882 -23.57 -9.65 -39.30
N THR C 883 -24.82 -10.00 -38.97
CA THR C 883 -25.93 -9.85 -39.89
C THR C 883 -26.48 -8.42 -39.73
N ASN C 884 -27.66 -8.15 -40.29
CA ASN C 884 -28.26 -6.83 -40.20
C ASN C 884 -29.34 -6.83 -39.11
N LYS C 885 -30.03 -5.70 -38.97
CA LYS C 885 -31.14 -5.51 -38.04
C LYS C 885 -30.70 -5.66 -36.59
N PHE C 886 -31.67 -5.77 -35.68
CA PHE C 886 -31.44 -5.80 -34.24
C PHE C 886 -32.73 -6.26 -33.59
N ILE C 887 -32.74 -6.32 -32.25
CA ILE C 887 -33.95 -6.64 -31.51
C ILE C 887 -34.87 -5.45 -31.33
N ILE C 888 -34.41 -4.25 -31.68
CA ILE C 888 -35.16 -3.03 -31.40
C ILE C 888 -35.70 -2.45 -32.70
N PRO C 889 -36.91 -1.88 -32.69
CA PRO C 889 -37.41 -1.16 -33.87
C PRO C 889 -37.00 0.30 -33.84
N GLU C 890 -37.44 1.07 -34.83
CA GLU C 890 -37.15 2.49 -34.84
C GLU C 890 -37.88 3.19 -33.69
N ILE C 891 -37.24 4.22 -33.15
CA ILE C 891 -37.80 4.94 -32.01
C ILE C 891 -38.96 5.81 -32.49
N SER C 892 -40.11 5.65 -31.86
CA SER C 892 -41.32 6.39 -32.22
C SER C 892 -42.15 6.58 -30.95
N ASN C 893 -43.42 6.93 -31.12
CA ASN C 893 -44.32 7.08 -29.98
C ASN C 893 -44.47 5.76 -29.25
N PHE C 894 -44.35 5.82 -27.92
CA PHE C 894 -44.52 4.66 -27.03
C PHE C 894 -43.44 3.61 -27.25
N ALA C 895 -42.48 3.88 -28.13
CA ALA C 895 -41.42 2.92 -28.41
C ALA C 895 -40.30 3.03 -27.39
N SER C 896 -39.66 4.20 -27.31
CA SER C 896 -38.57 4.41 -26.37
C SER C 896 -39.06 4.69 -24.95
N MET C 897 -40.35 5.02 -24.78
CA MET C 897 -40.87 5.31 -23.45
C MET C 897 -40.70 4.11 -22.53
N TRP C 898 -41.09 2.92 -22.99
CA TRP C 898 -40.92 1.71 -22.18
C TRP C 898 -39.45 1.40 -21.96
N PHE C 899 -38.60 1.66 -22.96
CA PHE C 899 -37.17 1.43 -22.81
C PHE C 899 -36.61 2.23 -21.64
N ILE C 900 -36.87 3.54 -21.64
CA ILE C 900 -36.34 4.40 -20.58
C ILE C 900 -36.99 4.07 -19.24
N LEU C 901 -38.30 3.78 -19.26
CA LEU C 901 -38.99 3.47 -18.01
C LEU C 901 -38.39 2.23 -17.35
N LEU C 902 -38.20 1.16 -18.12
CA LEU C 902 -37.65 -0.06 -17.55
C LEU C 902 -36.22 0.16 -17.06
N PHE C 903 -35.39 0.83 -17.87
CA PHE C 903 -34.00 1.04 -17.47
C PHE C 903 -33.92 1.89 -16.20
N VAL C 904 -34.73 2.96 -16.13
CA VAL C 904 -34.70 3.84 -14.97
C VAL C 904 -35.15 3.10 -13.72
N SER C 905 -36.22 2.31 -13.82
CA SER C 905 -36.71 1.59 -12.65
C SER C 905 -35.74 0.49 -12.23
N ILE C 906 -35.09 -0.17 -13.19
CA ILE C 906 -34.06 -1.16 -12.86
C ILE C 906 -32.96 -0.52 -12.02
N PHE C 907 -32.51 0.66 -12.43
CA PHE C 907 -31.52 1.38 -11.63
C PHE C 907 -32.13 1.98 -10.37
N THR C 908 -33.45 2.18 -10.35
CA THR C 908 -34.08 2.84 -9.21
C THR C 908 -34.17 1.93 -7.99
N THR C 909 -34.52 0.66 -8.19
CA THR C 909 -34.63 -0.24 -7.05
C THR C 909 -33.28 -0.53 -6.43
N SER C 910 -32.21 -0.39 -7.20
CA SER C 910 -30.87 -0.70 -6.68
C SER C 910 -30.46 0.26 -5.57
N ILE C 911 -30.73 1.55 -5.74
CA ILE C 911 -30.30 2.53 -4.74
C ILE C 911 -31.09 2.35 -3.44
N LEU C 912 -32.38 2.01 -3.56
CA LEU C 912 -33.16 1.73 -2.35
C LEU C 912 -32.66 0.46 -1.67
N GLU C 913 -32.29 -0.56 -2.44
CA GLU C 913 -31.72 -1.77 -1.86
C GLU C 913 -30.46 -1.46 -1.08
N LEU C 914 -29.56 -0.67 -1.67
CA LEU C 914 -28.34 -0.27 -0.97
C LEU C 914 -28.64 0.62 0.22
N ARG C 915 -29.69 1.43 0.13
CA ARG C 915 -30.00 2.35 1.22
C ARG C 915 -30.47 1.61 2.46
N TRP C 916 -31.42 0.68 2.31
CA TRP C 916 -31.91 -0.02 3.50
C TRP C 916 -30.94 -1.10 3.96
N SER C 917 -30.28 -1.80 3.03
CA SER C 917 -29.36 -2.85 3.41
C SER C 917 -28.02 -2.31 3.92
N GLY C 918 -27.57 -1.18 3.39
CA GLY C 918 -26.27 -0.64 3.73
C GLY C 918 -25.13 -1.15 2.88
N VAL C 919 -25.42 -1.77 1.75
CA VAL C 919 -24.39 -2.31 0.87
C VAL C 919 -23.85 -1.20 -0.02
N SER C 920 -22.52 -1.15 -0.16
CA SER C 920 -21.91 -0.16 -1.03
C SER C 920 -22.18 -0.47 -2.50
N ILE C 921 -22.06 0.55 -3.33
CA ILE C 921 -22.33 0.40 -4.75
C ILE C 921 -21.29 -0.51 -5.40
N GLU C 922 -20.04 -0.41 -4.97
CA GLU C 922 -18.98 -1.24 -5.54
C GLU C 922 -19.24 -2.72 -5.30
N ASP C 923 -19.70 -3.07 -4.10
CA ASP C 923 -19.99 -4.47 -3.79
C ASP C 923 -21.12 -5.00 -4.67
N TRP C 924 -22.18 -4.21 -4.86
CA TRP C 924 -23.28 -4.64 -5.72
C TRP C 924 -22.82 -4.81 -7.16
N TRP C 925 -22.02 -3.87 -7.66
CA TRP C 925 -21.51 -3.97 -9.02
C TRP C 925 -20.64 -5.21 -9.19
N ARG C 926 -19.77 -5.48 -8.21
CA ARG C 926 -18.94 -6.68 -8.25
C ARG C 926 -19.78 -7.94 -8.21
N ASN C 927 -20.83 -7.94 -7.39
CA ASN C 927 -21.74 -9.08 -7.35
C ASN C 927 -22.41 -9.31 -8.70
N GLU C 928 -22.76 -8.22 -9.39
CA GLU C 928 -23.34 -8.35 -10.72
C GLU C 928 -22.36 -8.99 -11.70
N GLN C 929 -21.09 -8.55 -11.66
CA GLN C 929 -20.09 -9.13 -12.56
C GLN C 929 -19.91 -10.62 -12.26
N PHE C 930 -19.82 -10.99 -10.98
CA PHE C 930 -19.69 -12.40 -10.62
C PHE C 930 -20.93 -13.17 -11.04
N TRP C 931 -22.12 -12.59 -10.87
CA TRP C 931 -23.34 -13.27 -11.30
C TRP C 931 -23.27 -13.61 -12.77
N VAL C 932 -22.79 -12.69 -13.61
CA VAL C 932 -22.72 -12.96 -15.05
C VAL C 932 -21.72 -14.08 -15.34
N ILE C 933 -20.50 -13.95 -14.82
CA ILE C 933 -19.45 -14.92 -15.18
C ILE C 933 -19.80 -16.30 -14.62
N GLY C 934 -20.27 -16.35 -13.37
CA GLY C 934 -20.72 -17.61 -12.81
C GLY C 934 -21.96 -18.14 -13.49
N GLY C 935 -22.76 -17.26 -14.08
CA GLY C 935 -23.86 -17.72 -14.90
C GLY C 935 -23.39 -18.50 -16.10
N THR C 936 -22.26 -18.08 -16.68
CA THR C 936 -21.67 -18.82 -17.80
C THR C 936 -20.79 -19.97 -17.29
N SER C 937 -19.74 -19.64 -16.55
CA SER C 937 -18.64 -20.58 -16.34
C SER C 937 -19.12 -21.87 -15.67
N ALA C 938 -19.90 -21.75 -14.59
CA ALA C 938 -20.24 -22.93 -13.81
C ALA C 938 -21.62 -23.48 -14.16
N HIS C 939 -22.58 -22.62 -14.48
CA HIS C 939 -23.98 -23.04 -14.45
C HIS C 939 -24.40 -23.89 -15.64
N LEU C 940 -23.95 -23.59 -16.86
CA LEU C 940 -24.32 -24.48 -17.97
C LEU C 940 -23.71 -25.86 -17.79
N PHE C 941 -22.48 -25.94 -17.27
CA PHE C 941 -21.90 -27.25 -17.00
C PHE C 941 -22.60 -27.97 -15.85
N ALA C 942 -23.10 -27.23 -14.86
CA ALA C 942 -23.92 -27.87 -13.83
C ALA C 942 -25.18 -28.46 -14.44
N VAL C 943 -25.85 -27.69 -15.29
CA VAL C 943 -27.05 -28.18 -15.96
C VAL C 943 -26.72 -29.36 -16.87
N PHE C 944 -25.62 -29.25 -17.63
CA PHE C 944 -25.23 -30.31 -18.56
C PHE C 944 -24.92 -31.60 -17.82
N GLN C 945 -24.12 -31.51 -16.75
CA GLN C 945 -23.76 -32.70 -15.99
C GLN C 945 -25.00 -33.33 -15.36
N GLY C 946 -25.87 -32.51 -14.76
CA GLY C 946 -27.08 -33.06 -14.16
C GLY C 946 -27.98 -33.74 -15.17
N LEU C 947 -28.20 -33.06 -16.31
CA LEU C 947 -29.09 -33.61 -17.33
C LEU C 947 -28.54 -34.91 -17.90
N LEU C 948 -27.26 -34.90 -18.28
CA LEU C 948 -26.66 -36.10 -18.87
C LEU C 948 -26.60 -37.25 -17.86
N LYS C 949 -26.21 -36.96 -16.62
CA LYS C 949 -26.12 -38.01 -15.61
C LYS C 949 -27.49 -38.60 -15.30
N VAL C 950 -28.52 -37.76 -15.22
CA VAL C 950 -29.85 -38.25 -14.92
C VAL C 950 -30.38 -39.12 -16.07
N LEU C 951 -30.18 -38.67 -17.31
CA LEU C 951 -30.67 -39.42 -18.45
C LEU C 951 -29.79 -40.61 -18.80
N ALA C 952 -28.60 -40.73 -18.19
CA ALA C 952 -27.71 -41.86 -18.45
C ALA C 952 -27.29 -42.59 -17.19
N GLY C 953 -27.96 -42.36 -16.07
CA GLY C 953 -27.62 -43.02 -14.82
C GLY C 953 -26.34 -42.51 -14.19
N TRP C 979 -9.59 -31.39 -16.03
CA TRP C 979 -10.52 -30.29 -15.83
C TRP C 979 -10.06 -29.03 -16.56
N THR C 980 -10.32 -27.87 -15.96
CA THR C 980 -10.04 -26.53 -16.49
C THR C 980 -10.90 -26.20 -17.70
N SER C 981 -11.82 -27.09 -18.10
CA SER C 981 -12.74 -26.77 -19.18
C SER C 981 -13.92 -25.93 -18.73
N LEU C 982 -14.05 -25.72 -17.42
CA LEU C 982 -15.13 -24.92 -16.85
C LEU C 982 -14.98 -23.44 -17.12
N LEU C 983 -13.89 -23.03 -17.77
CA LEU C 983 -13.60 -21.62 -18.03
C LEU C 983 -13.72 -21.27 -19.51
N ILE C 984 -14.12 -22.23 -20.35
CA ILE C 984 -14.07 -22.08 -21.80
C ILE C 984 -15.26 -21.29 -22.34
N PRO C 985 -16.51 -21.57 -21.98
CA PRO C 985 -17.64 -20.86 -22.61
C PRO C 985 -17.55 -19.35 -22.47
N PRO C 986 -17.15 -18.80 -21.32
CA PRO C 986 -16.92 -17.35 -21.28
C PRO C 986 -15.83 -16.89 -22.22
N THR C 987 -14.79 -17.71 -22.44
CA THR C 987 -13.74 -17.33 -23.38
C THR C 987 -14.28 -17.26 -24.80
N THR C 988 -15.11 -18.23 -25.18
CA THR C 988 -15.72 -18.18 -26.52
C THR C 988 -16.61 -16.96 -26.68
N VAL C 989 -17.42 -16.66 -25.65
CA VAL C 989 -18.29 -15.49 -25.72
C VAL C 989 -17.47 -14.21 -25.81
N LEU C 990 -16.40 -14.12 -25.02
CA LEU C 990 -15.56 -12.92 -25.03
C LEU C 990 -14.92 -12.70 -26.39
N ILE C 991 -14.27 -13.73 -26.93
CA ILE C 991 -13.58 -13.60 -28.21
C ILE C 991 -14.59 -13.32 -29.32
N VAL C 992 -15.71 -14.04 -29.32
CA VAL C 992 -16.72 -13.88 -30.36
C VAL C 992 -17.27 -12.46 -30.35
N ASN C 993 -17.61 -11.95 -29.16
CA ASN C 993 -18.16 -10.60 -29.07
C ASN C 993 -17.14 -9.55 -29.49
N LEU C 994 -15.89 -9.69 -29.04
CA LEU C 994 -14.87 -8.70 -29.37
C LEU C 994 -14.62 -8.63 -30.87
N VAL C 995 -14.36 -9.79 -31.48
CA VAL C 995 -14.10 -9.83 -32.92
C VAL C 995 -15.32 -9.35 -33.70
N GLY C 996 -16.51 -9.77 -33.26
CA GLY C 996 -17.74 -9.35 -33.91
C GLY C 996 -17.92 -7.85 -33.92
N ILE C 997 -17.83 -7.20 -32.77
CA ILE C 997 -18.06 -5.76 -32.70
C ILE C 997 -17.00 -5.01 -33.50
N VAL C 998 -15.74 -5.48 -33.46
CA VAL C 998 -14.68 -4.81 -34.22
C VAL C 998 -14.98 -4.87 -35.71
N ALA C 999 -15.28 -6.08 -36.22
CA ALA C 999 -15.55 -6.24 -37.64
C ALA C 999 -16.81 -5.49 -38.05
N GLY C 1000 -17.84 -5.51 -37.22
CA GLY C 1000 -19.07 -4.81 -37.54
C GLY C 1000 -18.94 -3.31 -37.59
N VAL C 1001 -18.20 -2.72 -36.64
CA VAL C 1001 -17.96 -1.28 -36.69
C VAL C 1001 -17.12 -0.92 -37.91
N SER C 1002 -16.13 -1.74 -38.25
CA SER C 1002 -15.34 -1.49 -39.46
C SER C 1002 -16.22 -1.55 -40.71
N TYR C 1003 -17.13 -2.53 -40.77
CA TYR C 1003 -18.04 -2.62 -41.91
C TYR C 1003 -19.00 -1.43 -41.94
N ALA C 1004 -19.38 -0.91 -40.78
CA ALA C 1004 -20.18 0.31 -40.73
C ALA C 1004 -19.41 1.49 -41.28
N ILE C 1005 -18.11 1.56 -40.98
CA ILE C 1005 -17.27 2.60 -41.56
C ILE C 1005 -17.24 2.48 -43.08
N ASN C 1006 -17.16 1.24 -43.58
CA ASN C 1006 -17.22 1.02 -45.02
C ASN C 1006 -18.55 1.49 -45.60
N SER C 1007 -19.65 1.22 -44.90
CA SER C 1007 -20.95 1.68 -45.36
C SER C 1007 -21.05 3.20 -45.32
N GLY C 1008 -20.60 3.82 -44.23
CA GLY C 1008 -20.63 5.26 -44.08
C GLY C 1008 -22.01 5.86 -44.20
N TYR C 1009 -22.98 5.28 -43.49
CA TYR C 1009 -24.37 5.70 -43.57
C TYR C 1009 -24.73 6.61 -42.41
N GLN C 1010 -25.79 7.39 -42.61
CA GLN C 1010 -26.29 8.31 -41.59
C GLN C 1010 -27.37 7.65 -40.73
N SER C 1011 -27.02 6.53 -40.11
CA SER C 1011 -27.96 5.79 -39.26
C SER C 1011 -27.34 5.61 -37.87
N TRP C 1012 -27.59 6.58 -36.99
CA TRP C 1012 -27.01 6.55 -35.65
C TRP C 1012 -27.68 5.50 -34.79
N GLY C 1013 -28.97 5.25 -35.00
CA GLY C 1013 -29.75 4.35 -34.18
C GLY C 1013 -29.18 2.95 -34.08
N PRO C 1014 -29.08 2.23 -35.21
CA PRO C 1014 -28.54 0.86 -35.17
C PRO C 1014 -27.12 0.79 -34.63
N LEU C 1015 -26.25 1.69 -35.08
CA LEU C 1015 -24.85 1.65 -34.64
C LEU C 1015 -24.73 1.91 -33.15
N PHE C 1016 -25.45 2.92 -32.65
CA PHE C 1016 -25.42 3.21 -31.22
C PHE C 1016 -26.00 2.05 -30.41
N GLY C 1017 -27.08 1.45 -30.91
CA GLY C 1017 -27.68 0.32 -30.20
C GLY C 1017 -26.74 -0.87 -30.11
N LYS C 1018 -26.02 -1.15 -31.19
CA LYS C 1018 -25.06 -2.26 -31.19
C LYS C 1018 -23.73 -1.88 -30.54
N LEU C 1019 -23.49 -0.60 -30.27
CA LEU C 1019 -22.28 -0.17 -29.58
C LEU C 1019 -22.46 -0.13 -28.07
N PHE C 1020 -23.57 0.44 -27.59
CA PHE C 1020 -23.87 0.38 -26.17
C PHE C 1020 -24.03 -1.06 -25.71
N PHE C 1021 -24.74 -1.87 -26.49
CA PHE C 1021 -24.81 -3.30 -26.25
C PHE C 1021 -23.48 -3.93 -26.66
N ALA C 1022 -23.19 -5.09 -26.08
CA ALA C 1022 -21.95 -5.84 -26.31
C ALA C 1022 -20.75 -5.19 -25.65
N ILE C 1023 -20.93 -3.98 -25.11
CA ILE C 1023 -19.99 -3.45 -24.14
C ILE C 1023 -20.48 -3.78 -22.72
N TRP C 1024 -21.79 -3.89 -22.55
CA TRP C 1024 -22.35 -4.43 -21.30
C TRP C 1024 -21.80 -5.82 -21.01
N VAL C 1025 -21.71 -6.67 -22.04
CA VAL C 1025 -21.21 -8.03 -21.86
C VAL C 1025 -19.75 -8.01 -21.45
N ILE C 1026 -18.93 -7.22 -22.14
CA ILE C 1026 -17.50 -7.16 -21.82
C ILE C 1026 -17.29 -6.59 -20.42
N ALA C 1027 -18.06 -5.56 -20.06
CA ALA C 1027 -17.95 -4.99 -18.73
C ALA C 1027 -18.31 -6.01 -17.66
N HIS C 1028 -19.37 -6.80 -17.90
CA HIS C 1028 -19.74 -7.85 -16.96
C HIS C 1028 -18.76 -9.02 -17.02
N LEU C 1029 -18.03 -9.17 -18.12
CA LEU C 1029 -16.97 -10.16 -18.22
C LEU C 1029 -15.58 -9.55 -18.04
N TYR C 1030 -15.51 -8.32 -17.55
CA TYR C 1030 -14.21 -7.67 -17.35
C TYR C 1030 -13.33 -8.40 -16.34
N PRO C 1031 -13.82 -8.86 -15.17
CA PRO C 1031 -12.96 -9.69 -14.31
C PRO C 1031 -12.48 -10.96 -15.00
N PHE C 1032 -13.29 -11.51 -15.89
CA PHE C 1032 -12.86 -12.65 -16.70
C PHE C 1032 -11.66 -12.29 -17.56
N LEU C 1033 -11.72 -11.15 -18.25
CA LEU C 1033 -10.61 -10.73 -19.10
C LEU C 1033 -9.37 -10.43 -18.27
N LYS C 1034 -9.55 -9.81 -17.10
CA LYS C 1034 -8.42 -9.54 -16.21
C LYS C 1034 -7.81 -10.84 -15.70
N GLY C 1035 -8.64 -11.83 -15.37
CA GLY C 1035 -8.11 -13.10 -14.90
C GLY C 1035 -7.35 -13.86 -15.97
N LEU C 1036 -7.87 -13.87 -17.20
CA LEU C 1036 -7.17 -14.58 -18.28
C LEU C 1036 -5.85 -13.92 -18.61
N LEU C 1037 -5.85 -12.61 -18.80
CA LEU C 1037 -4.67 -11.87 -19.24
C LEU C 1037 -4.29 -10.87 -18.16
N GLY C 1038 -3.09 -11.03 -17.60
CA GLY C 1038 -2.62 -10.16 -16.56
C GLY C 1038 -1.71 -10.92 -15.61
N ARG C 1039 -1.44 -10.31 -14.47
CA ARG C 1039 -0.60 -10.93 -13.46
C ARG C 1039 -1.34 -12.10 -12.80
N GLN C 1040 -0.55 -13.01 -12.21
CA GLN C 1040 -1.08 -14.21 -11.56
C GLN C 1040 -1.93 -15.04 -12.52
N ASN C 1041 -1.45 -15.18 -13.76
CA ASN C 1041 -2.18 -15.92 -14.78
C ASN C 1041 -2.24 -17.40 -14.43
N ARG C 1042 -3.40 -18.01 -14.68
CA ARG C 1042 -3.62 -19.43 -14.42
C ARG C 1042 -4.32 -20.08 -15.61
N THR C 1043 -3.93 -19.70 -16.82
CA THR C 1043 -4.62 -20.14 -18.02
C THR C 1043 -3.75 -21.14 -18.80
N PRO C 1044 -4.13 -22.40 -18.87
CA PRO C 1044 -3.38 -23.34 -19.73
C PRO C 1044 -3.55 -23.00 -21.20
N THR C 1045 -2.54 -23.35 -21.99
CA THR C 1045 -2.58 -23.10 -23.42
C THR C 1045 -3.65 -23.93 -24.12
N ILE C 1046 -3.96 -25.12 -23.57
CA ILE C 1046 -4.96 -25.99 -24.18
C ILE C 1046 -6.34 -25.33 -24.13
N VAL C 1047 -6.63 -24.58 -23.06
CA VAL C 1047 -7.89 -23.86 -22.97
C VAL C 1047 -7.99 -22.81 -24.08
N ILE C 1048 -6.90 -22.08 -24.32
CA ILE C 1048 -6.89 -21.08 -25.38
C ILE C 1048 -7.08 -21.73 -26.74
N VAL C 1049 -6.42 -22.87 -26.98
CA VAL C 1049 -6.55 -23.56 -28.26
C VAL C 1049 -7.99 -24.01 -28.48
N TRP C 1050 -8.61 -24.59 -27.44
CA TRP C 1050 -9.99 -25.04 -27.57
C TRP C 1050 -10.93 -23.88 -27.82
N SER C 1051 -10.72 -22.76 -27.11
CA SER C 1051 -11.57 -21.58 -27.31
C SER C 1051 -11.42 -21.03 -28.72
N VAL C 1052 -10.20 -21.00 -29.24
CA VAL C 1052 -9.98 -20.53 -30.61
C VAL C 1052 -10.68 -21.43 -31.61
N LEU C 1053 -10.59 -22.75 -31.40
CA LEU C 1053 -11.25 -23.69 -32.31
C LEU C 1053 -12.76 -23.49 -32.31
N LEU C 1054 -13.36 -23.40 -31.12
CA LEU C 1054 -14.81 -23.21 -31.03
C LEU C 1054 -15.23 -21.89 -31.64
N ALA C 1055 -14.47 -20.83 -31.40
CA ALA C 1055 -14.79 -19.54 -32.00
C ALA C 1055 -14.66 -19.58 -33.51
N SER C 1056 -13.69 -20.34 -34.03
CA SER C 1056 -13.57 -20.50 -35.47
C SER C 1056 -14.79 -21.20 -36.06
N ILE C 1057 -15.28 -22.24 -35.38
CA ILE C 1057 -16.49 -22.91 -35.85
C ILE C 1057 -17.67 -21.95 -35.86
N PHE C 1058 -17.81 -21.15 -34.80
CA PHE C 1058 -18.91 -20.19 -34.73
C PHE C 1058 -18.81 -19.16 -35.86
N SER C 1059 -17.61 -18.62 -36.07
CA SER C 1059 -17.43 -17.61 -37.11
C SER C 1059 -17.71 -18.18 -38.50
N LEU C 1060 -17.28 -19.41 -38.76
CA LEU C 1060 -17.61 -20.05 -40.03
C LEU C 1060 -19.10 -20.34 -40.13
N LEU C 1061 -19.76 -20.59 -39.00
CA LEU C 1061 -21.21 -20.82 -39.01
C LEU C 1061 -21.96 -19.54 -39.39
N TRP C 1062 -21.41 -18.37 -39.05
CA TRP C 1062 -22.09 -17.12 -39.38
C TRP C 1062 -22.27 -16.97 -40.89
N VAL C 1063 -21.24 -17.32 -41.66
CA VAL C 1063 -21.28 -17.18 -43.11
C VAL C 1063 -22.37 -18.08 -43.70
#